data_9LQ1
#
_entry.id   9LQ1
#
_cell.length_a   1.00
_cell.length_b   1.00
_cell.length_c   1.00
_cell.angle_alpha   90.00
_cell.angle_beta   90.00
_cell.angle_gamma   90.00
#
_symmetry.space_group_name_H-M   'P 1'
#
loop_
_entity.id
_entity.type
_entity.pdbx_description
1 polymer 'Isoform 1 of DNA (cytosine-5)-methyltransferase 3A'
2 polymer 'T-cell leukemia/lymphoma protein 1A'
3 non-polymer 'ZINC ION'
#
loop_
_entity_poly.entity_id
_entity_poly.type
_entity_poly.pdbx_seq_one_letter_code
_entity_poly.pdbx_strand_id
1 'polypeptide(L)'
;MPAMPSSGPGDTSSSAAEREEDRKDGEEQEEPRGKEERQEPSTTARKVGRPGRKRKHPPVESGDTPKDPAVISKSPSMAQ
DSGASELLPNGDLEKRSEPQPEEGSPAGGQKGGAPAEGEGAAETLPEASRAVENGCCTPKEGRGAPAEAGKEQKETNIES
MKMEGSRGRLRGGLGWESSLRQRPMPRLTFQAGDPYYISKRKRDEWLARWKREAEKKAKVIAGMNAVEENQGPGESQKVE
EASPPAVQQPTDPASPTVATTPEPVGSDAGDKNATKAGDDEPEYEDGRGFGIGELVWGKLRGFSWWPGRIVSWWMTGRSR
AAEGTRWVMWFGDGKFSVVCVEKLMPLSSFCSAFHQATYNKQPMYRKAIYEVLQVASSRAGKLFPVCHDSDESDTAKAVE
VQNKPMIEWALGGFQPSGPKGLEPPEEEKNPYKEVYTDMWVEPEAAAYAPPPPAKKPRKSTAEKPKVKEIIDERTRERLV
YEVRQKCRNIEDICISCGSLNVTLEHPLFVGGMCQNCKNCFLECAYQYDDDGYQSYCTICCGGREVLMCGNNNCCRCFCV
ECVDLLVGPGAAQAAIKEDPWNCYMCGHKGTYGLLRRREDWPSRLQMFFANNHDQEFDPPKVYPPVPAEKRKPIRVLSLF
DGIATGLLVLKDLGIQVDRYIASEVCEDSITVGMVRHQGKIMYVGDVRSVTQKHIQEWGPFDLVIGGSPCNDLSIVNPAR
KGLYEGTGRLFFEFYRLLHDARPKEGDDRPFFWLFENVVAMGVSDKRDISRFLESNPVMIDAKEVSAAHRARYFWGNLPG
MNRPLASTVNDKLELQECLEHGRIAKFSKVRTITTRSNSIKQGKDQHFPVFMNEKEDILWCTEMERVFGFPVHYTDVSNM
SRLARQRLLGRSWSVPVIRHLFAPLKEYFACV
;
A,F
2 'polypeptide(L)'
;MAECPTLGEAVTDHPDRLWAWEKFVYLDEKQHAWLPLTIEIKDRLQLRVLLRREDVVLGRPMTPTQIGPSLLPIMWQLYP
DGRYRSSDSSFWRLVYHIKIDGVEDMLLELLPDD
;
B,E,D,C
#
# COMPACT_ATOMS: atom_id res chain seq x y z
N GLU A 473 -43.02 27.04 -25.56
CA GLU A 473 -43.43 25.71 -25.03
C GLU A 473 -44.77 25.28 -25.61
N ARG A 474 -45.70 26.24 -25.71
CA ARG A 474 -47.04 25.92 -26.20
C ARG A 474 -46.99 25.30 -27.58
N THR A 475 -46.00 25.67 -28.40
CA THR A 475 -45.89 25.09 -29.73
C THR A 475 -45.71 23.59 -29.68
N ARG A 476 -44.80 23.12 -28.83
CA ARG A 476 -44.56 21.68 -28.74
C ARG A 476 -45.83 20.96 -28.30
N GLU A 477 -46.55 21.53 -27.33
CA GLU A 477 -47.81 20.94 -26.90
C GLU A 477 -48.80 20.87 -28.05
N ARG A 478 -48.85 21.92 -28.87
CA ARG A 478 -49.82 21.97 -29.95
C ARG A 478 -49.53 20.89 -30.99
N LEU A 479 -48.27 20.76 -31.41
CA LEU A 479 -47.95 19.70 -32.36
C LEU A 479 -48.15 18.32 -31.75
N VAL A 480 -47.86 18.15 -30.45
CA VAL A 480 -48.10 16.86 -29.81
C VAL A 480 -49.59 16.54 -29.84
N TYR A 481 -50.43 17.53 -29.53
CA TYR A 481 -51.87 17.32 -29.57
C TYR A 481 -52.34 16.96 -30.97
N GLU A 482 -51.79 17.64 -31.99
CA GLU A 482 -52.18 17.34 -33.36
C GLU A 482 -51.80 15.92 -33.76
N VAL A 483 -50.59 15.48 -33.42
CA VAL A 483 -50.21 14.10 -33.75
C VAL A 483 -51.11 13.13 -33.00
N ARG A 484 -51.49 13.48 -31.78
CA ARG A 484 -52.46 12.66 -31.05
C ARG A 484 -53.77 12.55 -31.81
N GLN A 485 -54.25 13.66 -32.38
CA GLN A 485 -55.46 13.68 -33.17
C GLN A 485 -55.29 13.01 -34.54
N LYS A 486 -54.15 12.41 -34.81
CA LYS A 486 -53.89 11.74 -36.08
C LYS A 486 -53.98 12.69 -37.26
N CYS A 487 -53.50 13.92 -37.10
CA CYS A 487 -53.37 14.85 -38.22
C CYS A 487 -51.96 14.90 -38.78
N ARG A 488 -50.95 14.56 -37.97
CA ARG A 488 -49.56 14.55 -38.40
C ARG A 488 -48.90 13.28 -37.93
N ASN A 489 -47.85 12.87 -38.63
CA ASN A 489 -47.05 11.73 -38.21
C ASN A 489 -45.97 12.21 -37.23
N ILE A 490 -45.57 11.32 -36.32
CA ILE A 490 -44.57 11.68 -35.34
C ILE A 490 -43.18 11.68 -35.94
N GLU A 491 -43.02 11.25 -37.19
CA GLU A 491 -41.73 11.30 -37.86
C GLU A 491 -41.53 12.60 -38.63
N ASP A 492 -42.41 13.59 -38.46
CA ASP A 492 -42.33 14.84 -39.19
C ASP A 492 -42.21 16.02 -38.23
N ILE A 493 -41.90 15.78 -36.96
CA ILE A 493 -41.66 16.85 -35.99
C ILE A 493 -40.44 16.50 -35.17
N CYS A 494 -39.70 17.53 -34.78
CA CYS A 494 -38.54 17.36 -33.90
C CYS A 494 -39.05 17.23 -32.48
N ILE A 495 -39.17 16.00 -31.99
CA ILE A 495 -39.78 15.77 -30.69
C ILE A 495 -39.04 16.49 -29.58
N SER A 496 -37.73 16.70 -29.73
CA SER A 496 -36.95 17.32 -28.66
C SER A 496 -37.40 18.74 -28.38
N CYS A 497 -37.49 19.60 -29.40
CA CYS A 497 -37.81 21.00 -29.17
C CYS A 497 -39.05 21.50 -29.90
N GLY A 498 -39.66 20.69 -30.76
CA GLY A 498 -40.92 21.04 -31.39
C GLY A 498 -40.81 21.74 -32.73
N SER A 499 -39.61 22.05 -33.20
CA SER A 499 -39.46 22.71 -34.48
C SER A 499 -39.90 21.78 -35.61
N LEU A 500 -40.43 22.36 -36.69
CA LEU A 500 -40.90 21.59 -37.83
C LEU A 500 -39.81 21.30 -38.84
N ASN A 501 -38.60 21.83 -38.65
CA ASN A 501 -37.49 21.59 -39.58
C ASN A 501 -36.79 20.29 -39.22
N VAL A 502 -37.39 19.19 -39.67
CA VAL A 502 -36.84 17.86 -39.39
C VAL A 502 -35.75 17.54 -40.40
N THR A 503 -34.62 17.01 -39.92
CA THR A 503 -33.51 16.64 -40.77
C THR A 503 -32.97 15.24 -40.51
N LEU A 504 -33.13 14.71 -39.30
CA LEU A 504 -32.64 13.37 -38.97
C LEU A 504 -33.69 12.65 -38.13
N GLU A 505 -33.52 11.35 -37.99
CA GLU A 505 -34.36 10.54 -37.13
C GLU A 505 -33.71 10.38 -35.76
N HIS A 506 -34.52 10.43 -34.72
CA HIS A 506 -33.99 10.30 -33.36
C HIS A 506 -33.32 8.94 -33.21
N PRO A 507 -32.10 8.87 -32.67
CA PRO A 507 -31.42 7.57 -32.57
C PRO A 507 -32.14 6.56 -31.68
N LEU A 508 -32.83 6.99 -30.64
CA LEU A 508 -33.44 6.09 -29.66
C LEU A 508 -34.92 5.88 -29.90
N PHE A 509 -35.73 6.93 -29.88
CA PHE A 509 -37.17 6.83 -30.03
C PHE A 509 -37.57 7.03 -31.48
N VAL A 510 -38.87 6.93 -31.74
CA VAL A 510 -39.38 7.10 -33.11
C VAL A 510 -39.82 8.55 -33.29
N GLY A 511 -39.18 9.24 -34.22
CA GLY A 511 -39.51 10.63 -34.47
C GLY A 511 -38.42 11.33 -35.26
N GLY A 512 -38.58 12.65 -35.39
CA GLY A 512 -37.61 13.45 -36.10
C GLY A 512 -36.71 14.26 -35.17
N MET A 513 -35.66 14.82 -35.75
CA MET A 513 -34.67 15.58 -34.99
C MET A 513 -34.10 16.68 -35.87
N CYS A 514 -33.89 17.86 -35.28
CA CYS A 514 -33.40 19.02 -36.01
C CYS A 514 -31.91 19.22 -35.73
N GLN A 515 -31.34 20.24 -36.39
CA GLN A 515 -29.89 20.42 -36.37
C GLN A 515 -29.39 20.83 -34.99
N ASN A 516 -30.02 21.85 -34.40
CA ASN A 516 -29.56 22.34 -33.11
C ASN A 516 -29.64 21.24 -32.07
N CYS A 517 -30.73 20.49 -32.06
CA CYS A 517 -30.85 19.37 -31.13
C CYS A 517 -29.81 18.31 -31.43
N LYS A 518 -29.44 18.14 -32.70
CA LYS A 518 -28.38 17.19 -33.03
C LYS A 518 -27.07 17.59 -32.38
N ASN A 519 -26.71 18.87 -32.48
CA ASN A 519 -25.47 19.34 -31.87
C ASN A 519 -25.52 19.17 -30.36
N CYS A 520 -26.65 19.53 -29.74
CA CYS A 520 -26.75 19.42 -28.29
C CYS A 520 -26.68 17.95 -27.85
N PHE A 521 -27.27 17.05 -28.63
CA PHE A 521 -27.21 15.63 -28.30
C PHE A 521 -25.80 15.09 -28.44
N LEU A 522 -25.07 15.53 -29.46
CA LEU A 522 -23.66 15.14 -29.56
C LEU A 522 -22.89 15.62 -28.35
N GLU A 523 -23.16 16.85 -27.89
CA GLU A 523 -22.42 17.39 -26.75
C GLU A 523 -22.74 16.65 -25.46
N CYS A 524 -24.03 16.47 -25.14
CA CYS A 524 -24.46 16.12 -23.80
C CYS A 524 -24.99 14.70 -23.66
N ALA A 525 -24.64 13.78 -24.57
CA ALA A 525 -25.16 12.43 -24.47
C ALA A 525 -24.30 11.52 -23.61
N TYR A 526 -23.18 12.03 -23.08
CA TYR A 526 -22.25 11.22 -22.30
C TYR A 526 -21.72 11.95 -21.06
N GLN A 527 -22.50 12.86 -20.49
CA GLN A 527 -22.08 13.61 -19.32
C GLN A 527 -22.80 13.09 -18.07
N TYR A 528 -22.02 12.71 -17.06
CA TYR A 528 -22.54 12.13 -15.83
C TYR A 528 -22.01 12.93 -14.64
N ASP A 529 -22.88 13.18 -13.66
CA ASP A 529 -22.52 14.00 -12.52
C ASP A 529 -21.73 13.18 -11.50
N ASP A 530 -21.57 13.74 -10.31
CA ASP A 530 -20.72 13.11 -9.30
C ASP A 530 -21.24 11.75 -8.88
N ASP A 531 -22.53 11.63 -8.60
CA ASP A 531 -23.08 10.38 -8.09
C ASP A 531 -23.08 9.26 -9.14
N GLY A 532 -22.81 9.58 -10.41
CA GLY A 532 -22.83 8.59 -11.46
C GLY A 532 -24.09 8.57 -12.30
N TYR A 533 -25.10 9.36 -11.96
CA TYR A 533 -26.35 9.38 -12.70
C TYR A 533 -26.30 10.46 -13.77
N GLN A 534 -27.16 10.31 -14.78
CA GLN A 534 -27.11 11.19 -15.94
C GLN A 534 -27.38 12.63 -15.53
N SER A 535 -26.81 13.57 -16.27
CA SER A 535 -26.93 14.98 -15.91
C SER A 535 -28.15 15.63 -16.55
N TYR A 536 -28.45 15.30 -17.80
CA TYR A 536 -29.50 15.96 -18.57
C TYR A 536 -30.51 14.94 -19.07
N CYS A 537 -31.73 15.43 -19.32
CA CYS A 537 -32.81 14.56 -19.76
C CYS A 537 -32.42 13.80 -21.01
N THR A 538 -32.93 12.58 -21.14
CA THR A 538 -32.56 11.75 -22.29
C THR A 538 -33.10 12.34 -23.59
N ILE A 539 -34.33 12.85 -23.58
CA ILE A 539 -34.96 13.29 -24.81
C ILE A 539 -34.43 14.65 -25.24
N CYS A 540 -34.62 15.67 -24.41
CA CYS A 540 -34.33 17.05 -24.78
C CYS A 540 -32.96 17.54 -24.33
N CYS A 541 -32.15 16.68 -23.71
CA CYS A 541 -30.79 17.03 -23.31
C CYS A 541 -30.74 18.35 -22.54
N GLY A 542 -31.82 18.67 -21.83
CA GLY A 542 -31.89 19.87 -21.03
C GLY A 542 -32.61 19.61 -19.72
N GLY A 543 -33.66 20.37 -19.45
CA GLY A 543 -34.56 20.04 -18.37
C GLY A 543 -34.27 20.76 -17.07
N ARG A 544 -35.29 20.87 -16.22
CA ARG A 544 -35.16 21.58 -14.96
C ARG A 544 -35.27 20.63 -13.76
N GLU A 545 -36.19 19.67 -13.82
CA GLU A 545 -36.38 18.67 -12.79
C GLU A 545 -36.52 17.31 -13.46
N VAL A 546 -35.86 16.29 -12.92
CA VAL A 546 -35.74 15.01 -13.58
C VAL A 546 -36.05 13.87 -12.60
N LEU A 547 -36.62 12.79 -13.13
CA LEU A 547 -36.72 11.54 -12.40
C LEU A 547 -35.41 10.78 -12.53
N MET A 548 -35.39 9.58 -11.94
CA MET A 548 -34.20 8.75 -11.95
C MET A 548 -34.61 7.29 -12.18
N CYS A 549 -33.87 6.60 -13.04
CA CYS A 549 -34.11 5.18 -13.24
C CYS A 549 -33.63 4.40 -12.03
N GLY A 550 -34.23 3.23 -11.81
CA GLY A 550 -33.96 2.44 -10.62
C GLY A 550 -32.96 1.32 -10.84
N ASN A 551 -33.07 0.65 -11.98
CA ASN A 551 -32.20 -0.48 -12.27
C ASN A 551 -30.75 -0.04 -12.31
N ASN A 552 -29.90 -0.72 -11.55
CA ASN A 552 -28.48 -0.39 -11.54
C ASN A 552 -27.83 -0.74 -12.87
N ASN A 553 -26.85 0.06 -13.25
CA ASN A 553 -26.19 -0.06 -14.56
C ASN A 553 -27.10 0.47 -15.68
N CYS A 554 -28.19 1.15 -15.30
CA CYS A 554 -28.97 1.94 -16.24
C CYS A 554 -29.35 3.27 -15.59
N CYS A 555 -28.34 4.02 -15.15
CA CYS A 555 -28.57 5.31 -14.52
C CYS A 555 -28.88 6.39 -15.56
N ARG A 556 -30.16 6.50 -15.93
CA ARG A 556 -30.59 7.47 -16.91
C ARG A 556 -31.54 8.50 -16.29
N CYS A 557 -31.98 9.44 -17.12
CA CYS A 557 -32.80 10.56 -16.67
C CYS A 557 -33.99 10.78 -17.59
N PHE A 558 -35.05 11.34 -17.03
CA PHE A 558 -36.22 11.77 -17.77
C PHE A 558 -36.83 12.96 -17.05
N CYS A 559 -36.93 14.10 -17.73
CA CYS A 559 -37.48 15.29 -17.12
C CYS A 559 -39.01 15.26 -17.16
N VAL A 560 -39.63 15.99 -16.24
CA VAL A 560 -41.07 15.88 -16.05
C VAL A 560 -41.82 16.27 -17.31
N GLU A 561 -41.40 17.36 -17.95
CA GLU A 561 -42.13 17.86 -19.12
C GLU A 561 -42.23 16.81 -20.21
N CYS A 562 -41.09 16.17 -20.53
CA CYS A 562 -41.09 15.18 -21.59
C CYS A 562 -41.98 13.99 -21.24
N VAL A 563 -41.87 13.49 -20.01
CA VAL A 563 -42.68 12.34 -19.62
C VAL A 563 -44.16 12.69 -19.67
N ASP A 564 -44.50 13.92 -19.30
CA ASP A 564 -45.91 14.29 -19.24
C ASP A 564 -46.49 14.51 -20.63
N LEU A 565 -45.69 15.03 -21.56
CA LEU A 565 -46.22 15.31 -22.90
C LEU A 565 -46.21 14.05 -23.77
N LEU A 566 -45.10 13.32 -23.79
CA LEU A 566 -44.91 12.28 -24.78
C LEU A 566 -45.47 10.93 -24.34
N VAL A 567 -45.57 10.68 -23.04
CA VAL A 567 -46.13 9.43 -22.54
C VAL A 567 -47.60 9.55 -22.19
N GLY A 568 -47.97 10.67 -21.58
CA GLY A 568 -49.36 10.93 -21.24
C GLY A 568 -49.48 11.84 -20.04
N PRO A 569 -50.62 12.50 -19.89
CA PRO A 569 -50.81 13.38 -18.73
C PRO A 569 -50.76 12.59 -17.43
N GLY A 570 -49.96 13.10 -16.48
CA GLY A 570 -49.87 12.52 -15.16
C GLY A 570 -48.95 11.32 -15.05
N ALA A 571 -48.31 10.89 -16.14
CA ALA A 571 -47.47 9.70 -16.09
C ALA A 571 -46.28 9.89 -15.17
N ALA A 572 -45.64 11.07 -15.21
CA ALA A 572 -44.47 11.30 -14.37
C ALA A 572 -44.81 11.16 -12.89
N GLN A 573 -45.98 11.66 -12.49
CA GLN A 573 -46.41 11.49 -11.11
C GLN A 573 -46.57 10.02 -10.75
N ALA A 574 -47.17 9.23 -11.64
CA ALA A 574 -47.32 7.80 -11.37
C ALA A 574 -45.95 7.13 -11.22
N ALA A 575 -45.01 7.47 -12.09
CA ALA A 575 -43.67 6.92 -11.95
C ALA A 575 -43.03 7.37 -10.64
N ILE A 576 -43.32 8.59 -10.21
CA ILE A 576 -42.79 9.07 -8.94
C ILE A 576 -43.32 8.21 -7.80
N LYS A 577 -44.60 7.84 -7.86
CA LYS A 577 -45.16 7.01 -6.79
C LYS A 577 -44.40 5.71 -6.64
N GLU A 578 -44.17 5.00 -7.74
CA GLU A 578 -43.65 3.64 -7.67
C GLU A 578 -42.21 3.64 -7.16
N ASP A 579 -41.85 2.55 -6.50
CA ASP A 579 -40.55 2.43 -5.84
C ASP A 579 -40.14 0.97 -5.72
N PRO A 580 -39.11 0.50 -6.43
CA PRO A 580 -38.30 1.18 -7.45
C PRO A 580 -38.99 1.18 -8.81
N TRP A 581 -38.52 2.00 -9.75
CA TRP A 581 -39.14 2.11 -11.07
C TRP A 581 -38.12 1.85 -12.15
N ASN A 582 -38.57 1.17 -13.21
CA ASN A 582 -37.75 0.89 -14.38
C ASN A 582 -38.12 1.88 -15.48
N CYS A 583 -37.13 2.60 -15.99
CA CYS A 583 -37.37 3.58 -17.03
C CYS A 583 -37.73 2.87 -18.33
N TYR A 584 -37.94 3.66 -19.38
CA TYR A 584 -38.45 3.12 -20.63
C TYR A 584 -37.39 2.39 -21.43
N MET A 585 -36.13 2.47 -21.00
CA MET A 585 -35.07 1.75 -21.70
C MET A 585 -34.87 0.33 -21.16
N CYS A 586 -35.29 0.09 -19.92
CA CYS A 586 -35.22 -1.27 -19.37
C CYS A 586 -36.46 -2.07 -19.71
N GLY A 587 -37.61 -1.41 -19.77
CA GLY A 587 -38.88 -2.11 -19.84
C GLY A 587 -38.93 -3.08 -21.01
N HIS A 588 -39.52 -4.25 -20.74
CA HIS A 588 -39.70 -5.25 -21.78
C HIS A 588 -40.64 -4.77 -22.88
N LYS A 589 -41.51 -3.81 -22.58
CA LYS A 589 -42.43 -3.29 -23.58
C LYS A 589 -41.78 -2.15 -24.36
N GLY A 590 -42.14 -2.06 -25.64
CA GLY A 590 -41.54 -1.08 -26.52
C GLY A 590 -42.37 0.15 -26.82
N THR A 591 -43.55 0.28 -26.23
CA THR A 591 -44.43 1.42 -26.48
C THR A 591 -45.07 1.90 -25.18
N TYR A 592 -45.11 3.22 -25.01
CA TYR A 592 -45.77 3.85 -23.86
C TYR A 592 -46.42 5.14 -24.36
N GLY A 593 -47.66 5.04 -24.79
CA GLY A 593 -48.29 6.20 -25.42
C GLY A 593 -47.66 6.49 -26.77
N LEU A 594 -47.10 7.69 -26.91
CA LEU A 594 -46.36 8.04 -28.12
C LEU A 594 -44.91 7.61 -28.07
N LEU A 595 -44.28 7.66 -26.89
CA LEU A 595 -42.88 7.33 -26.75
C LEU A 595 -42.67 5.84 -27.02
N ARG A 596 -42.08 5.53 -28.17
CA ARG A 596 -41.85 4.15 -28.59
C ARG A 596 -40.35 3.95 -28.79
N ARG A 597 -39.85 2.79 -28.37
CA ARG A 597 -38.41 2.54 -28.41
C ARG A 597 -38.03 1.72 -29.65
N ARG A 598 -36.96 2.13 -30.31
CA ARG A 598 -36.45 1.40 -31.47
C ARG A 598 -35.72 0.14 -31.04
N GLU A 599 -35.86 -0.92 -31.84
CA GLU A 599 -35.32 -2.22 -31.45
C GLU A 599 -33.82 -2.32 -31.64
N ASP A 600 -33.28 -1.69 -32.69
CA ASP A 600 -31.84 -1.67 -32.92
C ASP A 600 -31.19 -0.41 -32.36
N TRP A 601 -31.71 0.09 -31.24
CA TRP A 601 -31.22 1.35 -30.69
C TRP A 601 -29.75 1.31 -30.28
N PRO A 602 -29.17 0.19 -29.83
CA PRO A 602 -27.73 0.21 -29.54
C PRO A 602 -26.89 0.52 -30.77
N SER A 603 -27.11 -0.23 -31.85
CA SER A 603 -26.37 0.05 -33.09
C SER A 603 -26.68 1.44 -33.61
N ARG A 604 -27.93 1.88 -33.51
CA ARG A 604 -28.24 3.22 -34.00
C ARG A 604 -27.51 4.30 -33.20
N LEU A 605 -27.42 4.13 -31.88
CA LEU A 605 -26.69 5.09 -31.08
C LEU A 605 -25.22 5.06 -31.41
N GLN A 606 -24.67 3.87 -31.67
CA GLN A 606 -23.26 3.79 -32.07
C GLN A 606 -23.03 4.51 -33.38
N MET A 607 -23.95 4.37 -34.33
CA MET A 607 -23.77 5.01 -35.63
C MET A 607 -24.01 6.50 -35.57
N PHE A 608 -24.81 6.97 -34.61
CA PHE A 608 -25.07 8.41 -34.53
C PHE A 608 -23.81 9.20 -34.22
N PHE A 609 -22.74 8.55 -33.77
CA PHE A 609 -21.47 9.22 -33.53
C PHE A 609 -20.52 9.11 -34.71
N ALA A 610 -21.06 9.06 -35.92
CA ALA A 610 -20.28 9.13 -37.15
C ALA A 610 -20.89 10.15 -38.10
N ASN A 611 -21.57 11.15 -37.54
CA ASN A 611 -22.06 12.30 -38.29
C ASN A 611 -21.06 13.44 -38.14
N ASN A 612 -19.84 13.19 -38.63
CA ASN A 612 -18.77 14.16 -38.48
C ASN A 612 -19.11 15.44 -39.23
N HIS A 613 -18.93 16.58 -38.56
CA HIS A 613 -19.35 17.86 -39.12
C HIS A 613 -18.48 18.22 -40.32
N ASP A 614 -19.12 18.83 -41.32
CA ASP A 614 -18.39 19.43 -42.43
C ASP A 614 -17.59 18.38 -43.21
N GLN A 615 -16.33 18.67 -43.51
CA GLN A 615 -15.65 18.01 -44.61
C GLN A 615 -15.54 16.50 -44.37
N GLU A 616 -15.26 15.80 -45.47
CA GLU A 616 -14.79 14.43 -45.44
C GLU A 616 -13.42 14.41 -46.11
N PHE A 617 -12.39 14.03 -45.35
CA PHE A 617 -11.03 14.21 -45.80
C PHE A 617 -10.55 13.01 -46.59
N ASP A 618 -9.33 13.11 -47.11
CA ASP A 618 -8.78 12.08 -47.97
C ASP A 618 -8.25 10.91 -47.15
N PRO A 619 -8.10 9.74 -47.77
CA PRO A 619 -7.55 8.60 -47.05
C PRO A 619 -6.09 8.84 -46.70
N PRO A 620 -5.60 8.28 -45.60
CA PRO A 620 -4.18 8.42 -45.26
C PRO A 620 -3.33 7.48 -46.08
N LYS A 621 -2.06 7.86 -46.26
CA LYS A 621 -1.13 7.04 -47.02
C LYS A 621 -0.81 5.77 -46.25
N VAL A 622 -0.69 4.65 -46.98
CA VAL A 622 -0.30 3.37 -46.39
C VAL A 622 1.19 3.19 -46.63
N TYR A 623 1.96 3.02 -45.57
CA TYR A 623 3.39 2.82 -45.71
C TYR A 623 3.67 1.35 -46.00
N PRO A 624 4.38 1.02 -47.08
CA PRO A 624 4.52 -0.38 -47.48
C PRO A 624 5.19 -1.21 -46.39
N PRO A 625 4.78 -2.46 -46.21
CA PRO A 625 5.43 -3.31 -45.21
C PRO A 625 6.94 -3.40 -45.42
N VAL A 626 7.68 -3.15 -44.35
CA VAL A 626 9.13 -3.34 -44.36
C VAL A 626 9.44 -4.82 -44.20
N PRO A 627 10.30 -5.40 -45.02
CA PRO A 627 10.64 -6.82 -44.83
C PRO A 627 11.21 -7.06 -43.44
N ALA A 628 10.95 -8.27 -42.92
CA ALA A 628 11.34 -8.57 -41.55
C ALA A 628 12.83 -8.34 -41.33
N GLU A 629 13.64 -8.54 -42.37
CA GLU A 629 15.09 -8.43 -42.22
C GLU A 629 15.54 -7.03 -41.83
N LYS A 630 14.93 -5.99 -42.41
CA LYS A 630 15.40 -4.62 -42.24
C LYS A 630 14.78 -3.91 -41.04
N ARG A 631 13.86 -4.54 -40.33
CA ARG A 631 13.20 -3.88 -39.21
C ARG A 631 14.22 -3.52 -38.14
N LYS A 632 14.00 -2.39 -37.48
CA LYS A 632 14.89 -1.85 -36.46
C LYS A 632 14.08 -1.31 -35.30
N PRO A 633 14.69 -1.18 -34.12
CA PRO A 633 13.93 -0.78 -32.93
C PRO A 633 13.17 0.52 -33.14
N ILE A 634 12.26 0.78 -32.21
CA ILE A 634 11.39 1.96 -32.30
C ILE A 634 11.93 3.04 -31.37
N ARG A 635 11.71 4.30 -31.76
CA ARG A 635 12.06 5.46 -30.98
C ARG A 635 10.80 6.26 -30.71
N VAL A 636 10.52 6.55 -29.44
CA VAL A 636 9.24 7.09 -29.00
C VAL A 636 9.45 8.46 -28.36
N LEU A 637 8.43 9.30 -28.46
CA LEU A 637 8.35 10.56 -27.74
C LEU A 637 6.96 10.68 -27.16
N SER A 638 6.88 10.88 -25.84
CA SER A 638 5.61 10.92 -25.13
C SER A 638 5.43 12.27 -24.46
N LEU A 639 4.21 12.79 -24.52
CA LEU A 639 3.86 14.07 -23.93
C LEU A 639 2.74 13.85 -22.92
N PHE A 640 2.86 14.46 -21.75
CA PHE A 640 1.93 14.21 -20.65
C PHE A 640 1.87 12.71 -20.35
N ASP A 641 3.01 12.17 -19.92
CA ASP A 641 3.21 10.73 -19.97
C ASP A 641 2.33 9.97 -18.96
N GLY A 642 2.20 10.46 -17.74
CA GLY A 642 1.47 9.68 -16.74
C GLY A 642 2.38 8.68 -16.04
N ILE A 643 1.91 7.44 -15.94
CA ILE A 643 2.68 6.38 -15.28
C ILE A 643 3.24 5.41 -16.31
N ALA A 644 3.45 5.88 -17.54
CA ALA A 644 4.13 5.10 -18.58
C ALA A 644 3.34 3.84 -18.96
N THR A 645 2.10 4.04 -19.42
CA THR A 645 1.33 2.93 -19.94
C THR A 645 1.81 2.49 -21.32
N GLY A 646 2.28 3.44 -22.13
CA GLY A 646 2.72 3.09 -23.47
C GLY A 646 3.90 2.14 -23.47
N LEU A 647 4.89 2.40 -22.61
CA LEU A 647 6.04 1.50 -22.52
C LEU A 647 5.65 0.14 -21.99
N LEU A 648 4.73 0.10 -21.03
CA LEU A 648 4.24 -1.16 -20.52
C LEU A 648 3.62 -1.99 -21.64
N VAL A 649 2.76 -1.37 -22.45
CA VAL A 649 2.11 -2.11 -23.53
C VAL A 649 3.12 -2.53 -24.60
N LEU A 650 4.08 -1.66 -24.92
CA LEU A 650 5.09 -2.01 -25.92
C LEU A 650 5.93 -3.19 -25.46
N LYS A 651 6.25 -3.24 -24.17
CA LYS A 651 6.94 -4.41 -23.61
C LYS A 651 6.06 -5.65 -23.70
N ASP A 652 4.76 -5.50 -23.40
CA ASP A 652 3.85 -6.64 -23.49
C ASP A 652 3.82 -7.24 -24.88
N LEU A 653 3.72 -6.40 -25.91
CA LEU A 653 3.63 -6.89 -27.28
C LEU A 653 4.90 -7.60 -27.73
N GLY A 654 6.07 -7.16 -27.28
CA GLY A 654 7.31 -7.78 -27.73
C GLY A 654 8.04 -6.99 -28.80
N ILE A 655 8.00 -5.66 -28.73
CA ILE A 655 8.67 -4.80 -29.68
C ILE A 655 9.85 -4.12 -28.98
N GLN A 656 11.02 -4.16 -29.62
CA GLN A 656 12.20 -3.56 -29.04
C GLN A 656 12.06 -2.04 -28.99
N VAL A 657 12.59 -1.43 -27.93
CA VAL A 657 12.51 0.02 -27.74
C VAL A 657 13.94 0.54 -27.61
N ASP A 658 14.27 1.57 -28.38
CA ASP A 658 15.59 2.17 -28.34
C ASP A 658 15.60 3.44 -27.50
N ARG A 659 14.59 4.29 -27.65
CA ARG A 659 14.43 5.48 -26.83
C ARG A 659 13.00 5.55 -26.33
N TYR A 660 12.81 6.20 -25.20
CA TYR A 660 11.48 6.56 -24.72
C TYR A 660 11.63 7.82 -23.87
N ILE A 661 11.46 8.97 -24.51
CA ILE A 661 11.65 10.26 -23.86
C ILE A 661 10.29 10.73 -23.37
N ALA A 662 10.21 11.11 -22.10
CA ALA A 662 8.95 11.43 -21.45
C ALA A 662 9.01 12.82 -20.85
N SER A 663 7.91 13.54 -20.90
CA SER A 663 7.76 14.84 -20.26
C SER A 663 6.69 14.75 -19.19
N GLU A 664 6.99 15.24 -18.00
CA GLU A 664 6.09 15.05 -16.86
C GLU A 664 6.57 15.93 -15.72
N VAL A 665 5.63 16.35 -14.88
CA VAL A 665 5.92 17.21 -13.73
C VAL A 665 5.34 16.69 -12.43
N CYS A 666 4.69 15.53 -12.43
CA CYS A 666 4.14 14.96 -11.20
C CYS A 666 5.15 14.02 -10.58
N GLU A 667 5.41 14.19 -9.28
CA GLU A 667 6.47 13.43 -8.63
C GLU A 667 6.11 11.97 -8.46
N ASP A 668 4.85 11.69 -8.10
CA ASP A 668 4.45 10.32 -7.80
C ASP A 668 4.59 9.42 -9.03
N SER A 669 4.09 9.88 -10.17
CA SER A 669 4.18 9.09 -11.39
C SER A 669 5.63 8.95 -11.84
N ILE A 670 6.43 9.99 -11.64
CA ILE A 670 7.85 9.90 -11.96
C ILE A 670 8.50 8.78 -11.16
N THR A 671 8.21 8.72 -9.86
CA THR A 671 8.78 7.66 -9.03
C THR A 671 8.29 6.29 -9.48
N VAL A 672 7.00 6.17 -9.79
CA VAL A 672 6.46 4.88 -10.21
C VAL A 672 7.16 4.39 -11.47
N GLY A 673 7.28 5.25 -12.47
CA GLY A 673 7.98 4.85 -13.69
C GLY A 673 9.44 4.53 -13.46
N MET A 674 10.12 5.36 -12.68
CA MET A 674 11.55 5.16 -12.43
C MET A 674 11.80 3.82 -11.76
N VAL A 675 11.00 3.47 -10.75
CA VAL A 675 11.16 2.20 -10.07
C VAL A 675 10.78 1.03 -10.96
N ARG A 676 9.65 1.15 -11.68
CA ARG A 676 9.10 -0.01 -12.37
C ARG A 676 9.88 -0.38 -13.62
N HIS A 677 10.37 0.62 -14.37
CA HIS A 677 11.00 0.34 -15.66
C HIS A 677 12.51 0.48 -15.63
N GLN A 678 13.11 0.43 -14.43
CA GLN A 678 14.56 0.30 -14.28
C GLN A 678 15.32 1.42 -14.99
N GLY A 679 14.82 2.64 -14.86
CA GLY A 679 15.52 3.78 -15.40
C GLY A 679 15.72 3.77 -16.90
N LYS A 680 14.73 3.32 -17.66
CA LYS A 680 14.79 3.35 -19.11
C LYS A 680 14.15 4.60 -19.69
N ILE A 681 13.39 5.35 -18.90
CA ILE A 681 12.64 6.50 -19.38
C ILE A 681 13.45 7.75 -19.04
N MET A 682 13.75 8.57 -20.05
CA MET A 682 14.46 9.82 -19.86
C MET A 682 13.45 10.93 -19.64
N TYR A 683 13.52 11.58 -18.48
CA TYR A 683 12.59 12.67 -18.18
C TYR A 683 13.21 14.00 -18.55
N VAL A 684 12.40 14.88 -19.13
CA VAL A 684 12.88 16.17 -19.62
C VAL A 684 12.04 17.32 -19.07
N GLY A 685 11.31 17.07 -17.98
CA GLY A 685 10.59 18.15 -17.34
C GLY A 685 9.35 18.57 -18.11
N ASP A 686 8.92 19.80 -17.85
CA ASP A 686 7.66 20.29 -18.39
C ASP A 686 7.73 20.44 -19.90
N VAL A 687 6.59 20.82 -20.50
CA VAL A 687 6.48 20.85 -21.95
C VAL A 687 6.62 22.28 -22.48
N ARG A 688 6.36 23.29 -21.66
CA ARG A 688 6.42 24.66 -22.15
C ARG A 688 7.84 25.16 -22.33
N SER A 689 8.84 24.34 -21.97
CA SER A 689 10.24 24.74 -22.11
C SER A 689 10.95 24.05 -23.27
N VAL A 690 10.37 23.02 -23.86
CA VAL A 690 11.02 22.28 -24.93
C VAL A 690 11.10 23.19 -26.15
N THR A 691 12.27 23.21 -26.78
CA THR A 691 12.52 24.03 -27.96
C THR A 691 12.71 23.13 -29.18
N GLN A 692 12.74 23.76 -30.36
CA GLN A 692 12.99 23.02 -31.58
C GLN A 692 14.38 22.43 -31.60
N LYS A 693 15.36 23.11 -31.00
CA LYS A 693 16.72 22.57 -30.98
C LYS A 693 16.79 21.27 -30.21
N HIS A 694 16.03 21.15 -29.11
CA HIS A 694 15.99 19.90 -28.37
C HIS A 694 15.42 18.78 -29.23
N ILE A 695 14.35 19.06 -29.97
CA ILE A 695 13.71 18.05 -30.81
C ILE A 695 14.65 17.54 -31.89
N GLN A 696 15.70 18.29 -32.21
CA GLN A 696 16.72 17.83 -33.15
C GLN A 696 17.86 17.13 -32.44
N GLU A 697 18.33 17.68 -31.33
CA GLU A 697 19.42 17.05 -30.58
C GLU A 697 19.04 15.66 -30.09
N TRP A 698 17.77 15.46 -29.70
CA TRP A 698 17.33 14.18 -29.15
C TRP A 698 17.05 13.15 -30.23
N GLY A 699 17.37 13.43 -31.49
CA GLY A 699 17.39 12.43 -32.52
C GLY A 699 16.04 12.24 -33.17
N PRO A 700 16.03 11.58 -34.34
CA PRO A 700 14.75 11.35 -35.04
C PRO A 700 13.86 10.43 -34.23
N PHE A 701 12.56 10.70 -34.27
CA PHE A 701 11.57 9.86 -33.63
C PHE A 701 10.74 9.11 -34.68
N ASP A 702 10.07 8.05 -34.23
CA ASP A 702 9.18 7.27 -35.08
C ASP A 702 7.80 7.06 -34.49
N LEU A 703 7.49 7.70 -33.37
CA LEU A 703 6.16 7.61 -32.78
C LEU A 703 5.99 8.75 -31.80
N VAL A 704 5.04 9.63 -32.06
CA VAL A 704 4.71 10.76 -31.20
C VAL A 704 3.31 10.56 -30.69
N ILE A 705 3.16 10.30 -29.39
CA ILE A 705 1.86 10.01 -28.78
C ILE A 705 1.62 10.99 -27.65
N GLY A 706 0.46 11.62 -27.63
CA GLY A 706 0.13 12.59 -26.62
C GLY A 706 -1.32 12.46 -26.19
N GLY A 707 -1.73 13.37 -25.31
CA GLY A 707 -3.08 13.41 -24.82
C GLY A 707 -3.09 13.54 -23.31
N SER A 708 -4.26 13.33 -22.73
CA SER A 708 -4.43 13.38 -21.29
C SER A 708 -3.72 12.19 -20.65
N PRO A 709 -3.47 12.23 -19.33
CA PRO A 709 -3.89 13.24 -18.34
C PRO A 709 -3.14 14.56 -18.44
N CYS A 710 -3.76 15.65 -17.98
CA CYS A 710 -3.15 16.98 -18.01
C CYS A 710 -2.31 17.17 -16.75
N ASN A 711 -1.17 16.48 -16.74
CA ASN A 711 -0.28 16.52 -15.58
C ASN A 711 0.35 17.90 -15.42
N ASP A 712 0.74 18.54 -16.52
CA ASP A 712 1.33 19.86 -16.44
C ASP A 712 0.31 20.87 -15.90
N LEU A 713 0.78 22.09 -15.64
CA LEU A 713 -0.02 23.13 -15.01
C LEU A 713 -0.57 24.14 -16.02
N SER A 714 -0.90 23.70 -17.23
CA SER A 714 -1.50 24.57 -18.23
C SER A 714 -3.01 24.64 -18.12
N ILE A 715 -3.62 23.85 -17.23
CA ILE A 715 -5.06 23.87 -17.01
C ILE A 715 -5.32 24.13 -15.53
N VAL A 716 -4.83 23.24 -14.68
CA VAL A 716 -4.79 23.43 -13.23
C VAL A 716 -6.20 23.42 -12.65
N ASN A 717 -7.06 24.33 -13.11
CA ASN A 717 -8.37 24.51 -12.48
C ASN A 717 -9.51 24.20 -13.45
N PRO A 718 -10.31 23.16 -13.19
CA PRO A 718 -11.52 22.95 -14.00
C PRO A 718 -12.56 24.04 -13.86
N ALA A 719 -12.41 24.96 -12.89
CA ALA A 719 -13.38 26.04 -12.76
C ALA A 719 -13.47 26.88 -14.02
N ARG A 720 -12.39 26.97 -14.78
CA ARG A 720 -12.35 27.69 -16.05
C ARG A 720 -12.30 26.74 -17.24
N LYS A 721 -12.85 25.53 -17.08
CA LYS A 721 -12.94 24.58 -18.17
C LYS A 721 -14.27 24.69 -18.91
N GLY A 722 -15.37 24.68 -18.16
CA GLY A 722 -16.68 24.68 -18.81
C GLY A 722 -16.84 23.48 -19.71
N LEU A 723 -17.23 23.75 -20.95
CA LEU A 723 -17.27 22.72 -21.99
C LEU A 723 -16.34 23.04 -23.14
N TYR A 724 -16.00 24.31 -23.32
CA TYR A 724 -15.17 24.76 -24.43
C TYR A 724 -13.76 25.14 -24.00
N GLU A 725 -13.53 25.41 -22.72
CA GLU A 725 -12.29 26.00 -22.26
C GLU A 725 -11.44 24.97 -21.55
N GLY A 726 -10.14 25.26 -21.48
CA GLY A 726 -9.19 24.38 -20.84
C GLY A 726 -8.59 23.36 -21.79
N THR A 727 -9.42 22.79 -22.66
CA THR A 727 -8.96 21.74 -23.55
C THR A 727 -8.46 22.30 -24.87
N GLY A 728 -8.37 23.63 -25.01
CA GLY A 728 -7.95 24.21 -26.27
C GLY A 728 -6.47 24.51 -26.35
N ARG A 729 -5.75 24.46 -25.22
CA ARG A 729 -4.35 24.82 -25.19
C ARG A 729 -3.42 23.65 -24.87
N LEU A 730 -3.91 22.41 -24.91
CA LEU A 730 -3.01 21.27 -24.97
C LEU A 730 -2.75 20.88 -26.42
N PHE A 731 -3.78 21.00 -27.26
CA PHE A 731 -3.60 20.75 -28.68
C PHE A 731 -2.56 21.70 -29.26
N PHE A 732 -2.45 22.91 -28.72
CA PHE A 732 -1.44 23.83 -29.22
C PHE A 732 -0.05 23.25 -29.08
N GLU A 733 0.32 22.80 -27.88
CA GLU A 733 1.64 22.22 -27.66
C GLU A 733 1.82 20.93 -28.45
N PHE A 734 0.80 20.06 -28.49
CA PHE A 734 0.94 18.82 -29.24
C PHE A 734 1.19 19.11 -30.71
N TYR A 735 0.43 20.04 -31.29
CA TYR A 735 0.56 20.37 -32.69
C TYR A 735 1.92 20.99 -32.97
N ARG A 736 2.37 21.90 -32.11
CA ARG A 736 3.67 22.52 -32.28
C ARG A 736 4.79 21.48 -32.31
N LEU A 737 4.83 20.61 -31.30
CA LEU A 737 5.91 19.64 -31.22
C LEU A 737 5.81 18.62 -32.35
N LEU A 738 4.60 18.21 -32.72
CA LEU A 738 4.43 17.28 -33.83
C LEU A 738 4.92 17.90 -35.15
N HIS A 739 4.57 19.17 -35.36
CA HIS A 739 5.06 19.88 -36.54
C HIS A 739 6.58 19.92 -36.56
N ASP A 740 7.20 20.13 -35.39
CA ASP A 740 8.66 20.12 -35.33
C ASP A 740 9.25 18.75 -35.64
N ALA A 741 8.61 17.68 -35.18
CA ALA A 741 9.21 16.35 -35.27
C ALA A 741 8.92 15.64 -36.59
N ARG A 742 7.99 16.15 -37.38
CA ARG A 742 7.56 15.44 -38.58
C ARG A 742 8.72 15.35 -39.58
N PRO A 743 8.88 14.23 -40.28
CA PRO A 743 9.95 14.15 -41.29
C PRO A 743 9.71 15.17 -42.41
N LYS A 744 10.80 15.68 -42.95
CA LYS A 744 10.73 16.66 -44.03
C LYS A 744 10.43 15.97 -45.35
N GLU A 745 10.01 16.79 -46.33
CA GLU A 745 9.69 16.25 -47.64
C GLU A 745 10.90 15.54 -48.23
N GLY A 746 10.66 14.35 -48.79
CA GLY A 746 11.70 13.53 -49.37
C GLY A 746 12.18 12.39 -48.49
N ASP A 747 11.92 12.44 -47.18
CA ASP A 747 12.26 11.35 -46.27
C ASP A 747 10.99 10.53 -46.08
N ASP A 748 10.99 9.31 -46.60
CA ASP A 748 9.81 8.46 -46.61
C ASP A 748 9.83 7.37 -45.54
N ARG A 749 10.50 7.61 -44.42
CA ARG A 749 10.49 6.63 -43.35
C ARG A 749 9.09 6.56 -42.72
N PRO A 750 8.70 5.43 -42.16
CA PRO A 750 7.42 5.38 -41.44
C PRO A 750 7.37 6.38 -40.29
N PHE A 751 6.19 7.00 -40.12
CA PHE A 751 5.95 7.94 -39.04
C PHE A 751 4.50 7.83 -38.61
N PHE A 752 4.26 7.86 -37.30
CA PHE A 752 2.92 7.68 -36.73
C PHE A 752 2.69 8.67 -35.60
N TRP A 753 1.42 8.85 -35.24
CA TRP A 753 1.06 9.74 -34.14
C TRP A 753 -0.30 9.34 -33.61
N LEU A 754 -0.65 9.87 -32.44
CA LEU A 754 -1.92 9.54 -31.79
C LEU A 754 -2.27 10.63 -30.79
N PHE A 755 -3.54 11.03 -30.76
CA PHE A 755 -4.03 12.08 -29.88
C PHE A 755 -5.36 11.63 -29.30
N GLU A 756 -5.63 12.02 -28.06
CA GLU A 756 -6.77 11.51 -27.30
C GLU A 756 -7.47 12.63 -26.54
N ASN A 757 -8.79 12.54 -26.46
CA ASN A 757 -9.60 13.50 -25.72
C ASN A 757 -10.93 12.87 -25.36
N VAL A 758 -11.65 13.51 -24.44
CA VAL A 758 -12.91 12.95 -23.96
C VAL A 758 -14.00 13.13 -25.00
N VAL A 759 -15.12 12.42 -24.81
CA VAL A 759 -16.25 12.53 -25.73
C VAL A 759 -17.00 13.83 -25.52
N ALA A 760 -17.12 14.27 -24.27
CA ALA A 760 -17.94 15.42 -23.95
C ALA A 760 -17.18 16.73 -24.14
N MET A 761 -17.04 17.17 -25.38
CA MET A 761 -16.36 18.42 -25.70
C MET A 761 -17.22 19.23 -26.67
N GLY A 762 -16.82 20.49 -26.85
CA GLY A 762 -17.56 21.36 -27.74
C GLY A 762 -17.45 20.93 -29.20
N VAL A 763 -18.46 21.32 -29.98
CA VAL A 763 -18.48 20.95 -31.39
C VAL A 763 -17.43 21.73 -32.18
N SER A 764 -17.27 23.02 -31.86
CA SER A 764 -16.30 23.84 -32.59
C SER A 764 -14.88 23.34 -32.37
N ASP A 765 -14.54 22.95 -31.14
CA ASP A 765 -13.21 22.42 -30.87
C ASP A 765 -12.96 21.16 -31.66
N LYS A 766 -13.94 20.25 -31.72
CA LYS A 766 -13.79 19.03 -32.50
C LYS A 766 -13.59 19.34 -33.98
N ARG A 767 -14.37 20.28 -34.52
CA ARG A 767 -14.22 20.65 -35.91
C ARG A 767 -12.81 21.19 -36.19
N ASP A 768 -12.34 22.08 -35.33
CA ASP A 768 -11.01 22.68 -35.52
C ASP A 768 -9.90 21.63 -35.41
N ILE A 769 -9.98 20.75 -34.42
CA ILE A 769 -8.95 19.74 -34.26
C ILE A 769 -8.92 18.85 -35.49
N SER A 770 -10.08 18.44 -35.99
CA SER A 770 -10.12 17.59 -37.17
C SER A 770 -9.58 18.33 -38.39
N ARG A 771 -9.88 19.62 -38.53
CA ARG A 771 -9.33 20.42 -39.63
C ARG A 771 -7.81 20.43 -39.59
N PHE A 772 -7.24 20.80 -38.45
CA PHE A 772 -5.79 21.02 -38.39
C PHE A 772 -5.03 19.71 -38.48
N LEU A 773 -5.51 18.65 -37.84
CA LEU A 773 -4.91 17.33 -38.01
C LEU A 773 -5.37 16.65 -39.30
N GLU A 774 -6.47 17.12 -39.91
CA GLU A 774 -6.97 16.61 -41.18
C GLU A 774 -7.40 15.15 -41.09
N SER A 775 -8.14 14.81 -40.03
CA SER A 775 -8.67 13.46 -39.87
C SER A 775 -9.88 13.54 -38.96
N ASN A 776 -10.68 12.48 -38.98
CA ASN A 776 -11.85 12.39 -38.12
C ASN A 776 -11.63 11.33 -37.04
N PRO A 777 -12.22 11.50 -35.85
CA PRO A 777 -11.92 10.59 -34.75
C PRO A 777 -12.64 9.25 -34.87
N VAL A 778 -12.17 8.31 -34.07
CA VAL A 778 -12.76 6.98 -33.95
C VAL A 778 -13.06 6.74 -32.48
N MET A 779 -14.34 6.65 -32.14
CA MET A 779 -14.73 6.50 -30.74
C MET A 779 -14.59 5.04 -30.32
N ILE A 780 -13.88 4.81 -29.22
CA ILE A 780 -13.63 3.48 -28.69
C ILE A 780 -14.01 3.48 -27.23
N ASP A 781 -14.80 2.49 -26.81
CA ASP A 781 -15.24 2.37 -25.43
C ASP A 781 -14.62 1.13 -24.81
N ALA A 782 -14.13 1.27 -23.58
CA ALA A 782 -13.44 0.16 -22.92
C ALA A 782 -14.40 -0.82 -22.28
N LYS A 783 -15.69 -0.50 -22.21
CA LYS A 783 -16.65 -1.41 -21.58
C LYS A 783 -16.83 -2.68 -22.39
N GLU A 784 -16.38 -2.71 -23.63
CA GLU A 784 -16.46 -3.90 -24.46
C GLU A 784 -15.40 -4.94 -24.13
N VAL A 785 -14.31 -4.53 -23.49
CA VAL A 785 -13.17 -5.42 -23.25
C VAL A 785 -12.67 -5.27 -21.83
N SER A 786 -13.46 -4.65 -20.95
CA SER A 786 -13.07 -4.48 -19.56
C SER A 786 -14.34 -4.30 -18.74
N ALA A 787 -14.16 -3.83 -17.50
CA ALA A 787 -15.26 -3.68 -16.56
C ALA A 787 -15.47 -2.23 -16.11
N ALA A 788 -15.40 -1.28 -17.04
CA ALA A 788 -15.59 0.13 -16.70
C ALA A 788 -16.18 0.85 -17.89
N HIS A 789 -16.84 1.98 -17.62
CA HIS A 789 -17.44 2.81 -18.65
C HIS A 789 -16.52 3.99 -18.94
N ARG A 790 -15.83 3.96 -20.09
CA ARG A 790 -14.87 5.00 -20.44
C ARG A 790 -14.88 5.16 -21.96
N ALA A 791 -15.30 6.33 -22.43
CA ALA A 791 -15.44 6.61 -23.85
C ALA A 791 -14.57 7.80 -24.24
N ARG A 792 -13.84 7.66 -25.33
CA ARG A 792 -12.83 8.63 -25.74
C ARG A 792 -12.85 8.78 -27.25
N TYR A 793 -12.25 9.87 -27.73
CA TYR A 793 -11.98 10.08 -29.15
C TYR A 793 -10.49 9.87 -29.40
N PHE A 794 -10.15 9.26 -30.54
CA PHE A 794 -8.77 8.96 -30.88
C PHE A 794 -8.46 9.43 -32.30
N TRP A 795 -7.63 10.45 -32.41
CA TRP A 795 -7.10 10.90 -33.69
C TRP A 795 -5.77 10.20 -33.93
N GLY A 796 -5.51 9.81 -35.18
CA GLY A 796 -4.25 9.17 -35.49
C GLY A 796 -4.25 8.65 -36.92
N ASN A 797 -3.11 8.06 -37.29
CA ASN A 797 -2.99 7.41 -38.59
C ASN A 797 -2.37 6.02 -38.48
N LEU A 798 -2.50 5.37 -37.33
CA LEU A 798 -1.97 4.03 -37.19
C LEU A 798 -2.70 3.09 -38.16
N PRO A 799 -2.08 1.99 -38.56
CA PRO A 799 -2.71 1.13 -39.59
C PRO A 799 -3.96 0.46 -39.05
N GLY A 800 -5.09 0.71 -39.72
CA GLY A 800 -6.31 -0.02 -39.43
C GLY A 800 -6.82 0.13 -38.02
N MET A 801 -6.93 1.35 -37.51
CA MET A 801 -7.47 1.54 -36.18
C MET A 801 -8.98 1.58 -36.15
N ASN A 802 -9.64 1.46 -37.31
CA ASN A 802 -11.09 1.47 -37.36
C ASN A 802 -11.70 0.08 -37.32
N ARG A 803 -10.88 -0.97 -37.26
CA ARG A 803 -11.37 -2.33 -37.29
C ARG A 803 -12.11 -2.67 -35.99
N PRO A 804 -13.00 -3.66 -36.02
CA PRO A 804 -13.85 -3.92 -34.84
C PRO A 804 -13.05 -4.35 -33.63
N LEU A 805 -13.57 -3.98 -32.45
CA LEU A 805 -12.88 -4.22 -31.18
C LEU A 805 -13.33 -5.57 -30.64
N ALA A 806 -12.38 -6.52 -30.61
CA ALA A 806 -12.67 -7.86 -30.12
C ALA A 806 -12.00 -8.10 -28.77
N SER A 807 -12.45 -9.15 -28.09
CA SER A 807 -11.94 -9.52 -26.79
C SER A 807 -11.07 -10.78 -26.89
N THR A 808 -10.49 -11.14 -25.76
CA THR A 808 -9.65 -12.33 -25.68
C THR A 808 -9.82 -12.95 -24.30
N VAL A 809 -9.46 -14.23 -24.20
CA VAL A 809 -9.60 -14.96 -22.94
C VAL A 809 -8.86 -14.27 -21.80
N ASN A 810 -7.90 -13.41 -22.10
CA ASN A 810 -7.09 -12.78 -21.06
C ASN A 810 -7.83 -11.64 -20.36
N ASP A 811 -8.99 -11.24 -20.87
CA ASP A 811 -9.72 -10.11 -20.29
C ASP A 811 -10.61 -10.59 -19.15
N LYS A 812 -11.06 -9.62 -18.34
CA LYS A 812 -11.96 -9.85 -17.21
C LYS A 812 -13.10 -8.86 -17.36
N LEU A 813 -14.21 -9.32 -17.95
CA LEU A 813 -15.26 -8.43 -18.43
C LEU A 813 -16.33 -8.14 -17.39
N GLU A 814 -16.18 -8.60 -16.14
CA GLU A 814 -17.20 -8.40 -15.13
C GLU A 814 -16.53 -8.04 -13.81
N LEU A 815 -17.30 -7.38 -12.94
CA LEU A 815 -16.74 -6.91 -11.66
C LEU A 815 -16.65 -8.03 -10.64
N GLN A 816 -17.26 -9.19 -10.90
CA GLN A 816 -17.13 -10.31 -9.98
C GLN A 816 -15.80 -11.03 -10.12
N GLU A 817 -15.08 -10.80 -11.22
CA GLU A 817 -13.78 -11.42 -11.42
C GLU A 817 -12.63 -10.55 -10.95
N CYS A 818 -12.91 -9.36 -10.41
CA CYS A 818 -11.88 -8.42 -10.01
C CYS A 818 -11.79 -8.25 -8.50
N LEU A 819 -12.69 -8.86 -7.73
CA LEU A 819 -12.68 -8.74 -6.28
C LEU A 819 -11.81 -9.83 -5.66
N GLU A 820 -11.33 -9.56 -4.45
CA GLU A 820 -10.53 -10.52 -3.72
C GLU A 820 -11.42 -11.65 -3.18
N HIS A 821 -10.82 -12.52 -2.37
CA HIS A 821 -11.56 -13.66 -1.84
C HIS A 821 -12.54 -13.21 -0.76
N GLY A 822 -13.78 -13.69 -0.86
CA GLY A 822 -14.77 -13.47 0.17
C GLY A 822 -15.62 -12.23 0.03
N ARG A 823 -15.69 -11.64 -1.16
CA ARG A 823 -16.43 -10.40 -1.39
C ARG A 823 -17.43 -10.60 -2.52
N ILE A 824 -18.53 -9.85 -2.47
CA ILE A 824 -19.63 -9.97 -3.42
C ILE A 824 -19.94 -8.60 -4.00
N ALA A 825 -20.11 -8.53 -5.31
CA ALA A 825 -20.35 -7.27 -6.00
C ALA A 825 -21.84 -6.95 -6.05
N LYS A 826 -22.16 -5.78 -6.61
CA LYS A 826 -23.54 -5.32 -6.72
C LYS A 826 -23.90 -4.88 -8.14
N PHE A 827 -22.92 -4.69 -9.02
CA PHE A 827 -23.17 -4.31 -10.40
C PHE A 827 -22.49 -5.32 -11.32
N SER A 828 -22.45 -4.98 -12.60
CA SER A 828 -21.67 -5.74 -13.57
C SER A 828 -20.48 -4.94 -14.09
N LYS A 829 -20.58 -3.62 -14.11
CA LYS A 829 -19.49 -2.74 -14.50
C LYS A 829 -19.40 -1.59 -13.50
N VAL A 830 -18.19 -1.08 -13.30
CA VAL A 830 -17.98 0.04 -12.38
C VAL A 830 -18.56 1.29 -13.03
N ARG A 831 -19.53 1.91 -12.37
CA ARG A 831 -20.32 2.96 -13.01
C ARG A 831 -19.41 4.06 -13.55
N THR A 832 -18.70 4.74 -12.66
CA THR A 832 -17.82 5.82 -13.09
C THR A 832 -16.83 6.17 -11.99
N ILE A 833 -15.55 5.96 -12.26
CA ILE A 833 -14.48 6.31 -11.34
C ILE A 833 -13.59 7.35 -12.00
N THR A 834 -13.35 8.45 -11.30
CA THR A 834 -12.49 9.52 -11.78
C THR A 834 -11.58 9.93 -10.64
N THR A 835 -10.86 11.04 -10.83
CA THR A 835 -9.95 11.51 -9.78
C THR A 835 -10.69 11.78 -8.47
N ARG A 836 -11.94 12.22 -8.56
CA ARG A 836 -12.71 12.53 -7.37
C ARG A 836 -12.93 11.27 -6.53
N SER A 837 -12.73 11.38 -5.21
CA SER A 837 -12.81 10.23 -4.34
C SER A 837 -14.21 9.62 -4.35
N ASN A 838 -15.24 10.48 -4.33
CA ASN A 838 -16.62 10.00 -4.25
C ASN A 838 -17.05 9.23 -5.49
N SER A 839 -16.26 9.29 -6.57
CA SER A 839 -16.62 8.56 -7.78
C SER A 839 -16.71 7.05 -7.53
N ILE A 840 -16.02 6.53 -6.51
CA ILE A 840 -16.13 5.11 -6.20
C ILE A 840 -17.47 4.81 -5.54
N LYS A 841 -18.08 5.79 -4.89
CA LYS A 841 -19.38 5.60 -4.25
C LYS A 841 -20.47 5.60 -5.32
N GLN A 842 -20.64 4.48 -6.02
CA GLN A 842 -21.51 4.44 -7.17
C GLN A 842 -22.97 4.31 -6.75
N GLY A 843 -23.87 4.58 -7.70
CA GLY A 843 -25.29 4.39 -7.49
C GLY A 843 -25.93 5.46 -6.63
N LYS A 844 -27.25 5.45 -6.62
CA LYS A 844 -28.00 6.38 -5.78
C LYS A 844 -27.85 6.00 -4.31
N ASP A 845 -28.02 7.00 -3.45
CA ASP A 845 -27.67 6.89 -2.04
C ASP A 845 -26.16 6.74 -1.85
N GLN A 846 -25.40 6.96 -2.91
CA GLN A 846 -23.95 6.84 -2.87
C GLN A 846 -23.54 5.46 -2.36
N HIS A 847 -23.93 4.43 -3.10
CA HIS A 847 -23.65 3.07 -2.67
C HIS A 847 -22.15 2.78 -2.73
N PHE A 848 -21.72 1.88 -1.84
CA PHE A 848 -20.40 1.25 -1.94
C PHE A 848 -20.54 -0.04 -2.71
N PRO A 849 -19.78 -0.24 -3.79
CA PRO A 849 -20.13 -1.27 -4.78
C PRO A 849 -19.84 -2.70 -4.34
N VAL A 850 -19.48 -2.97 -3.08
CA VAL A 850 -19.08 -4.31 -2.66
C VAL A 850 -19.81 -4.69 -1.39
N PHE A 851 -20.20 -5.96 -1.30
CA PHE A 851 -20.73 -6.56 -0.09
C PHE A 851 -19.69 -7.47 0.55
N MET A 852 -19.52 -7.33 1.86
CA MET A 852 -18.58 -8.16 2.61
C MET A 852 -19.14 -8.38 4.00
N ASN A 853 -19.38 -9.63 4.37
CA ASN A 853 -20.00 -9.96 5.65
C ASN A 853 -21.30 -9.18 5.84
N GLU A 854 -22.10 -9.15 4.77
CA GLU A 854 -23.35 -8.40 4.72
C GLU A 854 -23.17 -6.94 5.10
N LYS A 855 -22.11 -6.29 4.64
CA LYS A 855 -21.85 -4.88 4.90
C LYS A 855 -21.30 -4.23 3.65
N GLU A 856 -21.40 -2.90 3.59
CA GLU A 856 -20.99 -2.16 2.40
C GLU A 856 -19.54 -1.71 2.53
N ASP A 857 -18.77 -1.90 1.47
CA ASP A 857 -17.35 -1.60 1.47
C ASP A 857 -16.96 -1.07 0.09
N ILE A 858 -15.87 -0.31 0.05
CA ILE A 858 -15.42 0.30 -1.19
C ILE A 858 -14.34 -0.58 -1.79
N LEU A 859 -14.06 -0.38 -3.08
CA LEU A 859 -13.02 -1.17 -3.75
C LEU A 859 -11.64 -0.80 -3.20
N TRP A 860 -10.79 -1.82 -3.07
CA TRP A 860 -9.39 -1.62 -2.71
C TRP A 860 -8.58 -1.30 -3.96
N CYS A 861 -7.37 -0.78 -3.75
CA CYS A 861 -6.51 -0.44 -4.87
C CYS A 861 -6.14 -1.68 -5.68
N THR A 862 -5.91 -2.80 -5.00
CA THR A 862 -5.56 -4.04 -5.69
C THR A 862 -6.71 -4.58 -6.53
N GLU A 863 -7.92 -4.04 -6.38
CA GLU A 863 -9.06 -4.38 -7.22
C GLU A 863 -9.23 -3.41 -8.37
N MET A 864 -8.97 -2.12 -8.14
CA MET A 864 -8.97 -1.15 -9.24
C MET A 864 -7.88 -1.48 -10.25
N GLU A 865 -6.73 -1.94 -9.78
CA GLU A 865 -5.66 -2.29 -10.72
C GLU A 865 -6.11 -3.38 -11.68
N ARG A 866 -6.81 -4.39 -11.18
CA ARG A 866 -7.35 -5.41 -12.06
C ARG A 866 -8.44 -4.83 -12.96
N VAL A 867 -9.27 -3.94 -12.41
CA VAL A 867 -10.35 -3.34 -13.19
C VAL A 867 -9.79 -2.64 -14.43
N PHE A 868 -8.68 -1.93 -14.28
CA PHE A 868 -8.11 -1.15 -15.37
C PHE A 868 -7.11 -1.94 -16.22
N GLY A 869 -6.90 -3.22 -15.92
CA GLY A 869 -6.04 -4.05 -16.73
C GLY A 869 -4.56 -4.05 -16.37
N PHE A 870 -4.16 -3.26 -15.37
CA PHE A 870 -2.76 -3.23 -14.98
C PHE A 870 -2.38 -4.53 -14.28
N PRO A 871 -1.08 -4.86 -14.22
CA PRO A 871 -0.65 -5.98 -13.37
C PRO A 871 -0.88 -5.63 -11.90
N VAL A 872 -1.04 -6.67 -11.09
CA VAL A 872 -1.36 -6.46 -9.68
C VAL A 872 -0.13 -5.91 -8.96
N HIS A 873 -0.36 -4.95 -8.05
CA HIS A 873 0.67 -4.28 -7.28
C HIS A 873 1.56 -3.38 -8.13
N TYR A 874 1.08 -2.91 -9.28
CA TYR A 874 1.90 -2.06 -10.13
C TYR A 874 2.24 -0.74 -9.45
N THR A 875 1.25 -0.12 -8.80
CA THR A 875 1.42 1.20 -8.23
C THR A 875 1.78 1.16 -6.75
N ASP A 876 2.45 0.12 -6.29
CA ASP A 876 2.86 -0.01 -4.88
C ASP A 876 4.32 0.41 -4.76
N VAL A 877 4.54 1.71 -4.61
CA VAL A 877 5.89 2.28 -4.60
C VAL A 877 5.91 3.57 -3.79
N SER A 878 6.93 3.68 -2.94
CA SER A 878 7.32 4.95 -2.35
C SER A 878 6.33 5.48 -1.31
N ASN A 879 5.78 4.60 -0.48
CA ASN A 879 4.97 5.02 0.66
C ASN A 879 3.92 6.05 0.25
N MET A 880 3.20 5.78 -0.85
CA MET A 880 2.12 6.67 -1.25
C MET A 880 0.88 6.40 -0.41
N SER A 881 0.20 7.47 -0.01
CA SER A 881 -1.11 7.31 0.60
C SER A 881 -2.08 6.75 -0.43
N ARG A 882 -3.05 5.95 0.06
CA ARG A 882 -3.91 5.22 -0.86
C ARG A 882 -4.77 6.16 -1.70
N LEU A 883 -5.02 7.38 -1.22
CA LEU A 883 -5.72 8.35 -2.05
C LEU A 883 -4.91 8.71 -3.29
N ALA A 884 -3.59 8.86 -3.15
CA ALA A 884 -2.75 9.13 -4.30
C ALA A 884 -2.79 7.97 -5.29
N ARG A 885 -2.77 6.73 -4.78
CA ARG A 885 -2.90 5.58 -5.66
C ARG A 885 -4.22 5.60 -6.42
N GLN A 886 -5.31 5.94 -5.73
CA GLN A 886 -6.61 6.02 -6.38
C GLN A 886 -6.60 7.05 -7.50
N ARG A 887 -6.04 8.23 -7.22
CA ARG A 887 -5.99 9.26 -8.26
C ARG A 887 -5.13 8.81 -9.44
N LEU A 888 -3.96 8.24 -9.17
CA LEU A 888 -3.10 7.79 -10.25
C LEU A 888 -3.82 6.81 -11.15
N LEU A 889 -4.52 5.85 -10.55
CA LEU A 889 -5.21 4.85 -11.35
C LEU A 889 -6.40 5.45 -12.10
N GLY A 890 -7.05 6.43 -11.49
CA GLY A 890 -8.18 7.07 -12.15
C GLY A 890 -7.78 7.86 -13.38
N ARG A 891 -6.66 8.57 -13.32
CA ARG A 891 -6.26 9.42 -14.43
C ARG A 891 -5.75 8.63 -15.64
N SER A 892 -5.36 7.37 -15.45
CA SER A 892 -4.60 6.68 -16.47
C SER A 892 -5.48 6.22 -17.62
N TRP A 893 -4.83 5.75 -18.68
CA TRP A 893 -5.48 5.13 -19.82
C TRP A 893 -5.88 3.70 -19.47
N SER A 894 -6.51 3.03 -20.44
CA SER A 894 -6.89 1.63 -20.29
C SER A 894 -5.95 0.75 -21.12
N VAL A 895 -5.35 -0.25 -20.49
CA VAL A 895 -4.34 -1.05 -21.17
C VAL A 895 -4.90 -1.79 -22.38
N PRO A 896 -6.03 -2.50 -22.30
CA PRO A 896 -6.48 -3.28 -23.46
C PRO A 896 -6.79 -2.42 -24.70
N VAL A 897 -7.30 -1.20 -24.51
CA VAL A 897 -7.57 -0.33 -25.66
C VAL A 897 -6.27 0.04 -26.35
N ILE A 898 -5.26 0.43 -25.58
CA ILE A 898 -3.98 0.82 -26.16
C ILE A 898 -3.32 -0.36 -26.82
N ARG A 899 -3.46 -1.55 -26.25
CA ARG A 899 -2.92 -2.75 -26.91
C ARG A 899 -3.63 -2.99 -28.24
N HIS A 900 -4.95 -2.83 -28.26
CA HIS A 900 -5.69 -2.93 -29.52
C HIS A 900 -5.12 -1.98 -30.56
N LEU A 901 -4.90 -0.73 -30.17
CA LEU A 901 -4.42 0.27 -31.13
C LEU A 901 -3.01 -0.04 -31.61
N PHE A 902 -2.13 -0.48 -30.71
CA PHE A 902 -0.72 -0.65 -31.06
C PHE A 902 -0.45 -1.98 -31.75
N ALA A 903 -1.38 -2.93 -31.70
CA ALA A 903 -1.12 -4.27 -32.20
C ALA A 903 -0.52 -4.30 -33.61
N PRO A 904 -1.02 -3.49 -34.55
CA PRO A 904 -0.51 -3.61 -35.93
C PRO A 904 0.96 -3.23 -36.10
N LEU A 905 1.56 -2.51 -35.15
CA LEU A 905 2.91 -1.99 -35.35
C LEU A 905 3.95 -3.09 -35.53
N LYS A 906 3.63 -4.33 -35.16
CA LYS A 906 4.62 -5.40 -35.22
C LYS A 906 5.11 -5.65 -36.64
N GLU A 907 4.40 -5.18 -37.65
CA GLU A 907 4.79 -5.42 -39.03
C GLU A 907 5.83 -4.45 -39.54
N TYR A 908 6.25 -3.49 -38.72
CA TYR A 908 7.11 -2.40 -39.17
C TYR A 908 8.41 -2.29 -38.40
N PHE A 909 8.45 -2.76 -37.15
CA PHE A 909 9.63 -2.66 -36.31
C PHE A 909 9.98 -4.02 -35.74
N ALA A 910 11.24 -4.19 -35.38
CA ALA A 910 11.74 -5.48 -34.93
C ALA A 910 10.95 -5.96 -33.71
N CYS A 911 11.16 -7.23 -33.36
CA CYS A 911 10.49 -7.87 -32.23
C CYS A 911 11.51 -8.60 -31.37
N VAL A 912 11.26 -8.61 -30.07
CA VAL A 912 12.19 -9.22 -29.12
C VAL A 912 12.48 -10.67 -29.49
N GLY B 8 -5.77 58.37 -26.48
CA GLY B 8 -6.86 57.59 -27.14
C GLY B 8 -7.67 56.78 -26.15
N GLU B 9 -7.83 55.49 -26.42
CA GLU B 9 -8.58 54.59 -25.55
C GLU B 9 -7.88 53.23 -25.55
N ALA B 10 -7.15 52.95 -24.48
CA ALA B 10 -6.45 51.67 -24.36
C ALA B 10 -7.44 50.57 -23.98
N VAL B 11 -7.18 49.37 -24.49
CA VAL B 11 -8.00 48.19 -24.20
C VAL B 11 -7.22 47.32 -23.22
N THR B 12 -7.88 46.94 -22.13
CA THR B 12 -7.21 46.29 -21.02
C THR B 12 -7.11 44.77 -21.17
N ASP B 13 -7.83 44.17 -22.11
CA ASP B 13 -7.83 42.72 -22.26
C ASP B 13 -7.46 42.35 -23.69
N HIS B 14 -6.91 41.16 -23.85
CA HIS B 14 -6.42 40.70 -25.14
C HIS B 14 -7.01 39.35 -25.48
N PRO B 15 -7.15 39.04 -26.78
CA PRO B 15 -7.62 37.71 -27.17
C PRO B 15 -6.65 36.62 -26.74
N ASP B 16 -7.18 35.43 -26.48
CA ASP B 16 -6.33 34.32 -26.07
C ASP B 16 -5.78 33.53 -27.24
N ARG B 17 -6.39 33.62 -28.43
CA ARG B 17 -5.97 32.78 -29.54
C ARG B 17 -6.25 33.49 -30.85
N LEU B 18 -5.68 32.97 -31.93
CA LEU B 18 -5.97 33.43 -33.28
C LEU B 18 -5.80 32.24 -34.22
N TRP B 19 -6.90 31.59 -34.57
CA TRP B 19 -6.89 30.42 -35.42
C TRP B 19 -7.16 30.82 -36.87
N ALA B 20 -6.39 30.25 -37.80
CA ALA B 20 -6.50 30.61 -39.21
C ALA B 20 -7.71 29.96 -39.87
N TRP B 21 -8.79 30.73 -40.05
CA TRP B 21 -10.01 30.21 -40.68
C TRP B 21 -9.88 30.19 -42.20
N GLU B 22 -9.54 31.33 -42.80
CA GLU B 22 -9.24 31.42 -44.22
C GLU B 22 -7.91 32.11 -44.39
N LYS B 23 -7.48 32.26 -45.63
CA LYS B 23 -6.30 33.07 -45.91
C LYS B 23 -6.58 34.52 -45.55
N PHE B 24 -5.83 35.04 -44.58
CA PHE B 24 -5.98 36.41 -44.11
C PHE B 24 -7.27 36.61 -43.31
N VAL B 25 -7.70 35.58 -42.56
CA VAL B 25 -8.79 35.72 -41.60
C VAL B 25 -8.44 34.88 -40.38
N TYR B 26 -8.67 35.43 -39.18
CA TYR B 26 -8.28 34.80 -37.93
C TYR B 26 -9.40 34.96 -36.91
N LEU B 27 -9.76 33.86 -36.24
CA LEU B 27 -10.85 33.82 -35.27
C LEU B 27 -10.29 33.54 -33.89
N ASP B 28 -10.63 34.38 -32.92
CA ASP B 28 -10.13 34.19 -31.57
C ASP B 28 -11.02 33.17 -30.84
N GLU B 29 -10.91 33.12 -29.51
CA GLU B 29 -11.63 32.10 -28.76
C GLU B 29 -13.14 32.35 -28.73
N LYS B 30 -13.59 33.57 -29.03
CA LYS B 30 -15.01 33.90 -29.05
C LYS B 30 -15.54 34.08 -30.47
N GLN B 31 -14.89 33.46 -31.46
CA GLN B 31 -15.32 33.46 -32.85
C GLN B 31 -15.48 34.86 -33.44
N HIS B 32 -14.56 35.78 -33.11
CA HIS B 32 -14.54 37.09 -33.73
C HIS B 32 -13.43 37.15 -34.77
N ALA B 33 -13.73 37.78 -35.90
CA ALA B 33 -12.81 37.78 -37.04
C ALA B 33 -11.87 38.97 -36.96
N TRP B 34 -10.57 38.70 -36.98
CA TRP B 34 -9.53 39.71 -37.08
C TRP B 34 -8.80 39.52 -38.41
N LEU B 35 -8.51 40.62 -39.10
CA LEU B 35 -7.86 40.55 -40.40
C LEU B 35 -6.53 41.28 -40.40
N PRO B 36 -5.48 40.72 -41.03
CA PRO B 36 -4.23 41.46 -41.16
C PRO B 36 -4.29 42.50 -42.27
N LEU B 37 -4.33 43.78 -41.90
CA LEU B 37 -4.50 44.83 -42.90
C LEU B 37 -3.18 45.26 -43.51
N THR B 38 -2.10 45.28 -42.72
CA THR B 38 -0.81 45.76 -43.20
C THR B 38 0.30 45.02 -42.48
N ILE B 39 1.41 44.83 -43.18
CA ILE B 39 2.61 44.21 -42.63
C ILE B 39 3.80 45.11 -42.91
N GLU B 40 4.58 45.40 -41.87
CA GLU B 40 5.77 46.24 -41.99
C GLU B 40 7.02 45.35 -41.90
N ILE B 41 7.98 45.59 -42.79
CA ILE B 41 9.15 44.73 -42.89
C ILE B 41 10.41 45.57 -42.71
N LYS B 42 10.91 45.64 -41.48
CA LYS B 42 12.14 46.39 -41.23
C LYS B 42 13.36 45.66 -41.74
N ASP B 43 13.60 44.45 -41.26
CA ASP B 43 14.76 43.66 -41.64
C ASP B 43 14.38 42.19 -41.55
N ARG B 44 15.33 41.33 -41.93
CA ARG B 44 15.03 39.90 -42.02
C ARG B 44 14.47 39.35 -40.72
N LEU B 45 15.00 39.80 -39.58
CA LEU B 45 14.59 39.28 -38.28
C LEU B 45 13.57 40.16 -37.58
N GLN B 46 12.97 41.13 -38.28
CA GLN B 46 12.01 42.04 -37.68
C GLN B 46 10.79 42.11 -38.60
N LEU B 47 9.63 41.78 -38.05
CA LEU B 47 8.37 41.77 -38.79
C LEU B 47 7.27 42.30 -37.89
N ARG B 48 6.35 43.08 -38.45
CA ARG B 48 5.23 43.64 -37.71
C ARG B 48 3.95 43.44 -38.50
N VAL B 49 2.88 43.04 -37.80
CA VAL B 49 1.59 42.77 -38.42
C VAL B 49 0.54 43.60 -37.70
N LEU B 50 -0.36 44.22 -38.46
CA LEU B 50 -1.42 45.05 -37.91
C LEU B 50 -2.74 44.31 -38.06
N LEU B 51 -3.36 43.97 -36.93
CA LEU B 51 -4.61 43.23 -36.91
C LEU B 51 -5.74 44.15 -36.49
N ARG B 52 -6.85 44.12 -37.24
CA ARG B 52 -8.03 44.93 -36.95
C ARG B 52 -9.25 44.02 -36.90
N ARG B 53 -10.22 44.40 -36.07
CA ARG B 53 -11.40 43.57 -35.83
C ARG B 53 -12.54 44.03 -36.73
N GLU B 54 -12.97 43.15 -37.64
CA GLU B 54 -14.06 43.44 -38.55
C GLU B 54 -15.07 42.30 -38.49
N ASP B 55 -16.35 42.64 -38.63
CA ASP B 55 -17.43 41.66 -38.60
C ASP B 55 -17.80 41.34 -40.05
N VAL B 56 -17.15 40.32 -40.61
CA VAL B 56 -17.32 39.94 -42.00
C VAL B 56 -18.10 38.64 -42.07
N VAL B 57 -18.72 38.39 -43.21
CA VAL B 57 -19.47 37.16 -43.45
C VAL B 57 -18.49 36.05 -43.79
N LEU B 58 -18.26 35.14 -42.86
CA LEU B 58 -17.30 34.07 -43.06
C LEU B 58 -17.77 33.13 -44.16
N GLY B 59 -16.82 32.65 -44.97
CA GLY B 59 -17.12 31.69 -46.01
C GLY B 59 -17.00 30.26 -45.52
N ARG B 60 -16.10 29.48 -46.14
CA ARG B 60 -15.83 28.13 -45.70
C ARG B 60 -14.51 28.07 -44.93
N PRO B 61 -14.38 27.14 -43.97
CA PRO B 61 -13.08 26.91 -43.37
C PRO B 61 -12.17 26.11 -44.30
N MET B 62 -10.87 26.30 -44.12
CA MET B 62 -9.86 25.68 -44.96
C MET B 62 -8.86 24.90 -44.12
N THR B 63 -8.33 23.84 -44.71
CA THR B 63 -7.27 23.10 -44.07
C THR B 63 -5.94 23.85 -44.20
N PRO B 64 -4.98 23.59 -43.33
CA PRO B 64 -3.68 24.26 -43.45
C PRO B 64 -3.02 24.03 -44.79
N THR B 65 -3.28 22.88 -45.42
CA THR B 65 -2.72 22.63 -46.75
C THR B 65 -3.28 23.59 -47.78
N GLN B 66 -4.59 23.90 -47.70
CA GLN B 66 -5.21 24.79 -48.66
C GLN B 66 -4.94 26.26 -48.39
N ILE B 67 -4.62 26.63 -47.15
CA ILE B 67 -4.20 28.00 -46.88
C ILE B 67 -2.89 28.29 -47.59
N GLY B 68 -1.99 27.31 -47.67
CA GLY B 68 -0.76 27.46 -48.41
C GLY B 68 0.28 28.22 -47.62
N PRO B 69 1.48 28.36 -48.20
CA PRO B 69 2.56 29.08 -47.52
C PRO B 69 2.18 30.53 -47.27
N SER B 70 2.65 31.07 -46.14
CA SER B 70 2.37 32.44 -45.75
C SER B 70 3.34 32.88 -44.66
N LEU B 71 3.65 34.18 -44.65
CA LEU B 71 4.54 34.71 -43.63
C LEU B 71 3.95 34.56 -42.24
N LEU B 72 2.65 34.79 -42.08
CA LEU B 72 2.02 34.72 -40.78
C LEU B 72 1.86 33.26 -40.35
N PRO B 73 1.83 32.99 -39.04
CA PRO B 73 1.61 31.61 -38.59
C PRO B 73 0.16 31.21 -38.71
N ILE B 74 -0.09 29.92 -38.43
CA ILE B 74 -1.44 29.37 -38.53
C ILE B 74 -2.17 29.46 -37.20
N MET B 75 -1.49 29.81 -36.12
CA MET B 75 -2.11 29.76 -34.81
C MET B 75 -1.25 30.50 -33.81
N TRP B 76 -1.86 31.41 -33.05
CA TRP B 76 -1.20 32.15 -31.98
C TRP B 76 -1.79 31.71 -30.65
N GLN B 77 -1.01 31.83 -29.59
CA GLN B 77 -1.46 31.48 -28.25
C GLN B 77 -0.85 32.43 -27.25
N LEU B 78 -1.66 32.86 -26.27
CA LEU B 78 -1.23 33.86 -25.30
C LEU B 78 -0.47 33.17 -24.17
N TYR B 79 0.85 33.10 -24.30
CA TYR B 79 1.69 32.60 -23.23
C TYR B 79 1.70 33.60 -22.09
N PRO B 80 2.08 33.18 -20.89
CA PRO B 80 2.15 34.13 -19.78
C PRO B 80 3.11 35.26 -20.08
N ASP B 81 2.99 36.34 -19.31
CA ASP B 81 3.81 37.53 -19.46
C ASP B 81 3.46 38.32 -20.71
N GLY B 82 2.31 38.06 -21.31
CA GLY B 82 1.89 38.82 -22.47
C GLY B 82 2.75 38.64 -23.69
N ARG B 83 3.18 37.42 -23.98
CA ARG B 83 3.92 37.10 -25.18
C ARG B 83 3.20 36.00 -25.95
N TYR B 84 3.08 36.18 -27.26
CA TYR B 84 2.34 35.26 -28.11
C TYR B 84 3.32 34.35 -28.83
N ARG B 85 3.18 33.04 -28.60
CA ARG B 85 4.02 32.05 -29.25
C ARG B 85 3.27 31.47 -30.45
N SER B 86 3.93 31.42 -31.60
CA SER B 86 3.33 30.89 -32.80
C SER B 86 3.62 29.40 -32.93
N SER B 87 2.94 28.77 -33.89
CA SER B 87 3.08 27.33 -34.08
C SER B 87 4.45 26.96 -34.66
N ASP B 88 5.22 27.94 -35.10
CA ASP B 88 6.58 27.69 -35.57
C ASP B 88 7.62 27.81 -34.46
N SER B 89 7.17 28.02 -33.22
CA SER B 89 7.98 28.06 -32.01
C SER B 89 8.65 29.41 -31.77
N SER B 90 8.42 30.41 -32.61
CA SER B 90 8.98 31.73 -32.38
C SER B 90 8.19 32.45 -31.30
N PHE B 91 8.53 33.71 -31.06
CA PHE B 91 7.87 34.53 -30.06
C PHE B 91 7.51 35.90 -30.63
N TRP B 92 6.41 36.46 -30.14
CA TRP B 92 5.92 37.76 -30.58
C TRP B 92 5.57 38.61 -29.36
N ARG B 93 5.63 39.92 -29.53
CA ARG B 93 5.43 40.88 -28.44
C ARG B 93 4.27 41.82 -28.77
N LEU B 94 3.46 42.11 -27.77
CA LEU B 94 2.30 42.98 -27.93
C LEU B 94 2.72 44.42 -27.69
N VAL B 95 2.55 45.27 -28.69
CA VAL B 95 2.98 46.67 -28.60
C VAL B 95 1.88 47.54 -27.99
N TYR B 96 0.72 47.61 -28.63
CA TYR B 96 -0.36 48.46 -28.15
C TYR B 96 -1.69 47.79 -28.48
N HIS B 97 -2.73 48.20 -27.74
CA HIS B 97 -4.06 47.62 -27.92
C HIS B 97 -5.07 48.71 -27.57
N ILE B 98 -5.72 49.28 -28.59
CA ILE B 98 -6.47 50.52 -28.45
C ILE B 98 -7.86 50.36 -29.06
N LYS B 99 -8.70 51.37 -28.81
CA LYS B 99 -10.04 51.47 -29.38
C LYS B 99 -10.21 52.85 -30.00
N ILE B 100 -10.76 52.89 -31.21
CA ILE B 100 -10.96 54.15 -31.92
C ILE B 100 -12.39 54.23 -32.44
N ASP B 101 -13.27 54.87 -31.68
CA ASP B 101 -14.67 55.02 -32.07
C ASP B 101 -15.26 53.68 -32.50
N GLY B 102 -14.97 52.63 -31.73
CA GLY B 102 -15.46 51.31 -32.02
C GLY B 102 -14.48 50.43 -32.79
N VAL B 103 -13.47 51.01 -33.41
CA VAL B 103 -12.48 50.22 -34.14
C VAL B 103 -11.40 49.78 -33.16
N GLU B 104 -11.20 48.47 -33.05
CA GLU B 104 -10.22 47.88 -32.15
C GLU B 104 -9.04 47.39 -32.99
N ASP B 105 -7.83 47.74 -32.57
CA ASP B 105 -6.62 47.41 -33.30
C ASP B 105 -5.59 46.78 -32.38
N MET B 106 -4.78 45.89 -32.95
CA MET B 106 -3.73 45.19 -32.22
C MET B 106 -2.49 45.15 -33.09
N LEU B 107 -1.33 45.09 -32.45
CA LEU B 107 -0.05 45.05 -33.14
C LEU B 107 0.83 43.98 -32.50
N LEU B 108 1.53 43.20 -33.32
CA LEU B 108 2.47 42.20 -32.87
C LEU B 108 3.80 42.39 -33.58
N GLU B 109 4.89 42.32 -32.82
CA GLU B 109 6.24 42.54 -33.32
C GLU B 109 7.10 41.32 -33.01
N LEU B 110 7.79 40.80 -34.02
CA LEU B 110 8.58 39.60 -33.84
C LEU B 110 9.78 39.88 -32.95
N LEU B 111 10.31 38.84 -32.32
CA LEU B 111 11.51 38.97 -31.49
C LEU B 111 12.62 38.07 -32.03
N PRO B 112 13.89 38.43 -31.84
CA PRO B 112 14.97 37.61 -32.38
C PRO B 112 15.11 36.29 -31.62
N ASP B 113 15.69 35.30 -32.28
CA ASP B 113 15.89 33.98 -31.69
C ASP B 113 17.22 33.90 -30.96
N GLY C 8 8.16 66.00 -57.33
CA GLY C 8 8.20 64.53 -57.58
C GLY C 8 8.46 64.20 -59.05
N GLU C 9 9.51 63.44 -59.30
CA GLU C 9 9.90 63.10 -60.66
C GLU C 9 9.20 61.82 -61.11
N ALA C 10 8.54 61.87 -62.26
CA ALA C 10 8.03 60.66 -62.89
C ALA C 10 9.13 59.97 -63.67
N VAL C 11 9.39 58.72 -63.32
CA VAL C 11 10.55 58.00 -63.80
C VAL C 11 10.09 56.83 -64.67
N THR C 12 10.67 56.73 -65.87
CA THR C 12 10.40 55.63 -66.78
C THR C 12 11.39 54.47 -66.61
N ASP C 13 12.34 54.61 -65.69
CA ASP C 13 13.24 53.50 -65.39
C ASP C 13 12.41 52.27 -65.00
N HIS C 14 12.72 51.15 -65.62
CA HIS C 14 11.83 49.99 -65.57
C HIS C 14 12.64 48.70 -65.47
N PRO C 15 12.77 48.11 -64.29
CA PRO C 15 13.60 46.90 -64.16
C PRO C 15 13.02 45.74 -64.95
N ASP C 16 13.88 45.14 -65.80
CA ASP C 16 13.41 44.07 -66.66
C ASP C 16 13.27 42.75 -65.91
N ARG C 17 14.21 42.45 -65.02
CA ARG C 17 14.17 41.20 -64.26
C ARG C 17 14.74 41.44 -62.87
N LEU C 18 14.04 40.91 -61.87
CA LEU C 18 14.45 41.03 -60.47
C LEU C 18 14.63 39.62 -59.91
N TRP C 19 15.81 39.35 -59.36
CA TRP C 19 16.14 38.04 -58.81
C TRP C 19 16.40 38.17 -57.32
N ALA C 20 15.97 37.17 -56.56
CA ALA C 20 16.09 37.21 -55.11
C ALA C 20 17.44 36.67 -54.66
N TRP C 21 18.34 37.56 -54.27
CA TRP C 21 19.64 37.17 -53.71
C TRP C 21 19.50 36.69 -52.28
N GLU C 22 18.62 37.31 -51.50
CA GLU C 22 18.31 36.88 -50.15
C GLU C 22 16.86 37.24 -49.85
N LYS C 23 16.33 36.68 -48.76
CA LYS C 23 14.97 36.98 -48.35
C LYS C 23 14.82 38.48 -48.15
N PHE C 24 13.76 39.04 -48.73
CA PHE C 24 13.52 40.49 -48.71
C PHE C 24 14.63 41.27 -49.42
N VAL C 25 15.40 40.62 -50.29
CA VAL C 25 16.45 41.27 -51.05
C VAL C 25 16.35 40.80 -52.49
N TYR C 26 16.25 41.75 -53.42
CA TYR C 26 16.10 41.45 -54.84
C TYR C 26 17.15 42.23 -55.63
N LEU C 27 17.70 41.59 -56.66
CA LEU C 27 18.72 42.18 -57.50
C LEU C 27 18.20 42.32 -58.93
N ASP C 28 18.32 43.53 -59.47
CA ASP C 28 17.93 43.82 -60.84
C ASP C 28 19.04 43.35 -61.79
N GLU C 29 18.74 43.29 -63.09
CA GLU C 29 19.75 42.92 -64.07
C GLU C 29 21.00 43.77 -63.95
N LYS C 30 20.87 44.99 -63.41
CA LYS C 30 22.02 45.86 -63.15
C LYS C 30 22.66 45.57 -61.80
N GLN C 31 22.25 44.49 -61.12
CA GLN C 31 22.83 44.05 -59.85
C GLN C 31 22.50 45.01 -58.71
N HIS C 32 21.74 46.07 -58.98
CA HIS C 32 21.34 47.00 -57.94
C HIS C 32 20.23 46.40 -57.08
N ALA C 33 20.35 46.59 -55.77
CA ALA C 33 19.44 45.96 -54.82
C ALA C 33 18.13 46.74 -54.73
N TRP C 34 17.03 46.00 -54.56
CA TRP C 34 15.72 46.56 -54.31
C TRP C 34 15.15 45.95 -53.04
N LEU C 35 14.65 46.78 -52.12
CA LEU C 35 14.19 46.32 -50.82
C LEU C 35 12.68 46.48 -50.71
N PRO C 36 11.90 45.39 -50.61
CA PRO C 36 10.47 45.52 -50.36
C PRO C 36 10.20 45.85 -48.89
N LEU C 37 9.51 46.95 -48.66
CA LEU C 37 9.34 47.46 -47.29
C LEU C 37 8.03 47.05 -46.65
N THR C 38 6.90 47.25 -47.32
CA THR C 38 5.61 47.00 -46.68
C THR C 38 4.68 46.27 -47.64
N ILE C 39 3.71 45.57 -47.07
CA ILE C 39 2.66 44.87 -47.80
C ILE C 39 1.32 45.32 -47.24
N GLU C 40 0.42 45.74 -48.12
CA GLU C 40 -0.89 46.24 -47.74
C GLU C 40 -1.96 45.38 -48.40
N ILE C 41 -2.99 45.02 -47.64
CA ILE C 41 -4.03 44.12 -48.10
C ILE C 41 -5.37 44.82 -47.92
N LYS C 42 -6.05 45.08 -49.03
CA LYS C 42 -7.41 45.61 -49.04
C LYS C 42 -8.45 44.52 -49.31
N ASP C 43 -8.12 43.58 -50.20
CA ASP C 43 -8.99 42.47 -50.52
C ASP C 43 -8.13 41.23 -50.73
N ARG C 44 -8.76 40.06 -50.65
CA ARG C 44 -8.04 38.81 -50.79
C ARG C 44 -7.25 38.75 -52.09
N LEU C 45 -7.77 39.35 -53.16
CA LEU C 45 -7.07 39.41 -54.43
C LEU C 45 -6.33 40.74 -54.64
N GLN C 46 -6.35 41.62 -53.65
CA GLN C 46 -5.71 42.94 -53.73
C GLN C 46 -4.59 42.99 -52.71
N LEU C 47 -3.40 42.56 -53.13
CA LEU C 47 -2.20 42.61 -52.31
C LEU C 47 -1.11 43.37 -53.06
N ARG C 48 -0.66 44.48 -52.48
CA ARG C 48 0.33 45.33 -53.11
C ARG C 48 1.55 45.46 -52.20
N VAL C 49 2.72 45.56 -52.82
CA VAL C 49 3.99 45.60 -52.12
C VAL C 49 4.82 46.76 -52.66
N LEU C 50 5.46 47.50 -51.75
CA LEU C 50 6.27 48.66 -52.10
C LEU C 50 7.72 48.24 -52.21
N LEU C 51 8.35 48.55 -53.34
CA LEU C 51 9.77 48.25 -53.57
C LEU C 51 10.56 49.55 -53.60
N ARG C 52 11.76 49.52 -53.02
CA ARG C 52 12.61 50.69 -52.92
C ARG C 52 14.03 50.35 -53.37
N ARG C 53 14.63 51.26 -54.14
CA ARG C 53 16.01 51.08 -54.59
C ARG C 53 16.98 51.51 -53.51
N GLU C 54 18.02 50.71 -53.30
CA GLU C 54 19.00 50.98 -52.26
C GLU C 54 20.37 50.48 -52.69
N ASP C 55 21.39 50.99 -52.03
CA ASP C 55 22.78 50.60 -52.26
C ASP C 55 23.34 50.11 -50.93
N VAL C 56 23.18 48.81 -50.67
CA VAL C 56 23.58 48.21 -49.40
C VAL C 56 24.45 47.00 -49.69
N VAL C 57 25.17 46.55 -48.66
CA VAL C 57 26.10 45.43 -48.80
C VAL C 57 25.27 44.14 -48.90
N LEU C 58 25.49 43.38 -49.97
CA LEU C 58 24.77 42.13 -50.15
C LEU C 58 25.40 41.02 -49.34
N GLY C 59 24.57 40.19 -48.72
CA GLY C 59 25.04 39.09 -47.92
C GLY C 59 25.24 37.83 -48.74
N ARG C 60 25.44 36.72 -48.04
CA ARG C 60 25.62 35.45 -48.71
C ARG C 60 24.32 35.03 -49.39
N PRO C 61 24.37 34.41 -50.57
CA PRO C 61 23.14 34.05 -51.26
C PRO C 61 22.34 33.01 -50.50
N MET C 62 21.02 33.07 -50.65
CA MET C 62 20.12 32.15 -49.98
C MET C 62 19.38 31.30 -51.01
N THR C 63 19.37 30.00 -50.78
CA THR C 63 18.67 29.07 -51.65
C THR C 63 17.16 29.16 -51.43
N PRO C 64 16.36 28.65 -52.36
CA PRO C 64 14.90 28.68 -52.16
C PRO C 64 14.47 28.03 -50.85
N THR C 65 15.13 26.95 -50.45
CA THR C 65 14.79 26.33 -49.17
C THR C 65 15.07 27.29 -48.01
N GLN C 66 16.20 27.98 -48.04
CA GLN C 66 16.52 28.91 -46.97
C GLN C 66 15.54 30.08 -46.94
N ILE C 67 15.09 30.54 -48.11
CA ILE C 67 14.13 31.64 -48.16
C ILE C 67 12.86 31.25 -47.43
N GLY C 68 12.37 30.04 -47.65
CA GLY C 68 11.19 29.55 -46.98
C GLY C 68 9.92 30.09 -47.59
N PRO C 69 8.77 29.72 -47.00
CA PRO C 69 7.49 30.24 -47.49
C PRO C 69 7.41 31.73 -47.29
N SER C 70 6.85 32.43 -48.29
CA SER C 70 6.71 33.88 -48.23
C SER C 70 5.62 34.31 -49.19
N LEU C 71 4.91 35.38 -48.81
CA LEU C 71 3.87 35.93 -49.68
C LEU C 71 4.45 36.53 -50.94
N LEU C 72 5.72 36.92 -50.93
CA LEU C 72 6.36 37.43 -52.12
C LEU C 72 6.69 36.28 -53.08
N PRO C 73 6.67 36.51 -54.38
CA PRO C 73 7.23 35.53 -55.31
C PRO C 73 8.76 35.56 -55.27
N ILE C 74 9.37 34.57 -55.90
CA ILE C 74 10.82 34.52 -55.93
C ILE C 74 11.36 35.25 -57.15
N MET C 75 10.66 35.18 -58.28
CA MET C 75 11.12 35.79 -59.53
C MET C 75 10.11 36.83 -59.98
N TRP C 76 10.60 37.94 -60.51
CA TRP C 76 9.80 38.93 -61.20
C TRP C 76 10.37 39.18 -62.58
N GLN C 77 9.49 39.29 -63.58
CA GLN C 77 9.89 39.52 -64.96
C GLN C 77 8.94 40.53 -65.59
N LEU C 78 9.49 41.39 -66.45
CA LEU C 78 8.69 42.43 -67.09
C LEU C 78 7.71 41.83 -68.08
N TYR C 79 6.52 42.43 -68.16
CA TYR C 79 5.48 42.02 -69.09
C TYR C 79 4.94 43.24 -69.82
N PRO C 80 4.47 43.08 -71.05
CA PRO C 80 3.95 44.24 -71.79
C PRO C 80 2.81 44.91 -71.04
N ASP C 81 2.48 46.13 -71.47
CA ASP C 81 1.41 46.92 -70.86
C ASP C 81 1.72 47.30 -69.43
N GLY C 82 3.00 47.47 -69.09
CA GLY C 82 3.38 47.84 -67.74
C GLY C 82 2.98 46.81 -66.71
N ARG C 83 3.16 45.52 -67.01
CA ARG C 83 2.82 44.44 -66.10
C ARG C 83 4.04 43.57 -65.84
N TYR C 84 3.96 42.78 -64.78
CA TYR C 84 5.05 41.90 -64.36
C TYR C 84 4.51 40.50 -64.13
N ARG C 85 5.27 39.50 -64.57
CA ARG C 85 4.93 38.10 -64.38
C ARG C 85 5.79 37.52 -63.26
N SER C 86 5.13 36.97 -62.25
CA SER C 86 5.81 36.46 -61.06
C SER C 86 6.07 34.96 -61.19
N SER C 87 6.88 34.45 -60.27
CA SER C 87 7.23 33.04 -60.29
C SER C 87 6.00 32.15 -60.10
N ASP C 88 5.06 32.57 -59.27
CA ASP C 88 3.86 31.79 -58.98
C ASP C 88 2.76 32.00 -60.00
N SER C 89 3.09 32.46 -61.21
CA SER C 89 2.20 32.62 -62.34
C SER C 89 1.26 33.82 -62.21
N SER C 90 1.30 34.54 -61.10
CA SER C 90 0.44 35.71 -60.95
C SER C 90 0.98 36.88 -61.78
N PHE C 91 0.09 37.82 -62.08
CA PHE C 91 0.42 39.02 -62.81
C PHE C 91 0.26 40.24 -61.91
N TRP C 92 1.14 41.22 -62.09
CA TRP C 92 1.15 42.42 -61.25
C TRP C 92 1.15 43.66 -62.13
N ARG C 93 0.69 44.77 -61.55
CA ARG C 93 0.58 46.04 -62.24
C ARG C 93 1.53 47.05 -61.61
N LEU C 94 2.15 47.88 -62.44
CA LEU C 94 3.01 48.95 -61.96
C LEU C 94 2.15 50.19 -61.66
N VAL C 95 1.86 50.42 -60.39
CA VAL C 95 1.01 51.54 -60.02
C VAL C 95 1.70 52.86 -60.37
N TYR C 96 2.98 52.98 -60.02
CA TYR C 96 3.78 54.13 -60.41
C TYR C 96 5.22 53.88 -59.99
N HIS C 97 6.10 54.80 -60.41
CA HIS C 97 7.51 54.77 -60.02
C HIS C 97 7.98 56.21 -60.03
N ILE C 98 8.34 56.73 -58.85
CA ILE C 98 8.71 58.13 -58.70
C ILE C 98 10.02 58.22 -57.92
N LYS C 99 10.69 59.37 -58.08
CA LYS C 99 11.93 59.66 -57.37
C LYS C 99 11.78 60.97 -56.63
N ILE C 100 12.04 60.94 -55.32
CA ILE C 100 11.94 62.12 -54.47
C ILE C 100 13.15 62.16 -53.55
N ASP C 101 13.81 63.32 -53.49
CA ASP C 101 14.94 63.52 -52.58
C ASP C 101 16.02 62.48 -52.80
N GLY C 102 16.22 62.06 -54.04
CA GLY C 102 17.17 61.02 -54.35
C GLY C 102 16.74 59.63 -53.98
N VAL C 103 15.48 59.45 -53.56
CA VAL C 103 14.95 58.16 -53.16
C VAL C 103 13.95 57.71 -54.21
N GLU C 104 14.15 56.51 -54.76
CA GLU C 104 13.31 55.95 -55.81
C GLU C 104 12.34 54.96 -55.17
N ASP C 105 11.05 55.16 -55.41
CA ASP C 105 10.00 54.31 -54.87
C ASP C 105 9.18 53.74 -56.02
N MET C 106 8.94 52.43 -55.99
CA MET C 106 8.12 51.74 -56.97
C MET C 106 7.09 50.89 -56.23
N LEU C 107 5.85 50.90 -56.72
CA LEU C 107 4.75 50.17 -56.10
C LEU C 107 4.16 49.21 -57.12
N LEU C 108 4.10 47.93 -56.76
CA LEU C 108 3.50 46.89 -57.59
C LEU C 108 2.28 46.33 -56.88
N GLU C 109 1.22 46.07 -57.64
CA GLU C 109 -0.04 45.58 -57.10
C GLU C 109 -0.46 44.31 -57.82
N LEU C 110 -1.14 43.44 -57.09
CA LEU C 110 -1.58 42.16 -57.65
C LEU C 110 -2.84 42.35 -58.48
N LEU C 111 -2.92 41.65 -59.62
CA LEU C 111 -4.10 41.70 -60.46
C LEU C 111 -4.97 40.46 -60.21
N PRO C 112 -6.30 40.59 -60.29
CA PRO C 112 -7.16 39.42 -60.10
C PRO C 112 -6.95 38.40 -61.20
N ASP C 113 -7.09 37.13 -60.85
CA ASP C 113 -6.89 36.06 -61.82
C ASP C 113 -8.15 35.87 -62.66
N ASP C 114 -7.96 35.38 -63.88
CA ASP C 114 -9.08 35.10 -64.78
C ASP C 114 -8.72 34.00 -65.77
N GLU D 473 33.15 2.09 49.12
CA GLU D 473 33.33 2.58 47.73
C GLU D 473 34.81 2.55 47.34
N ARG D 474 35.68 2.76 48.33
CA ARG D 474 37.11 2.80 48.07
C ARG D 474 37.68 1.44 47.71
N THR D 475 36.90 0.36 47.86
CA THR D 475 37.44 -0.97 47.63
C THR D 475 37.91 -1.14 46.18
N ARG D 476 37.10 -0.70 45.22
CA ARG D 476 37.48 -0.88 43.82
C ARG D 476 38.73 -0.09 43.47
N GLU D 477 38.79 1.18 43.91
CA GLU D 477 39.98 1.98 43.64
C GLU D 477 41.21 1.38 44.30
N ARG D 478 41.07 0.89 45.52
CA ARG D 478 42.20 0.27 46.21
C ARG D 478 42.68 -0.95 45.46
N LEU D 479 41.75 -1.78 44.98
CA LEU D 479 42.14 -2.97 44.22
C LEU D 479 42.84 -2.60 42.92
N VAL D 480 42.33 -1.58 42.23
CA VAL D 480 42.96 -1.14 40.98
C VAL D 480 44.37 -0.63 41.26
N TYR D 481 44.52 0.16 42.32
CA TYR D 481 45.85 0.67 42.68
C TYR D 481 46.79 -0.48 43.01
N GLU D 482 46.31 -1.48 43.75
CA GLU D 482 47.16 -2.61 44.10
C GLU D 482 47.60 -3.37 42.85
N VAL D 483 46.68 -3.62 41.92
CA VAL D 483 47.07 -4.35 40.71
C VAL D 483 48.08 -3.55 39.92
N ARG D 484 47.88 -2.23 39.81
CA ARG D 484 48.86 -1.40 39.12
C ARG D 484 50.19 -1.36 39.85
N GLN D 485 50.19 -1.63 41.16
CA GLN D 485 51.43 -1.79 41.91
C GLN D 485 52.02 -3.19 41.76
N LYS D 486 51.36 -4.07 41.02
CA LYS D 486 51.83 -5.44 40.83
C LYS D 486 51.84 -6.21 42.15
N CYS D 487 50.71 -6.18 42.86
CA CYS D 487 50.53 -7.02 44.04
C CYS D 487 49.53 -8.14 43.82
N ARG D 488 48.56 -7.94 42.92
CA ARG D 488 47.56 -8.96 42.61
C ARG D 488 47.43 -9.07 41.09
N ASN D 489 47.05 -10.25 40.63
CA ASN D 489 46.73 -10.44 39.22
C ASN D 489 45.29 -9.98 38.96
N ILE D 490 45.04 -9.48 37.75
CA ILE D 490 43.71 -9.00 37.42
C ILE D 490 42.75 -10.15 37.15
N GLU D 491 43.23 -11.38 37.16
CA GLU D 491 42.35 -12.54 37.01
C GLU D 491 41.77 -13.02 38.32
N ASP D 492 41.95 -12.28 39.42
CA ASP D 492 41.50 -12.72 40.74
C ASP D 492 40.69 -11.63 41.46
N ILE D 493 40.06 -10.73 40.71
CA ILE D 493 39.13 -9.76 41.28
C ILE D 493 37.97 -9.58 40.32
N CYS D 494 36.83 -9.16 40.86
CA CYS D 494 35.64 -8.91 40.05
C CYS D 494 35.70 -7.46 39.58
N ILE D 495 36.07 -7.25 38.32
CA ILE D 495 36.32 -5.90 37.83
C ILE D 495 35.04 -5.07 37.85
N SER D 496 33.89 -5.70 37.59
CA SER D 496 32.65 -4.94 37.43
C SER D 496 32.29 -4.17 38.70
N CYS D 497 32.25 -4.85 39.85
CA CYS D 497 31.82 -4.21 41.09
C CYS D 497 32.89 -4.20 42.17
N GLY D 498 34.05 -4.82 41.93
CA GLY D 498 35.16 -4.75 42.86
C GLY D 498 34.94 -5.56 44.12
N SER D 499 34.87 -6.88 43.99
CA SER D 499 34.74 -7.76 45.14
C SER D 499 35.76 -8.88 45.00
N LEU D 500 36.21 -9.40 46.14
CA LEU D 500 37.27 -10.39 46.14
C LEU D 500 36.77 -11.80 45.89
N ASN D 501 35.46 -12.01 45.82
CA ASN D 501 34.89 -13.32 45.54
C ASN D 501 34.77 -13.50 44.02
N VAL D 502 35.73 -14.23 43.47
CA VAL D 502 35.76 -14.48 42.04
C VAL D 502 35.34 -15.92 41.75
N THR D 503 34.40 -16.07 40.82
CA THR D 503 33.90 -17.40 40.46
C THR D 503 33.84 -17.64 38.96
N LEU D 504 33.84 -16.60 38.14
CA LEU D 504 33.76 -16.74 36.68
C LEU D 504 34.72 -15.76 36.03
N GLU D 505 35.08 -16.07 34.78
CA GLU D 505 35.94 -15.21 33.99
C GLU D 505 35.08 -14.33 33.08
N HIS D 506 35.42 -13.05 33.02
CA HIS D 506 34.69 -12.12 32.18
C HIS D 506 34.75 -12.60 30.73
N PRO D 507 33.61 -12.68 30.02
CA PRO D 507 33.64 -13.22 28.67
C PRO D 507 34.28 -12.32 27.63
N LEU D 508 34.40 -11.02 27.89
CA LEU D 508 34.96 -10.07 26.94
C LEU D 508 36.39 -9.66 27.27
N PHE D 509 36.63 -9.14 28.47
CA PHE D 509 37.95 -8.71 28.90
C PHE D 509 38.66 -9.82 29.67
N VAL D 510 39.87 -9.52 30.12
CA VAL D 510 40.64 -10.46 30.94
C VAL D 510 40.45 -10.09 32.40
N GLY D 511 39.77 -10.94 33.15
CA GLY D 511 39.51 -10.66 34.55
C GLY D 511 38.51 -11.63 35.13
N GLY D 512 38.15 -11.36 36.38
CA GLY D 512 37.21 -12.20 37.09
C GLY D 512 35.83 -11.57 37.19
N MET D 513 34.83 -12.42 37.44
CA MET D 513 33.45 -11.99 37.56
C MET D 513 32.80 -12.73 38.72
N CYS D 514 32.05 -11.98 39.53
CA CYS D 514 31.44 -12.51 40.75
C CYS D 514 30.00 -12.95 40.48
N GLN D 515 29.45 -13.70 41.44
CA GLN D 515 28.14 -14.30 41.25
C GLN D 515 27.06 -13.23 41.06
N ASN D 516 27.09 -12.17 41.87
CA ASN D 516 26.05 -11.16 41.82
C ASN D 516 25.94 -10.51 40.46
N CYS D 517 27.05 -10.21 39.80
CA CYS D 517 27.02 -9.51 38.52
C CYS D 517 26.71 -10.43 37.35
N LYS D 518 26.82 -11.74 37.52
CA LYS D 518 26.49 -12.66 36.44
C LYS D 518 25.04 -12.53 36.03
N ASN D 519 24.13 -12.47 37.01
CA ASN D 519 22.72 -12.34 36.72
C ASN D 519 22.42 -11.02 36.02
N CYS D 520 23.01 -9.93 36.50
CA CYS D 520 22.75 -8.63 35.89
C CYS D 520 23.28 -8.58 34.46
N PHE D 521 24.43 -9.20 34.21
CA PHE D 521 24.94 -9.27 32.84
C PHE D 521 24.01 -10.07 31.95
N LEU D 522 23.54 -11.23 32.43
CA LEU D 522 22.58 -12.00 31.65
C LEU D 522 21.36 -11.15 31.31
N GLU D 523 20.87 -10.38 32.28
CA GLU D 523 19.67 -9.57 32.04
C GLU D 523 19.94 -8.47 31.01
N CYS D 524 21.00 -7.69 31.21
CA CYS D 524 21.17 -6.43 30.50
C CYS D 524 22.15 -6.50 29.34
N ALA D 525 22.63 -7.67 28.95
CA ALA D 525 23.58 -7.74 27.84
C ALA D 525 22.94 -7.49 26.49
N TYR D 526 21.60 -7.47 26.41
CA TYR D 526 20.89 -7.36 25.14
C TYR D 526 19.71 -6.38 25.21
N GLN D 527 19.90 -5.23 25.86
CA GLN D 527 18.86 -4.22 25.95
C GLN D 527 19.31 -2.95 25.24
N TYR D 528 18.44 -2.42 24.38
CA TYR D 528 18.77 -1.25 23.57
C TYR D 528 17.64 -0.24 23.64
N ASP D 529 17.99 1.03 23.48
CA ASP D 529 17.06 2.13 23.62
C ASP D 529 16.15 2.24 22.40
N ASP D 530 15.29 3.26 22.39
CA ASP D 530 14.44 3.52 21.24
C ASP D 530 15.23 4.01 20.04
N ASP D 531 16.39 4.64 20.28
CA ASP D 531 17.22 5.19 19.21
C ASP D 531 18.19 4.17 18.64
N GLY D 532 18.18 2.94 19.15
CA GLY D 532 19.08 1.91 18.68
C GLY D 532 20.39 1.81 19.41
N TYR D 533 20.72 2.79 20.25
CA TYR D 533 21.98 2.75 21.01
C TYR D 533 21.76 2.08 22.36
N GLN D 534 22.84 1.51 22.88
CA GLN D 534 22.75 0.71 24.09
C GLN D 534 22.20 1.51 25.25
N SER D 535 21.67 0.81 26.25
CA SER D 535 21.06 1.47 27.40
C SER D 535 22.00 1.53 28.59
N TYR D 536 22.72 0.44 28.85
CA TYR D 536 23.55 0.30 30.05
C TYR D 536 25.00 0.08 29.66
N CYS D 537 25.90 0.51 30.54
CA CYS D 537 27.33 0.39 30.29
C CYS D 537 27.70 -1.05 29.94
N THR D 538 28.89 -1.22 29.38
CA THR D 538 29.31 -2.56 28.95
C THR D 538 29.94 -3.33 30.09
N ILE D 539 30.78 -2.68 30.89
CA ILE D 539 31.51 -3.39 31.93
C ILE D 539 30.62 -3.67 33.13
N CYS D 540 29.97 -2.63 33.66
CA CYS D 540 29.25 -2.74 34.93
C CYS D 540 27.73 -2.82 34.76
N CYS D 541 27.22 -2.86 33.54
CA CYS D 541 25.78 -2.97 33.27
C CYS D 541 24.97 -1.98 34.11
N GLY D 542 25.55 -0.82 34.41
CA GLY D 542 24.86 0.21 35.16
C GLY D 542 25.05 1.57 34.51
N GLY D 543 25.63 2.51 35.25
CA GLY D 543 26.08 3.76 34.67
C GLY D 543 25.13 4.92 34.95
N ARG D 544 25.71 6.11 34.96
CA ARG D 544 24.98 7.33 35.25
C ARG D 544 25.16 8.34 34.13
N GLU D 545 26.38 8.46 33.60
CA GLU D 545 26.70 9.35 32.50
C GLU D 545 27.69 8.65 31.59
N VAL D 546 27.46 8.74 30.28
CA VAL D 546 28.05 7.78 29.35
C VAL D 546 28.66 8.47 28.14
N LEU D 547 29.63 7.79 27.53
CA LEU D 547 30.10 8.05 26.18
C LEU D 547 29.31 7.18 25.21
N MET D 548 29.79 7.11 23.97
CA MET D 548 29.15 6.23 22.99
C MET D 548 30.05 6.06 21.77
N CYS D 549 30.04 4.84 21.24
CA CYS D 549 30.86 4.51 20.08
C CYS D 549 30.31 5.18 18.83
N GLY D 550 31.17 5.35 17.83
CA GLY D 550 30.81 6.07 16.63
C GLY D 550 30.56 5.19 15.43
N ASN D 551 31.32 4.09 15.32
CA ASN D 551 31.18 3.19 14.18
C ASN D 551 29.78 2.60 14.16
N ASN D 552 29.12 2.66 13.01
CA ASN D 552 27.77 2.12 12.89
C ASN D 552 27.79 0.60 12.92
N ASN D 553 26.73 0.02 13.47
CA ASN D 553 26.64 -1.41 13.70
C ASN D 553 27.52 -1.85 14.87
N CYS D 554 28.06 -0.88 15.60
CA CYS D 554 28.78 -1.10 16.84
C CYS D 554 28.33 -0.06 17.86
N CYS D 555 27.04 0.01 18.12
CA CYS D 555 26.44 1.08 18.92
C CYS D 555 26.55 0.77 20.41
N ARG D 556 27.66 0.19 20.85
CA ARG D 556 27.85 -0.14 22.25
C ARG D 556 28.10 1.16 23.03
N CYS D 557 28.17 1.04 24.35
CA CYS D 557 28.25 2.18 25.25
C CYS D 557 29.25 1.91 26.37
N PHE D 558 29.88 2.98 26.85
CA PHE D 558 30.76 2.95 28.00
C PHE D 558 30.44 4.13 28.91
N CYS D 559 30.58 3.92 30.22
CA CYS D 559 30.30 4.96 31.20
C CYS D 559 31.59 5.56 31.70
N VAL D 560 31.48 6.75 32.29
CA VAL D 560 32.66 7.56 32.59
C VAL D 560 33.55 6.86 33.62
N GLU D 561 32.94 6.29 34.67
CA GLU D 561 33.72 5.79 35.79
C GLU D 561 34.69 4.69 35.35
N CYS D 562 34.19 3.73 34.57
CA CYS D 562 35.03 2.61 34.16
C CYS D 562 36.21 3.09 33.31
N VAL D 563 35.96 4.02 32.38
CA VAL D 563 37.02 4.48 31.52
C VAL D 563 38.15 5.11 32.34
N ASP D 564 37.79 5.94 33.32
CA ASP D 564 38.81 6.59 34.12
C ASP D 564 39.55 5.61 35.01
N LEU D 565 38.83 4.68 35.64
CA LEU D 565 39.48 3.79 36.60
C LEU D 565 40.36 2.76 35.89
N LEU D 566 39.86 2.17 34.80
CA LEU D 566 40.49 1.00 34.21
C LEU D 566 41.48 1.37 33.10
N VAL D 567 41.06 2.17 32.13
CA VAL D 567 41.94 2.54 31.02
C VAL D 567 43.00 3.55 31.46
N GLY D 568 42.61 4.54 32.24
CA GLY D 568 43.53 5.54 32.73
C GLY D 568 42.84 6.84 33.05
N PRO D 569 43.46 7.68 33.87
CA PRO D 569 42.86 8.97 34.21
C PRO D 569 42.84 9.91 33.02
N GLY D 570 41.69 10.54 32.79
CA GLY D 570 41.54 11.54 31.76
C GLY D 570 41.26 11.03 30.37
N ALA D 571 41.29 9.71 30.16
CA ALA D 571 41.08 9.18 28.83
C ALA D 571 39.68 9.49 28.30
N ALA D 572 38.70 9.62 29.19
CA ALA D 572 37.34 9.91 28.75
C ALA D 572 37.28 11.27 28.05
N GLN D 573 38.02 12.25 28.54
CA GLN D 573 38.05 13.56 27.89
C GLN D 573 38.57 13.44 26.47
N ALA D 574 39.67 12.70 26.26
CA ALA D 574 40.19 12.52 24.91
C ALA D 574 39.19 11.78 24.03
N ALA D 575 38.54 10.75 24.57
CA ALA D 575 37.54 10.02 23.79
C ALA D 575 36.42 10.95 23.36
N ILE D 576 35.97 11.83 24.26
CA ILE D 576 34.93 12.78 23.90
C ILE D 576 35.43 13.73 22.82
N LYS D 577 36.68 14.21 22.94
CA LYS D 577 37.22 15.15 21.98
C LYS D 577 37.31 14.59 20.56
N GLU D 578 37.79 13.38 20.39
CA GLU D 578 38.02 12.80 19.08
C GLU D 578 36.68 12.55 18.40
N ASP D 579 36.64 12.72 17.08
CA ASP D 579 35.42 12.61 16.30
C ASP D 579 35.74 12.04 14.92
N PRO D 580 35.17 10.88 14.55
CA PRO D 580 34.34 9.96 15.34
C PRO D 580 35.21 9.05 16.20
N TRP D 581 34.73 8.65 17.38
CA TRP D 581 35.51 7.79 18.26
C TRP D 581 35.21 6.33 17.98
N ASN D 582 36.24 5.50 18.05
CA ASN D 582 36.12 4.06 17.94
C ASN D 582 36.34 3.47 19.32
N CYS D 583 35.32 2.77 19.84
CA CYS D 583 35.42 2.17 21.16
C CYS D 583 36.40 1.01 21.13
N TYR D 584 36.56 0.36 22.29
CA TYR D 584 37.61 -0.64 22.44
C TYR D 584 37.25 -1.96 21.79
N MET D 585 36.02 -2.12 21.31
CA MET D 585 35.64 -3.33 20.60
C MET D 585 35.88 -3.24 19.10
N CYS D 586 36.12 -2.03 18.57
CA CYS D 586 36.41 -1.87 17.16
C CYS D 586 37.92 -1.93 16.90
N GLY D 587 38.69 -1.20 17.70
CA GLY D 587 40.09 -0.97 17.42
C GLY D 587 40.90 -2.23 17.21
N HIS D 588 41.72 -2.23 16.15
CA HIS D 588 42.60 -3.36 15.90
C HIS D 588 43.52 -3.63 17.09
N LYS D 589 43.94 -2.60 17.82
CA LYS D 589 44.78 -2.80 18.99
C LYS D 589 43.98 -3.49 20.08
N GLY D 590 44.61 -4.45 20.76
CA GLY D 590 43.93 -5.27 21.74
C GLY D 590 44.14 -4.90 23.19
N THR D 591 44.94 -3.88 23.49
CA THR D 591 45.23 -3.49 24.86
C THR D 591 45.13 -1.99 25.03
N TYR D 592 44.56 -1.55 26.16
CA TYR D 592 44.45 -0.14 26.51
C TYR D 592 44.54 -0.04 28.04
N GLY D 593 45.75 0.19 28.54
CA GLY D 593 45.97 0.18 29.97
C GLY D 593 45.66 -1.17 30.58
N LEU D 594 44.78 -1.19 31.59
CA LEU D 594 44.33 -2.46 32.17
C LEU D 594 43.31 -3.18 31.29
N LEU D 595 42.52 -2.44 30.52
CA LEU D 595 41.48 -3.04 29.68
C LEU D 595 42.13 -3.78 28.53
N ARG D 596 41.94 -5.10 28.47
CA ARG D 596 42.51 -5.94 27.42
C ARG D 596 41.41 -6.80 26.84
N ARG D 597 41.29 -6.81 25.51
CA ARG D 597 40.25 -7.57 24.84
C ARG D 597 40.74 -8.96 24.48
N ARG D 598 39.82 -9.92 24.48
CA ARG D 598 40.17 -11.29 24.16
C ARG D 598 40.13 -11.51 22.65
N GLU D 599 40.60 -12.69 22.22
CA GLU D 599 40.73 -12.99 20.81
C GLU D 599 39.47 -13.63 20.25
N ASP D 600 38.91 -14.60 20.95
CA ASP D 600 37.70 -15.30 20.54
C ASP D 600 36.46 -14.78 21.27
N TRP D 601 36.40 -13.48 21.51
CA TRP D 601 35.31 -12.92 22.31
C TRP D 601 33.93 -13.17 21.71
N PRO D 602 33.74 -13.25 20.38
CA PRO D 602 32.39 -13.59 19.89
C PRO D 602 31.94 -14.97 20.33
N SER D 603 32.78 -15.99 20.15
CA SER D 603 32.45 -17.31 20.62
C SER D 603 32.29 -17.35 22.12
N ARG D 604 33.12 -16.60 22.85
CA ARG D 604 32.98 -16.56 24.30
C ARG D 604 31.61 -16.02 24.69
N LEU D 605 31.19 -14.93 24.06
CA LEU D 605 29.88 -14.35 24.38
C LEU D 605 28.76 -15.33 24.03
N GLN D 606 28.89 -16.02 22.89
CA GLN D 606 27.86 -16.98 22.51
C GLN D 606 27.77 -18.10 23.53
N MET D 607 28.92 -18.59 24.02
CA MET D 607 28.90 -19.70 24.96
C MET D 607 28.51 -19.25 26.36
N PHE D 608 28.63 -17.95 26.66
CA PHE D 608 28.26 -17.48 27.99
C PHE D 608 26.78 -17.68 28.27
N PHE D 609 25.95 -17.79 27.23
CA PHE D 609 24.53 -18.07 27.44
C PHE D 609 24.27 -19.58 27.48
N ALA D 610 25.03 -20.25 28.33
CA ALA D 610 24.82 -21.66 28.63
C ALA D 610 25.15 -21.90 30.11
N ASN D 611 24.61 -21.03 30.97
CA ASN D 611 24.84 -21.07 32.40
C ASN D 611 23.50 -21.14 33.12
N ASN D 612 22.65 -22.04 32.65
CA ASN D 612 21.33 -22.20 33.23
C ASN D 612 21.45 -22.71 34.67
N HIS D 613 20.48 -22.30 35.49
CA HIS D 613 20.49 -22.59 36.92
C HIS D 613 20.46 -24.08 37.23
N ASP D 614 19.60 -24.86 36.58
CA ASP D 614 19.49 -26.27 36.88
C ASP D 614 19.84 -27.08 35.64
N GLN D 615 20.30 -28.30 35.86
CA GLN D 615 20.73 -29.16 34.78
C GLN D 615 20.24 -30.59 34.90
N GLU D 616 19.58 -30.97 35.98
CA GLU D 616 19.22 -32.37 36.19
C GLU D 616 18.29 -32.89 35.10
N PHE D 617 17.66 -32.00 34.34
CA PHE D 617 16.67 -32.41 33.37
C PHE D 617 17.25 -33.42 32.38
N ASP D 618 16.50 -34.50 32.14
CA ASP D 618 16.95 -35.58 31.30
C ASP D 618 16.72 -35.24 29.83
N PRO D 619 17.35 -35.96 28.91
CA PRO D 619 17.10 -35.71 27.50
C PRO D 619 15.66 -36.03 27.15
N PRO D 620 15.11 -35.36 26.14
CA PRO D 620 13.71 -35.60 25.78
C PRO D 620 13.56 -36.93 25.07
N LYS D 621 12.30 -37.34 24.88
CA LYS D 621 12.00 -38.59 24.22
C LYS D 621 12.35 -38.48 22.72
N VAL D 622 12.57 -39.63 22.11
CA VAL D 622 12.87 -39.72 20.68
C VAL D 622 11.90 -40.72 20.09
N TYR D 623 10.79 -40.23 19.52
CA TYR D 623 9.80 -41.10 18.94
C TYR D 623 10.36 -41.73 17.66
N PRO D 624 10.32 -43.05 17.52
CA PRO D 624 10.92 -43.68 16.35
C PRO D 624 10.28 -43.19 15.06
N PRO D 625 11.06 -43.02 14.00
CA PRO D 625 10.46 -42.57 12.73
C PRO D 625 9.41 -43.53 12.22
N VAL D 626 8.35 -42.99 11.64
CA VAL D 626 7.29 -43.79 11.05
C VAL D 626 7.61 -44.03 9.58
N PRO D 627 7.40 -45.23 9.04
CA PRO D 627 7.65 -45.45 7.62
C PRO D 627 6.77 -44.53 6.76
N ALA D 628 7.28 -44.20 5.58
CA ALA D 628 6.60 -43.22 4.73
C ALA D 628 5.16 -43.61 4.46
N GLU D 629 4.87 -44.91 4.31
CA GLU D 629 3.53 -45.33 3.94
C GLU D 629 2.47 -44.92 4.96
N LYS D 630 2.76 -45.06 6.25
CA LYS D 630 1.76 -44.82 7.29
C LYS D 630 1.62 -43.35 7.68
N ARG D 631 2.43 -42.46 7.11
CA ARG D 631 2.38 -41.06 7.50
C ARG D 631 1.03 -40.44 7.13
N LYS D 632 0.58 -39.48 7.93
CA LYS D 632 -0.71 -38.83 7.77
C LYS D 632 -0.58 -37.34 8.05
N PRO D 633 -1.53 -36.53 7.59
CA PRO D 633 -1.39 -35.08 7.70
C PRO D 633 -1.22 -34.61 9.14
N ILE D 634 -0.95 -33.32 9.28
CA ILE D 634 -0.68 -32.72 10.59
C ILE D 634 -1.86 -31.86 11.02
N ARG D 635 -2.09 -31.82 12.33
CA ARG D 635 -3.14 -31.00 12.93
C ARG D 635 -2.47 -30.04 13.90
N VAL D 636 -2.76 -28.75 13.76
CA VAL D 636 -2.02 -27.68 14.44
C VAL D 636 -2.96 -26.90 15.33
N LEU D 637 -2.43 -26.32 16.40
CA LEU D 637 -3.13 -25.37 17.25
C LEU D 637 -2.17 -24.23 17.56
N SER D 638 -2.60 -23.00 17.29
CA SER D 638 -1.76 -21.83 17.44
C SER D 638 -2.39 -20.85 18.42
N LEU D 639 -1.57 -20.25 19.26
CA LEU D 639 -2.01 -19.29 20.26
C LEU D 639 -1.30 -17.96 20.03
N PHE D 640 -2.05 -16.86 20.06
CA PHE D 640 -1.52 -15.55 19.70
C PHE D 640 -0.90 -15.61 18.30
N ASP D 641 -1.75 -15.89 17.32
CA ASP D 641 -1.25 -16.35 16.03
C ASP D 641 -0.44 -15.28 15.28
N GLY D 642 -0.91 -14.03 15.27
CA GLY D 642 -0.21 -13.03 14.48
C GLY D 642 -0.79 -12.94 13.07
N ILE D 643 0.08 -13.09 12.07
CA ILE D 643 -0.34 -13.07 10.68
C ILE D 643 -0.09 -14.43 10.02
N ALA D 644 -0.10 -15.49 10.82
CA ALA D 644 -0.01 -16.86 10.31
C ALA D 644 1.31 -17.12 9.60
N THR D 645 2.42 -16.99 10.33
CA THR D 645 3.72 -17.37 9.78
C THR D 645 3.91 -18.88 9.78
N GLY D 646 3.36 -19.58 10.77
CA GLY D 646 3.53 -21.02 10.83
C GLY D 646 2.94 -21.73 9.64
N LEU D 647 1.74 -21.34 9.23
CA LEU D 647 1.11 -21.97 8.07
C LEU D 647 1.88 -21.65 6.80
N LEU D 648 2.39 -20.42 6.68
CA LEU D 648 3.21 -20.06 5.53
C LEU D 648 4.43 -20.97 5.42
N VAL D 649 5.15 -21.15 6.54
CA VAL D 649 6.34 -21.98 6.51
C VAL D 649 5.98 -23.44 6.22
N LEU D 650 4.90 -23.93 6.82
CA LEU D 650 4.50 -25.31 6.59
C LEU D 650 4.13 -25.56 5.13
N LYS D 651 3.47 -24.58 4.49
CA LYS D 651 3.23 -24.69 3.06
C LYS D 651 4.54 -24.68 2.27
N ASP D 652 5.49 -23.83 2.68
CA ASP D 652 6.77 -23.77 1.99
C ASP D 652 7.50 -25.10 2.02
N LEU D 653 7.52 -25.77 3.17
CA LEU D 653 8.23 -27.03 3.30
C LEU D 653 7.60 -28.15 2.49
N GLY D 654 6.29 -28.15 2.30
CA GLY D 654 5.64 -29.21 1.57
C GLY D 654 5.01 -30.27 2.43
N ILE D 655 4.39 -29.87 3.54
CA ILE D 655 3.74 -30.81 4.46
C ILE D 655 2.24 -30.58 4.40
N GLN D 656 1.47 -31.65 4.24
CA GLN D 656 0.02 -31.55 4.20
C GLN D 656 -0.51 -31.08 5.55
N VAL D 657 -1.55 -30.26 5.52
CA VAL D 657 -2.15 -29.72 6.73
C VAL D 657 -3.64 -30.08 6.72
N ASP D 658 -4.11 -30.62 7.85
CA ASP D 658 -5.51 -31.01 7.96
C ASP D 658 -6.31 -29.99 8.77
N ARG D 659 -5.71 -29.45 9.82
CA ARG D 659 -6.33 -28.43 10.63
C ARG D 659 -5.33 -27.33 10.91
N TYR D 660 -5.84 -26.13 11.16
CA TYR D 660 -5.01 -25.04 11.69
C TYR D 660 -5.95 -24.08 12.41
N ILE D 661 -6.06 -24.23 13.72
CA ILE D 661 -6.97 -23.45 14.54
C ILE D 661 -6.18 -22.32 15.18
N ALA D 662 -6.67 -21.10 15.05
CA ALA D 662 -5.94 -19.92 15.48
C ALA D 662 -6.80 -19.10 16.43
N SER D 663 -6.15 -18.47 17.40
CA SER D 663 -6.79 -17.54 18.32
C SER D 663 -6.16 -16.17 18.14
N GLU D 664 -6.99 -15.14 18.00
CA GLU D 664 -6.50 -13.82 17.66
C GLU D 664 -7.64 -12.82 17.80
N VAL D 665 -7.29 -11.57 18.12
CA VAL D 665 -8.28 -10.52 18.32
C VAL D 665 -7.91 -9.25 17.56
N CYS D 666 -6.82 -9.30 16.78
CA CYS D 666 -6.42 -8.17 15.97
C CYS D 666 -7.15 -8.22 14.62
N GLU D 667 -7.82 -7.14 14.25
CA GLU D 667 -8.64 -7.15 13.04
C GLU D 667 -7.77 -7.15 11.78
N ASP D 668 -6.72 -6.32 11.76
CA ASP D 668 -5.87 -6.24 10.58
C ASP D 668 -5.22 -7.58 10.28
N SER D 669 -4.68 -8.23 11.32
CA SER D 669 -4.04 -9.53 11.12
C SER D 669 -5.05 -10.58 10.67
N ILE D 670 -6.26 -10.55 11.25
CA ILE D 670 -7.29 -11.50 10.84
C ILE D 670 -7.61 -11.33 9.37
N THR D 671 -7.76 -10.09 8.92
CA THR D 671 -8.06 -9.85 7.50
C THR D 671 -6.91 -10.32 6.62
N VAL D 672 -5.67 -10.04 7.02
CA VAL D 672 -4.52 -10.45 6.22
C VAL D 672 -4.49 -11.97 6.06
N GLY D 673 -4.65 -12.70 7.15
CA GLY D 673 -4.66 -14.15 7.08
C GLY D 673 -5.81 -14.70 6.26
N MET D 674 -7.01 -14.13 6.47
CA MET D 674 -8.20 -14.60 5.77
C MET D 674 -8.04 -14.44 4.26
N VAL D 675 -7.55 -13.27 3.82
CA VAL D 675 -7.37 -13.05 2.40
C VAL D 675 -6.27 -13.94 1.85
N ARG D 676 -5.16 -14.05 2.58
CA ARG D 676 -3.96 -14.67 2.01
C ARG D 676 -4.07 -16.18 1.91
N HIS D 677 -4.70 -16.84 2.89
CA HIS D 677 -4.68 -18.30 2.96
C HIS D 677 -6.01 -18.92 2.59
N GLN D 678 -6.83 -18.20 1.81
CA GLN D 678 -8.04 -18.76 1.19
C GLN D 678 -8.96 -19.42 2.22
N GLY D 679 -9.09 -18.78 3.38
CA GLY D 679 -10.01 -19.27 4.39
C GLY D 679 -9.72 -20.66 4.90
N LYS D 680 -8.46 -21.04 5.02
CA LYS D 680 -8.09 -22.34 5.58
C LYS D 680 -7.94 -22.29 7.10
N ILE D 681 -7.84 -21.11 7.69
CA ILE D 681 -7.57 -20.95 9.11
C ILE D 681 -8.89 -20.71 9.82
N MET D 682 -9.16 -21.51 10.85
CA MET D 682 -10.35 -21.34 11.66
C MET D 682 -10.03 -20.43 12.84
N TYR D 683 -10.81 -19.39 13.03
CA TYR D 683 -10.57 -18.46 14.13
C TYR D 683 -11.55 -18.73 15.27
N VAL D 684 -11.04 -18.64 16.50
CA VAL D 684 -11.85 -18.93 17.68
C VAL D 684 -11.78 -17.77 18.68
N GLY D 685 -11.26 -16.63 18.24
CA GLY D 685 -11.32 -15.45 19.08
C GLY D 685 -10.41 -15.48 20.30
N ASP D 686 -10.91 -14.87 21.37
CA ASP D 686 -10.09 -14.61 22.56
C ASP D 686 -9.64 -15.92 23.21
N VAL D 687 -8.50 -15.85 23.91
CA VAL D 687 -7.90 -17.04 24.51
C VAL D 687 -8.41 -17.25 25.94
N ARG D 688 -8.85 -16.20 26.63
CA ARG D 688 -9.33 -16.36 27.99
C ARG D 688 -10.71 -16.98 28.07
N SER D 689 -11.24 -17.47 26.95
CA SER D 689 -12.55 -18.11 26.91
C SER D 689 -12.51 -19.57 26.49
N VAL D 690 -11.36 -20.08 26.05
CA VAL D 690 -11.28 -21.45 25.60
C VAL D 690 -11.35 -22.38 26.80
N THR D 691 -12.18 -23.41 26.70
CA THR D 691 -12.41 -24.36 27.78
C THR D 691 -11.85 -25.73 27.39
N GLN D 692 -11.70 -26.60 28.39
CA GLN D 692 -11.25 -27.95 28.11
C GLN D 692 -12.23 -28.68 27.22
N LYS D 693 -13.52 -28.37 27.32
CA LYS D 693 -14.50 -28.99 26.44
C LYS D 693 -14.24 -28.63 24.99
N HIS D 694 -13.90 -27.36 24.73
CA HIS D 694 -13.54 -26.96 23.36
C HIS D 694 -12.34 -27.74 22.87
N ILE D 695 -11.32 -27.90 23.72
CA ILE D 695 -10.12 -28.63 23.31
C ILE D 695 -10.47 -30.07 22.95
N GLN D 696 -11.33 -30.69 23.75
CA GLN D 696 -11.70 -32.08 23.48
C GLN D 696 -12.59 -32.19 22.25
N GLU D 697 -13.39 -31.15 21.97
CA GLU D 697 -14.28 -31.18 20.83
C GLU D 697 -13.55 -30.94 19.51
N TRP D 698 -12.55 -30.06 19.52
CA TRP D 698 -11.84 -29.70 18.29
C TRP D 698 -10.82 -30.75 17.87
N GLY D 699 -10.87 -31.95 18.44
CA GLY D 699 -10.13 -33.07 17.93
C GLY D 699 -8.71 -33.13 18.45
N PRO D 700 -8.06 -34.28 18.31
CA PRO D 700 -6.68 -34.41 18.76
C PRO D 700 -5.76 -33.49 17.97
N PHE D 701 -4.77 -32.92 18.64
CA PHE D 701 -3.78 -32.08 17.99
C PHE D 701 -2.43 -32.80 17.95
N ASP D 702 -1.55 -32.32 17.06
CA ASP D 702 -0.21 -32.88 16.92
C ASP D 702 0.89 -31.84 16.98
N LEU D 703 0.55 -30.57 17.22
CA LEU D 703 1.56 -29.53 17.35
C LEU D 703 0.90 -28.33 18.01
N VAL D 704 1.46 -27.89 19.12
CA VAL D 704 0.98 -26.72 19.87
C VAL D 704 2.12 -25.73 19.91
N ILE D 705 1.90 -24.54 19.36
CA ILE D 705 2.93 -23.50 19.28
C ILE D 705 2.35 -22.18 19.75
N GLY D 706 3.10 -21.47 20.57
CA GLY D 706 2.64 -20.21 21.11
C GLY D 706 3.79 -19.25 21.35
N GLY D 707 3.44 -18.08 21.87
CA GLY D 707 4.43 -17.07 22.18
C GLY D 707 3.97 -15.71 21.68
N SER D 708 4.91 -14.77 21.65
CA SER D 708 4.66 -13.45 21.11
C SER D 708 4.07 -13.56 19.70
N PRO D 709 3.50 -12.47 19.16
CA PRO D 709 3.44 -11.08 19.65
C PRO D 709 2.34 -10.79 20.67
N CYS D 710 1.68 -11.80 21.23
CA CYS D 710 0.67 -11.62 22.27
C CYS D 710 -0.29 -10.48 21.91
N ASN D 711 -1.03 -10.72 20.82
CA ASN D 711 -1.99 -9.73 20.34
C ASN D 711 -3.09 -9.47 21.36
N ASP D 712 -3.66 -10.53 21.94
CA ASP D 712 -4.68 -10.36 22.96
C ASP D 712 -4.09 -9.58 24.13
N LEU D 713 -4.84 -8.57 24.61
CA LEU D 713 -4.35 -7.69 25.66
C LEU D 713 -4.37 -8.39 27.01
N SER D 714 -3.54 -9.43 27.12
CA SER D 714 -3.36 -10.12 28.38
C SER D 714 -2.27 -9.45 29.22
N ILE D 715 -1.29 -8.83 28.59
CA ILE D 715 -0.26 -8.03 29.25
C ILE D 715 -0.61 -6.56 29.06
N VAL D 716 -0.66 -5.82 30.16
CA VAL D 716 -1.37 -4.54 30.17
C VAL D 716 -0.71 -3.50 29.27
N ASN D 717 0.60 -3.29 29.39
CA ASN D 717 1.23 -2.16 28.73
C ASN D 717 2.54 -2.61 28.10
N PRO D 718 2.92 -2.07 26.94
CA PRO D 718 4.24 -2.40 26.38
C PRO D 718 5.40 -1.94 27.25
N ALA D 719 5.27 -0.82 27.96
CA ALA D 719 6.38 -0.24 28.70
C ALA D 719 6.22 -0.32 30.21
N ARG D 720 4.99 -0.32 30.71
CA ARG D 720 4.76 -0.35 32.15
C ARG D 720 5.24 -1.65 32.79
N LYS D 721 5.54 -2.68 31.98
CA LYS D 721 6.05 -3.92 32.55
C LYS D 721 7.35 -3.71 33.30
N GLY D 722 8.19 -2.79 32.82
CA GLY D 722 9.54 -2.70 33.36
C GLY D 722 10.40 -3.79 32.77
N LEU D 723 10.67 -4.81 33.59
CA LEU D 723 11.39 -5.98 33.11
C LEU D 723 10.74 -7.27 33.60
N TYR D 724 9.73 -7.16 34.48
CA TYR D 724 9.24 -8.31 35.22
C TYR D 724 7.84 -8.75 34.81
N GLU D 725 6.94 -7.80 34.57
CA GLU D 725 5.51 -8.10 34.49
C GLU D 725 5.09 -8.50 33.08
N GLY D 726 3.99 -9.24 33.01
CA GLY D 726 3.40 -9.71 31.77
C GLY D 726 3.74 -11.15 31.43
N THR D 727 4.98 -11.56 31.70
CA THR D 727 5.42 -12.90 31.31
C THR D 727 4.64 -13.97 32.06
N GLY D 728 4.34 -13.74 33.34
CA GLY D 728 3.62 -14.75 34.10
C GLY D 728 2.24 -15.03 33.53
N ARG D 729 1.47 -13.98 33.25
CA ARG D 729 0.12 -14.19 32.74
C ARG D 729 0.12 -14.53 31.26
N LEU D 730 1.24 -14.33 30.56
CA LEU D 730 1.35 -14.86 29.21
C LEU D 730 1.61 -16.37 29.24
N PHE D 731 2.46 -16.82 30.17
CA PHE D 731 2.84 -18.23 30.22
C PHE D 731 1.73 -19.08 30.85
N PHE D 732 0.91 -18.48 31.72
CA PHE D 732 -0.12 -19.24 32.41
C PHE D 732 -1.08 -19.91 31.42
N GLU D 733 -1.57 -19.14 30.45
CA GLU D 733 -2.53 -19.69 29.49
C GLU D 733 -1.90 -20.77 28.61
N PHE D 734 -0.66 -20.57 28.16
CA PHE D 734 0.01 -21.59 27.37
C PHE D 734 0.15 -22.88 28.18
N TYR D 735 0.56 -22.77 29.44
CA TYR D 735 0.72 -23.96 30.26
C TYR D 735 -0.62 -24.66 30.46
N ARG D 736 -1.68 -23.90 30.72
CA ARG D 736 -3.00 -24.48 30.94
C ARG D 736 -3.47 -25.25 29.71
N LEU D 737 -3.45 -24.60 28.55
CA LEU D 737 -3.94 -25.24 27.34
C LEU D 737 -3.07 -26.43 26.93
N LEU D 738 -1.75 -26.32 27.10
CA LEU D 738 -0.87 -27.45 26.80
C LEU D 738 -1.17 -28.62 27.73
N HIS D 739 -1.38 -28.36 29.02
CA HIS D 739 -1.79 -29.39 29.95
C HIS D 739 -3.06 -30.08 29.47
N ASP D 740 -4.03 -29.29 29.00
CA ASP D 740 -5.28 -29.88 28.51
C ASP D 740 -5.08 -30.72 27.26
N ALA D 741 -4.18 -30.32 26.36
CA ALA D 741 -4.08 -30.94 25.04
C ALA D 741 -3.11 -32.13 25.00
N ARG D 742 -2.32 -32.35 26.03
CA ARG D 742 -1.28 -33.38 25.98
C ARG D 742 -1.92 -34.77 25.95
N PRO D 743 -1.29 -35.73 25.26
CA PRO D 743 -1.80 -37.10 25.31
C PRO D 743 -1.76 -37.65 26.72
N LYS D 744 -2.72 -38.52 27.04
CA LYS D 744 -2.76 -39.15 28.34
C LYS D 744 -1.79 -40.33 28.40
N GLU D 745 -1.49 -40.77 29.61
CA GLU D 745 -0.58 -41.88 29.81
C GLU D 745 -1.11 -43.12 29.10
N GLY D 746 -0.20 -43.87 28.46
CA GLY D 746 -0.55 -45.04 27.71
C GLY D 746 -0.68 -44.81 26.21
N ASP D 747 -0.68 -43.56 25.76
CA ASP D 747 -0.74 -43.24 24.34
C ASP D 747 0.64 -42.78 23.89
N ASP D 748 1.13 -43.34 22.78
CA ASP D 748 2.49 -43.10 22.33
C ASP D 748 2.57 -42.40 20.97
N ARG D 749 1.52 -41.68 20.58
CA ARG D 749 1.56 -40.96 19.33
C ARG D 749 2.51 -39.78 19.44
N PRO D 750 3.14 -39.36 18.34
CA PRO D 750 4.04 -38.20 18.40
C PRO D 750 3.31 -36.93 18.84
N PHE D 751 4.01 -36.10 19.62
CA PHE D 751 3.47 -34.84 20.09
C PHE D 751 4.64 -33.86 20.26
N PHE D 752 4.50 -32.66 19.72
CA PHE D 752 5.55 -31.65 19.75
C PHE D 752 4.97 -30.32 20.23
N TRP D 753 5.84 -29.42 20.71
CA TRP D 753 5.40 -28.12 21.17
C TRP D 753 6.56 -27.13 21.06
N LEU D 754 6.25 -25.84 21.24
CA LEU D 754 7.25 -24.79 21.12
C LEU D 754 6.76 -23.53 21.81
N PHE D 755 7.69 -22.80 22.45
CA PHE D 755 7.38 -21.58 23.18
C PHE D 755 8.55 -20.61 22.99
N GLU D 756 8.23 -19.32 22.92
CA GLU D 756 9.23 -18.32 22.57
C GLU D 756 9.07 -17.06 23.42
N ASN D 757 10.20 -16.45 23.76
CA ASN D 757 10.21 -15.22 24.55
C ASN D 757 11.51 -14.46 24.27
N VAL D 758 11.57 -13.21 24.73
CA VAL D 758 12.73 -12.36 24.45
C VAL D 758 13.88 -12.73 25.39
N VAL D 759 15.07 -12.20 25.06
CA VAL D 759 16.24 -12.45 25.89
C VAL D 759 16.20 -11.61 27.16
N ALA D 760 15.76 -10.36 27.06
CA ALA D 760 15.79 -9.43 28.20
C ALA D 760 14.61 -9.76 29.12
N MET D 761 14.91 -10.53 30.16
CA MET D 761 13.89 -10.94 31.12
C MET D 761 14.56 -11.25 32.46
N GLY D 762 13.75 -11.30 33.52
CA GLY D 762 14.27 -11.60 34.83
C GLY D 762 14.78 -13.02 34.93
N VAL D 763 15.67 -13.24 35.89
CA VAL D 763 16.24 -14.58 36.09
C VAL D 763 15.22 -15.52 36.72
N SER D 764 14.44 -15.02 37.67
CA SER D 764 13.47 -15.88 38.35
C SER D 764 12.42 -16.41 37.37
N ASP D 765 11.95 -15.55 36.45
CA ASP D 765 10.97 -16.00 35.48
C ASP D 765 11.52 -17.11 34.60
N LYS D 766 12.78 -16.94 34.14
CA LYS D 766 13.39 -17.97 33.30
C LYS D 766 13.56 -19.27 34.07
N ARG D 767 13.99 -19.19 35.33
CA ARG D 767 14.13 -20.40 36.15
C ARG D 767 12.79 -21.12 36.30
N ASP D 768 11.73 -20.36 36.59
CA ASP D 768 10.42 -20.97 36.79
C ASP D 768 9.90 -21.61 35.51
N ILE D 769 10.04 -20.90 34.38
CA ILE D 769 9.56 -21.45 33.11
C ILE D 769 10.29 -22.75 32.81
N SER D 770 11.61 -22.76 33.00
CA SER D 770 12.37 -23.98 32.73
C SER D 770 11.97 -25.11 33.66
N ARG D 771 11.73 -24.80 34.94
CA ARG D 771 11.26 -25.82 35.88
C ARG D 771 9.95 -26.45 35.41
N PHE D 772 8.96 -25.62 35.12
CA PHE D 772 7.63 -26.13 34.84
C PHE D 772 7.57 -26.85 33.51
N LEU D 773 8.25 -26.32 32.48
CA LEU D 773 8.34 -27.06 31.23
C LEU D 773 9.41 -28.13 31.25
N GLU D 774 10.34 -28.08 32.21
CA GLU D 774 11.37 -29.11 32.40
C GLU D 774 12.33 -29.18 31.23
N SER D 775 12.78 -28.01 30.77
CA SER D 775 13.76 -27.93 29.70
C SER D 775 14.47 -26.59 29.79
N ASN D 776 15.60 -26.49 29.10
CA ASN D 776 16.37 -25.26 29.05
C ASN D 776 16.31 -24.66 27.65
N PRO D 777 16.38 -23.33 27.53
CA PRO D 777 16.19 -22.70 26.23
C PRO D 777 17.41 -22.80 25.33
N VAL D 778 17.18 -22.53 24.06
CA VAL D 778 18.22 -22.50 23.03
C VAL D 778 18.13 -21.15 22.33
N MET D 779 19.12 -20.29 22.55
CA MET D 779 19.10 -18.95 21.99
C MET D 779 19.48 -18.98 20.51
N ILE D 780 18.64 -18.36 19.68
CA ILE D 780 18.85 -18.30 18.24
C ILE D 780 18.74 -16.85 17.81
N ASP D 781 19.72 -16.40 17.02
CA ASP D 781 19.76 -15.02 16.54
C ASP D 781 19.54 -15.03 15.03
N ALA D 782 18.70 -14.10 14.56
CA ALA D 782 18.32 -14.09 13.15
C ALA D 782 19.33 -13.37 12.28
N LYS D 783 20.33 -12.71 12.87
CA LYS D 783 21.30 -11.97 12.07
C LYS D 783 22.25 -12.87 11.30
N GLU D 784 22.20 -14.19 11.55
CA GLU D 784 23.04 -15.13 10.83
C GLU D 784 22.46 -15.52 9.48
N VAL D 785 21.16 -15.36 9.26
CA VAL D 785 20.52 -15.75 8.01
C VAL D 785 19.60 -14.66 7.50
N SER D 786 19.75 -13.45 8.03
CA SER D 786 18.93 -12.32 7.58
C SER D 786 19.70 -11.05 7.82
N ALA D 787 19.00 -9.92 7.72
CA ALA D 787 19.61 -8.60 7.85
C ALA D 787 19.05 -7.80 9.01
N ALA D 788 18.80 -8.43 10.15
CA ALA D 788 18.26 -7.75 11.32
C ALA D 788 18.82 -8.39 12.58
N HIS D 789 18.85 -7.62 13.66
CA HIS D 789 19.32 -8.09 14.95
C HIS D 789 18.10 -8.48 15.80
N ARG D 790 17.90 -9.78 16.00
CA ARG D 790 16.74 -10.26 16.74
C ARG D 790 17.13 -11.56 17.45
N ALA D 791 17.16 -11.52 18.78
CA ALA D 791 17.55 -12.66 19.60
C ALA D 791 16.41 -13.05 20.53
N ARG D 792 16.22 -14.35 20.71
CA ARG D 792 15.08 -14.87 21.45
C ARG D 792 15.46 -16.21 22.09
N TYR D 793 14.66 -16.62 23.06
CA TYR D 793 14.76 -17.94 23.67
C TYR D 793 13.66 -18.84 23.11
N PHE D 794 13.97 -20.11 22.89
CA PHE D 794 13.02 -21.05 22.32
C PHE D 794 13.00 -22.33 23.17
N TRP D 795 11.90 -22.53 23.89
CA TRP D 795 11.64 -23.78 24.59
C TRP D 795 10.90 -24.73 23.66
N GLY D 796 11.24 -26.01 23.72
CA GLY D 796 10.55 -26.97 22.88
C GLY D 796 11.18 -28.34 23.00
N ASN D 797 10.62 -29.29 22.24
CA ASN D 797 11.16 -30.63 22.16
C ASN D 797 11.21 -31.14 20.72
N LEU D 798 11.27 -30.25 19.74
CA LEU D 798 11.35 -30.68 18.36
C LEU D 798 12.66 -31.45 18.13
N PRO D 799 12.71 -32.30 17.12
CA PRO D 799 13.89 -33.17 16.95
C PRO D 799 15.13 -32.38 16.59
N GLY D 800 16.13 -32.45 17.45
CA GLY D 800 17.44 -31.89 17.12
C GLY D 800 17.44 -30.42 16.81
N MET D 801 16.83 -29.60 17.64
CA MET D 801 16.80 -28.16 17.40
C MET D 801 18.05 -27.46 17.91
N ASN D 802 19.00 -28.19 18.48
CA ASN D 802 20.24 -27.57 18.98
C ASN D 802 21.34 -27.55 17.93
N ARG D 803 21.09 -28.07 16.73
CA ARG D 803 22.12 -28.12 15.70
C ARG D 803 22.47 -26.71 15.22
N PRO D 804 23.67 -26.52 14.66
CA PRO D 804 24.10 -25.17 14.30
C PRO D 804 23.27 -24.57 13.19
N LEU D 805 23.12 -23.24 13.23
CA LEU D 805 22.30 -22.51 12.28
C LEU D 805 23.13 -22.17 11.06
N ALA D 806 22.70 -22.61 9.89
CA ALA D 806 23.43 -22.43 8.64
C ALA D 806 22.53 -21.75 7.61
N SER D 807 23.15 -20.97 6.73
CA SER D 807 22.40 -20.24 5.72
C SER D 807 22.36 -21.02 4.41
N THR D 808 21.53 -20.56 3.50
CA THR D 808 21.41 -21.13 2.16
C THR D 808 21.47 -20.00 1.14
N VAL D 809 21.71 -20.38 -0.12
CA VAL D 809 21.85 -19.39 -1.18
C VAL D 809 20.61 -18.52 -1.32
N ASN D 810 19.48 -18.94 -0.79
CA ASN D 810 18.22 -18.22 -0.95
C ASN D 810 18.06 -17.06 0.03
N ASP D 811 19.01 -16.87 0.95
CA ASP D 811 18.89 -15.81 1.93
C ASP D 811 19.48 -14.50 1.39
N LYS D 812 19.17 -13.41 2.08
CA LYS D 812 19.65 -12.07 1.74
C LYS D 812 20.27 -11.50 3.01
N LEU D 813 21.58 -11.67 3.15
CA LEU D 813 22.26 -11.40 4.42
C LEU D 813 22.73 -9.96 4.55
N GLU D 814 22.42 -9.08 3.61
CA GLU D 814 22.90 -7.70 3.64
C GLU D 814 21.76 -6.76 3.32
N LEU D 815 21.86 -5.53 3.81
CA LEU D 815 20.79 -4.56 3.58
C LEU D 815 20.86 -3.94 2.20
N GLN D 816 21.96 -4.16 1.47
CA GLN D 816 22.05 -3.65 0.10
C GLN D 816 21.24 -4.49 -0.87
N GLU D 817 20.90 -5.72 -0.52
CA GLU D 817 20.11 -6.58 -1.39
C GLU D 817 18.61 -6.49 -1.12
N CYS D 818 18.20 -5.68 -0.15
CA CYS D 818 16.79 -5.54 0.19
C CYS D 818 16.19 -4.22 -0.27
N LEU D 819 17.03 -3.27 -0.69
CA LEU D 819 16.52 -1.98 -1.15
C LEU D 819 16.03 -2.08 -2.59
N GLU D 820 15.20 -1.11 -2.98
CA GLU D 820 14.66 -1.06 -4.33
C GLU D 820 15.73 -0.54 -5.29
N HIS D 821 15.30 -0.23 -6.52
CA HIS D 821 16.23 0.26 -7.52
C HIS D 821 16.54 1.73 -7.30
N GLY D 822 17.83 2.06 -7.30
CA GLY D 822 18.29 3.44 -7.22
C GLY D 822 18.52 3.98 -5.83
N ARG D 823 18.66 3.11 -4.83
CA ARG D 823 18.84 3.52 -3.45
C ARG D 823 20.12 2.91 -2.88
N ILE D 824 20.74 3.61 -1.94
CA ILE D 824 22.02 3.20 -1.36
C ILE D 824 21.88 3.14 0.15
N ALA D 825 22.36 2.05 0.74
CA ALA D 825 22.24 1.83 2.18
C ALA D 825 23.40 2.47 2.93
N LYS D 826 23.29 2.48 4.26
CA LYS D 826 24.30 3.08 5.11
C LYS D 826 24.86 2.12 6.16
N PHE D 827 24.20 0.99 6.40
CA PHE D 827 24.67 0.00 7.36
C PHE D 827 24.78 -1.35 6.67
N SER D 828 24.99 -2.39 7.49
CA SER D 828 24.95 -3.77 6.98
C SER D 828 23.71 -4.51 7.47
N LYS D 829 23.24 -4.19 8.68
CA LYS D 829 22.04 -4.77 9.25
C LYS D 829 21.21 -3.68 9.89
N VAL D 830 19.91 -3.74 9.69
CA VAL D 830 19.02 -2.71 10.23
C VAL D 830 18.95 -2.85 11.74
N ARG D 831 19.14 -1.74 12.45
CA ARG D 831 19.37 -1.80 13.90
C ARG D 831 18.10 -2.21 14.63
N THR D 832 17.06 -1.38 14.58
CA THR D 832 15.87 -1.62 15.37
C THR D 832 14.70 -0.87 14.77
N ILE D 833 13.50 -1.34 15.10
CA ILE D 833 12.26 -0.73 14.68
C ILE D 833 11.23 -0.92 15.79
N THR D 834 10.30 0.03 15.89
CA THR D 834 9.25 -0.03 16.90
C THR D 834 7.93 0.32 16.21
N THR D 835 6.90 0.60 17.03
CA THR D 835 5.58 0.88 16.48
C THR D 835 5.59 2.11 15.58
N ARG D 836 6.27 3.18 16.00
CA ARG D 836 6.23 4.46 15.31
C ARG D 836 7.37 4.55 14.30
N SER D 837 7.11 5.30 13.23
CA SER D 837 8.10 5.46 12.16
C SER D 837 9.37 6.13 12.65
N ASN D 838 9.29 6.93 13.72
CA ASN D 838 10.47 7.61 14.24
C ASN D 838 11.54 6.64 14.69
N SER D 839 11.17 5.40 15.01
CA SER D 839 12.16 4.41 15.40
C SER D 839 13.14 4.12 14.27
N ILE D 840 12.64 4.02 13.03
CA ILE D 840 13.53 3.74 11.90
C ILE D 840 14.56 4.83 11.71
N LYS D 841 14.26 6.07 12.11
CA LYS D 841 15.26 7.13 12.05
C LYS D 841 16.45 6.77 12.92
N GLN D 842 17.64 7.20 12.48
CA GLN D 842 18.89 6.78 13.09
C GLN D 842 19.64 7.97 13.67
N GLY D 843 20.28 7.74 14.81
CA GLY D 843 21.13 8.73 15.43
C GLY D 843 20.36 9.69 16.32
N LYS D 844 21.10 10.31 17.24
CA LYS D 844 20.51 11.34 18.07
C LYS D 844 20.01 12.51 17.24
N ASP D 845 20.56 12.70 16.04
CA ASP D 845 20.09 13.72 15.11
C ASP D 845 18.92 13.25 14.27
N GLN D 846 18.53 11.99 14.37
CA GLN D 846 17.36 11.45 13.66
C GLN D 846 17.58 11.39 12.16
N HIS D 847 18.76 10.93 11.73
CA HIS D 847 19.02 10.76 10.31
C HIS D 847 18.50 9.40 9.83
N PHE D 848 18.12 9.35 8.55
CA PHE D 848 17.48 8.17 8.00
C PHE D 848 18.51 7.16 7.53
N PRO D 849 18.12 5.89 7.38
CA PRO D 849 19.11 4.84 7.09
C PRO D 849 19.39 4.59 5.61
N VAL D 850 18.80 5.34 4.69
CA VAL D 850 18.98 5.09 3.26
C VAL D 850 19.39 6.38 2.57
N PHE D 851 20.12 6.24 1.47
CA PHE D 851 20.52 7.36 0.61
C PHE D 851 19.79 7.24 -0.73
N MET D 852 19.31 8.38 -1.24
CA MET D 852 18.61 8.43 -2.51
C MET D 852 18.79 9.81 -3.10
N ASN D 853 19.46 9.88 -4.26
CA ASN D 853 19.77 11.17 -4.89
C ASN D 853 20.48 12.10 -3.92
N GLU D 854 21.44 11.54 -3.18
CA GLU D 854 22.21 12.26 -2.18
C GLU D 854 21.34 12.86 -1.08
N LYS D 855 20.15 12.31 -0.87
CA LYS D 855 19.24 12.77 0.18
C LYS D 855 18.73 11.56 0.96
N GLU D 856 18.80 11.64 2.28
CA GLU D 856 18.48 10.51 3.14
C GLU D 856 16.98 10.23 3.12
N ASP D 857 16.62 8.95 3.27
CA ASP D 857 15.24 8.51 3.21
C ASP D 857 15.06 7.28 4.10
N ILE D 858 13.82 7.04 4.50
CA ILE D 858 13.49 5.90 5.37
C ILE D 858 13.14 4.69 4.53
N LEU D 859 13.16 3.51 5.14
CA LEU D 859 12.80 2.28 4.43
C LEU D 859 11.33 2.27 4.07
N TRP D 860 11.02 1.67 2.92
CA TRP D 860 9.65 1.42 2.50
C TRP D 860 9.19 0.06 3.02
N CYS D 861 7.88 -0.15 2.98
CA CYS D 861 7.33 -1.42 3.45
C CYS D 861 7.78 -2.58 2.58
N THR D 862 7.85 -2.38 1.27
CA THR D 862 8.30 -3.43 0.37
C THR D 862 9.74 -3.82 0.63
N GLU D 863 10.49 -3.00 1.37
CA GLU D 863 11.87 -3.35 1.72
C GLU D 863 11.92 -4.08 3.06
N MET D 864 11.07 -3.69 4.01
CA MET D 864 10.98 -4.43 5.26
C MET D 864 10.50 -5.85 5.01
N GLU D 865 9.57 -6.04 4.08
CA GLU D 865 9.08 -7.38 3.80
C GLU D 865 10.22 -8.29 3.35
N ARG D 866 11.10 -7.78 2.48
CA ARG D 866 12.27 -8.56 2.10
C ARG D 866 13.21 -8.77 3.28
N VAL D 867 13.36 -7.75 4.13
CA VAL D 867 14.26 -7.84 5.27
C VAL D 867 13.87 -9.00 6.17
N PHE D 868 12.56 -9.16 6.42
CA PHE D 868 12.07 -10.19 7.33
C PHE D 868 11.84 -11.54 6.66
N GLY D 869 12.11 -11.66 5.37
CA GLY D 869 12.01 -12.94 4.70
C GLY D 869 10.66 -13.28 4.12
N PHE D 870 9.66 -12.42 4.26
CA PHE D 870 8.34 -12.68 3.71
C PHE D 870 8.38 -12.54 2.20
N PRO D 871 7.43 -13.13 1.48
CA PRO D 871 7.29 -12.80 0.07
C PRO D 871 6.91 -11.35 -0.11
N VAL D 872 7.34 -10.76 -1.21
CA VAL D 872 7.11 -9.35 -1.46
C VAL D 872 5.63 -9.12 -1.78
N HIS D 873 5.09 -8.00 -1.31
CA HIS D 873 3.68 -7.64 -1.40
C HIS D 873 2.79 -8.56 -0.58
N TYR D 874 3.25 -9.06 0.57
CA TYR D 874 2.46 -10.01 1.34
C TYR D 874 1.35 -9.32 2.11
N THR D 875 1.58 -8.10 2.57
CA THR D 875 0.67 -7.41 3.47
C THR D 875 -0.07 -6.25 2.82
N ASP D 876 -0.49 -6.39 1.57
CA ASP D 876 -1.24 -5.34 0.87
C ASP D 876 -2.69 -5.77 0.77
N VAL D 877 -3.50 -5.36 1.75
CA VAL D 877 -4.92 -5.74 1.80
C VAL D 877 -5.69 -4.73 2.64
N SER D 878 -7.00 -4.70 2.42
CA SER D 878 -7.95 -4.08 3.36
C SER D 878 -7.66 -2.62 3.62
N ASN D 879 -6.96 -1.95 2.71
CA ASN D 879 -6.76 -0.50 2.81
C ASN D 879 -6.26 -0.09 4.19
N MET D 880 -5.27 -0.81 4.72
CA MET D 880 -4.64 -0.36 5.96
C MET D 880 -3.73 0.83 5.66
N SER D 881 -3.71 1.79 6.58
CA SER D 881 -2.76 2.87 6.46
C SER D 881 -1.35 2.32 6.49
N ARG D 882 -0.43 3.02 5.82
CA ARG D 882 0.92 2.50 5.68
C ARG D 882 1.71 2.55 6.99
N LEU D 883 1.06 2.91 8.09
CA LEU D 883 1.70 2.83 9.40
C LEU D 883 1.40 1.51 10.09
N ALA D 884 0.23 0.93 9.82
CA ALA D 884 -0.12 -0.34 10.45
C ALA D 884 0.70 -1.48 9.88
N ARG D 885 1.08 -1.39 8.60
CA ARG D 885 1.92 -2.42 8.01
C ARG D 885 3.25 -2.51 8.73
N GLN D 886 3.83 -1.38 9.13
CA GLN D 886 5.10 -1.39 9.84
C GLN D 886 4.98 -2.16 11.15
N ARG D 887 3.90 -1.92 11.90
CA ARG D 887 3.70 -2.65 13.14
C ARG D 887 3.50 -4.14 12.88
N LEU D 888 2.67 -4.48 11.90
CA LEU D 888 2.43 -5.88 11.60
C LEU D 888 3.73 -6.60 11.30
N LEU D 889 4.61 -5.97 10.53
CA LEU D 889 5.87 -6.62 10.15
C LEU D 889 6.85 -6.65 11.32
N GLY D 890 6.87 -5.59 12.13
CA GLY D 890 7.79 -5.55 13.25
C GLY D 890 7.48 -6.57 14.32
N ARG D 891 6.19 -6.78 14.61
CA ARG D 891 5.80 -7.67 15.68
C ARG D 891 5.99 -9.15 15.34
N SER D 892 6.18 -9.48 14.07
CA SER D 892 6.09 -10.87 13.64
C SER D 892 7.39 -11.62 13.91
N TRP D 893 7.35 -12.93 13.66
CA TRP D 893 8.52 -13.78 13.74
C TRP D 893 9.36 -13.65 12.48
N SER D 894 10.48 -14.36 12.45
CA SER D 894 11.35 -14.38 11.29
C SER D 894 11.21 -15.71 10.57
N VAL D 895 10.89 -15.66 9.28
CA VAL D 895 10.63 -16.89 8.52
C VAL D 895 11.84 -17.82 8.47
N PRO D 896 13.05 -17.34 8.12
CA PRO D 896 14.19 -18.27 8.03
C PRO D 896 14.53 -18.96 9.33
N VAL D 897 14.25 -18.33 10.48
CA VAL D 897 14.50 -18.99 11.77
C VAL D 897 13.49 -20.11 11.99
N ILE D 898 12.22 -19.84 11.71
CA ILE D 898 11.17 -20.84 11.96
C ILE D 898 11.33 -22.02 11.03
N ARG D 899 11.78 -21.77 9.79
CA ARG D 899 12.05 -22.88 8.87
C ARG D 899 13.13 -23.80 9.42
N HIS D 900 14.17 -23.20 10.01
CA HIS D 900 15.23 -24.00 10.62
C HIS D 900 14.65 -25.00 11.63
N LEU D 901 13.74 -24.52 12.49
CA LEU D 901 13.19 -25.37 13.54
C LEU D 901 12.23 -26.40 12.98
N PHE D 902 11.43 -26.03 11.98
CA PHE D 902 10.41 -26.94 11.48
C PHE D 902 10.96 -27.96 10.49
N ALA D 903 12.17 -27.75 9.99
CA ALA D 903 12.69 -28.61 8.92
C ALA D 903 12.62 -30.10 9.26
N PRO D 904 12.96 -30.53 10.47
CA PRO D 904 13.00 -31.99 10.75
C PRO D 904 11.64 -32.66 10.71
N LEU D 905 10.53 -31.92 10.78
CA LEU D 905 9.22 -32.55 10.91
C LEU D 905 8.87 -33.45 9.73
N LYS D 906 9.54 -33.28 8.59
CA LYS D 906 9.21 -34.06 7.41
C LYS D 906 9.36 -35.55 7.64
N GLU D 907 10.10 -35.97 8.65
CA GLU D 907 10.33 -37.39 8.88
C GLU D 907 9.14 -38.10 9.50
N TYR D 908 8.13 -37.36 9.96
CA TYR D 908 7.01 -37.94 10.69
C TYR D 908 5.64 -37.68 10.07
N PHE D 909 5.50 -36.69 9.20
CA PHE D 909 4.21 -36.36 8.61
C PHE D 909 4.34 -36.32 7.09
N ALA D 910 3.24 -36.68 6.43
CA ALA D 910 3.26 -36.84 4.98
C ALA D 910 3.66 -35.53 4.30
N CYS D 911 3.92 -35.63 3.00
CA CYS D 911 4.34 -34.51 2.17
C CYS D 911 3.55 -34.51 0.86
N VAL D 912 3.38 -33.32 0.30
CA VAL D 912 2.63 -33.15 -0.94
C VAL D 912 3.23 -34.01 -2.05
N LEU E 7 -13.76 -8.98 63.24
CA LEU E 7 -12.55 -9.01 64.13
C LEU E 7 -11.30 -8.67 63.35
N GLY E 8 -10.86 -9.60 62.51
CA GLY E 8 -9.65 -9.40 61.74
C GLY E 8 -9.78 -8.22 60.79
N GLU E 9 -8.66 -7.53 60.56
CA GLU E 9 -8.65 -6.38 59.68
C GLU E 9 -8.60 -6.84 58.23
N ALA E 10 -9.49 -6.30 57.40
CA ALA E 10 -9.59 -6.72 56.01
C ALA E 10 -8.33 -6.33 55.25
N VAL E 11 -7.95 -7.16 54.27
CA VAL E 11 -6.79 -6.92 53.42
C VAL E 11 -7.29 -6.65 52.01
N THR E 12 -6.76 -5.60 51.38
CA THR E 12 -7.21 -5.18 50.06
C THR E 12 -6.23 -5.51 48.94
N ASP E 13 -4.93 -5.62 49.24
CA ASP E 13 -3.93 -5.89 48.21
C ASP E 13 -3.82 -7.41 48.03
N HIS E 14 -4.57 -7.93 47.08
CA HIS E 14 -4.57 -9.36 46.85
C HIS E 14 -3.31 -9.79 46.09
N PRO E 15 -2.78 -10.97 46.36
CA PRO E 15 -1.67 -11.48 45.56
C PRO E 15 -2.11 -11.76 44.14
N ASP E 16 -1.14 -11.79 43.22
CA ASP E 16 -1.45 -12.04 41.82
C ASP E 16 -1.18 -13.48 41.40
N ARG E 17 -0.35 -14.22 42.12
CA ARG E 17 0.01 -15.56 41.70
C ARG E 17 0.30 -16.43 42.92
N LEU E 18 0.33 -17.74 42.70
CA LEU E 18 0.78 -18.69 43.71
C LEU E 18 1.40 -19.88 42.98
N TRP E 19 2.72 -19.84 42.81
CA TRP E 19 3.44 -20.87 42.05
C TRP E 19 4.09 -21.84 43.02
N ALA E 20 3.93 -23.14 42.75
CA ALA E 20 4.43 -24.17 43.66
C ALA E 20 5.94 -24.16 43.69
N TRP E 21 6.51 -23.88 44.87
CA TRP E 21 7.95 -23.94 45.07
C TRP E 21 8.38 -25.31 45.57
N GLU E 22 7.85 -25.73 46.72
CA GLU E 22 8.00 -27.09 47.20
C GLU E 22 6.60 -27.67 47.35
N LYS E 23 6.52 -28.90 47.85
CA LYS E 23 5.23 -29.45 48.22
C LYS E 23 4.72 -28.76 49.47
N PHE E 24 3.58 -28.10 49.36
CA PHE E 24 2.96 -27.31 50.43
C PHE E 24 3.69 -25.99 50.69
N VAL E 25 4.29 -25.39 49.67
CA VAL E 25 4.81 -24.02 49.77
C VAL E 25 4.54 -23.32 48.45
N TYR E 26 4.02 -22.08 48.52
CA TYR E 26 3.60 -21.33 47.35
C TYR E 26 4.15 -19.92 47.42
N LEU E 27 4.76 -19.46 46.34
CA LEU E 27 5.39 -18.14 46.27
C LEU E 27 4.58 -17.23 45.35
N ASP E 28 4.22 -16.06 45.85
CA ASP E 28 3.43 -15.13 45.06
C ASP E 28 4.35 -14.31 44.16
N GLU E 29 3.84 -13.23 43.58
CA GLU E 29 4.60 -12.47 42.60
C GLU E 29 5.81 -11.77 43.21
N LYS E 30 5.78 -11.47 44.51
CA LYS E 30 6.90 -10.84 45.20
C LYS E 30 7.79 -11.85 45.92
N GLN E 31 7.66 -13.14 45.59
CA GLN E 31 8.48 -14.20 46.17
C GLN E 31 8.31 -14.31 47.69
N HIS E 32 7.08 -14.14 48.17
CA HIS E 32 6.77 -14.40 49.57
C HIS E 32 6.09 -15.75 49.70
N ALA E 33 6.39 -16.45 50.80
CA ALA E 33 5.96 -17.83 50.97
C ALA E 33 4.63 -17.90 51.72
N TRP E 34 3.66 -18.60 51.13
CA TRP E 34 2.39 -18.92 51.75
C TRP E 34 2.29 -20.44 51.87
N LEU E 35 1.62 -20.92 52.92
CA LEU E 35 1.50 -22.35 53.15
C LEU E 35 0.04 -22.74 53.36
N PRO E 36 -0.39 -23.89 52.81
CA PRO E 36 -1.74 -24.37 53.11
C PRO E 36 -1.80 -25.10 54.44
N LEU E 37 -2.49 -24.53 55.42
CA LEU E 37 -2.48 -25.08 56.77
C LEU E 37 -3.59 -26.07 57.02
N THR E 38 -4.77 -25.86 56.42
CA THR E 38 -5.91 -26.72 56.66
C THR E 38 -6.76 -26.78 55.40
N ILE E 39 -7.42 -27.92 55.20
CA ILE E 39 -8.33 -28.12 54.08
C ILE E 39 -9.64 -28.66 54.61
N GLU E 40 -10.74 -28.06 54.17
CA GLU E 40 -12.08 -28.47 54.57
C GLU E 40 -12.80 -29.12 53.39
N ILE E 41 -13.56 -30.18 53.68
CA ILE E 41 -14.24 -30.93 52.63
C ILE E 41 -15.72 -30.99 52.96
N LYS E 42 -16.51 -30.09 52.36
CA LYS E 42 -17.95 -30.10 52.59
C LYS E 42 -18.62 -31.26 51.87
N ASP E 43 -18.52 -31.28 50.54
CA ASP E 43 -19.11 -32.36 49.75
C ASP E 43 -18.12 -32.72 48.64
N ARG E 44 -18.53 -33.66 47.79
CA ARG E 44 -17.62 -34.16 46.77
C ARG E 44 -17.16 -33.04 45.84
N LEU E 45 -17.98 -32.02 45.62
CA LEU E 45 -17.65 -30.93 44.71
C LEU E 45 -17.41 -29.60 45.43
N GLN E 46 -17.22 -29.60 46.74
CA GLN E 46 -16.99 -28.38 47.51
C GLN E 46 -15.76 -28.61 48.36
N LEU E 47 -14.73 -27.79 48.14
CA LEU E 47 -13.44 -27.94 48.80
C LEU E 47 -12.91 -26.57 49.17
N ARG E 48 -12.32 -26.45 50.35
CA ARG E 48 -11.82 -25.18 50.87
C ARG E 48 -10.40 -25.37 51.39
N VAL E 49 -9.55 -24.37 51.15
CA VAL E 49 -8.16 -24.39 51.55
C VAL E 49 -7.84 -23.09 52.29
N LEU E 50 -7.09 -23.19 53.37
CA LEU E 50 -6.69 -22.04 54.18
C LEU E 50 -5.21 -21.77 53.96
N LEU E 51 -4.87 -20.56 53.55
CA LEU E 51 -3.51 -20.16 53.25
C LEU E 51 -3.04 -19.13 54.26
N ARG E 52 -1.83 -19.31 54.77
CA ARG E 52 -1.23 -18.40 55.75
C ARG E 52 0.20 -18.10 55.33
N ARG E 53 0.65 -16.88 55.63
CA ARG E 53 1.98 -16.43 55.21
C ARG E 53 2.98 -16.57 56.36
N GLU E 54 4.02 -17.37 56.14
CA GLU E 54 5.09 -17.54 57.11
C GLU E 54 6.43 -17.34 56.42
N ASP E 55 7.30 -16.55 57.03
CA ASP E 55 8.63 -16.28 56.48
C ASP E 55 9.55 -17.39 56.97
N VAL E 56 9.89 -18.31 56.07
CA VAL E 56 10.69 -19.47 56.41
C VAL E 56 11.85 -19.58 55.42
N VAL E 57 12.90 -20.29 55.84
CA VAL E 57 14.07 -20.52 55.00
C VAL E 57 13.68 -21.60 53.99
N LEU E 58 13.84 -21.31 52.70
CA LEU E 58 13.37 -22.20 51.66
C LEU E 58 14.47 -23.15 51.22
N GLY E 59 14.07 -24.31 50.70
CA GLY E 59 15.01 -25.28 50.19
C GLY E 59 15.12 -25.27 48.67
N ARG E 60 15.70 -26.34 48.15
CA ARG E 60 15.87 -26.52 46.72
C ARG E 60 14.49 -26.70 46.08
N PRO E 61 14.22 -26.05 44.92
CA PRO E 61 12.91 -26.09 44.28
C PRO E 61 12.64 -27.44 43.61
N MET E 62 11.36 -27.81 43.43
CA MET E 62 10.97 -29.10 42.88
C MET E 62 10.25 -28.93 41.55
N THR E 63 10.48 -29.89 40.66
CA THR E 63 9.74 -29.95 39.41
C THR E 63 8.37 -30.57 39.65
N PRO E 64 7.38 -30.26 38.80
CA PRO E 64 6.06 -30.87 38.99
C PRO E 64 6.10 -32.38 39.10
N THR E 65 7.00 -33.05 38.38
CA THR E 65 7.05 -34.51 38.46
C THR E 65 7.54 -34.98 39.82
N GLN E 66 8.22 -34.11 40.57
CA GLN E 66 8.69 -34.47 41.90
C GLN E 66 7.75 -34.01 43.00
N ILE E 67 6.94 -32.98 42.75
CA ILE E 67 5.90 -32.61 43.70
C ILE E 67 4.90 -33.75 43.85
N GLY E 68 4.52 -34.37 42.74
CA GLY E 68 3.63 -35.51 42.77
C GLY E 68 2.18 -35.10 42.79
N PRO E 69 1.28 -36.08 42.71
CA PRO E 69 -0.15 -35.78 42.73
C PRO E 69 -0.58 -35.11 44.03
N SER E 70 -1.56 -34.21 43.92
CA SER E 70 -2.07 -33.49 45.09
C SER E 70 -3.41 -32.86 44.74
N LEU E 71 -4.24 -32.67 45.76
CA LEU E 71 -5.53 -32.03 45.55
C LEU E 71 -5.37 -30.59 45.08
N LEU E 72 -4.42 -29.87 45.62
CA LEU E 72 -4.24 -28.47 45.27
C LEU E 72 -3.62 -28.34 43.88
N PRO E 73 -3.87 -27.23 43.18
CA PRO E 73 -3.25 -27.02 41.87
C PRO E 73 -1.80 -26.57 42.02
N ILE E 74 -1.13 -26.47 40.87
CA ILE E 74 0.28 -26.07 40.86
C ILE E 74 0.44 -24.58 40.62
N MET E 75 -0.58 -23.88 40.14
CA MET E 75 -0.41 -22.49 39.74
C MET E 75 -1.79 -21.82 39.76
N TRP E 76 -2.00 -20.94 40.73
CA TRP E 76 -3.17 -20.07 40.75
C TRP E 76 -2.85 -18.79 40.00
N GLN E 77 -3.88 -18.01 39.71
CA GLN E 77 -3.67 -16.70 39.09
C GLN E 77 -4.93 -15.87 39.20
N LEU E 78 -4.76 -14.57 39.43
CA LEU E 78 -5.88 -13.68 39.68
C LEU E 78 -6.46 -13.22 38.34
N TYR E 79 -7.53 -13.89 37.92
CA TYR E 79 -8.27 -13.46 36.75
C TYR E 79 -8.98 -12.16 37.06
N PRO E 80 -9.38 -11.41 36.03
CA PRO E 80 -10.10 -10.16 36.28
C PRO E 80 -11.32 -10.40 37.16
N ASP E 81 -11.92 -9.31 37.62
CA ASP E 81 -13.14 -9.34 38.43
C ASP E 81 -12.99 -10.28 39.63
N GLY E 82 -11.76 -10.39 40.12
CA GLY E 82 -11.49 -11.00 41.40
C GLY E 82 -11.83 -12.47 41.55
N ARG E 83 -11.45 -13.30 40.59
CA ARG E 83 -11.58 -14.74 40.73
C ARG E 83 -10.28 -15.41 40.29
N TYR E 84 -9.95 -16.51 40.96
CA TYR E 84 -8.69 -17.20 40.76
C TYR E 84 -8.91 -18.45 39.91
N ARG E 85 -8.27 -18.51 38.75
CA ARG E 85 -8.30 -19.71 37.94
C ARG E 85 -7.08 -20.57 38.24
N SER E 86 -7.27 -21.89 38.15
CA SER E 86 -6.20 -22.84 38.39
C SER E 86 -5.72 -23.41 37.07
N SER E 87 -4.63 -24.18 37.13
CA SER E 87 -4.04 -24.76 35.93
C SER E 87 -4.86 -25.92 35.39
N ASP E 88 -5.89 -26.38 36.10
CA ASP E 88 -6.79 -27.41 35.60
C ASP E 88 -8.04 -26.82 34.97
N SER E 89 -8.10 -25.49 34.83
CA SER E 89 -9.19 -24.80 34.15
C SER E 89 -10.39 -24.61 35.05
N SER E 90 -10.29 -25.01 36.32
CA SER E 90 -11.37 -24.77 37.26
C SER E 90 -11.33 -23.34 37.74
N PHE E 91 -12.29 -22.96 38.58
CA PHE E 91 -12.39 -21.61 39.12
C PHE E 91 -12.50 -21.66 40.64
N TRP E 92 -11.91 -20.67 41.30
CA TRP E 92 -11.93 -20.55 42.75
C TRP E 92 -12.38 -19.15 43.13
N ARG E 93 -12.97 -19.04 44.32
CA ARG E 93 -13.55 -17.79 44.81
C ARG E 93 -12.89 -17.37 46.11
N LEU E 94 -12.61 -16.08 46.24
CA LEU E 94 -11.98 -15.55 47.44
C LEU E 94 -13.05 -15.20 48.47
N VAL E 95 -13.01 -15.88 49.62
CA VAL E 95 -14.04 -15.68 50.63
C VAL E 95 -13.69 -14.51 51.53
N TYR E 96 -12.51 -14.54 52.16
CA TYR E 96 -12.08 -13.43 53.01
C TYR E 96 -10.56 -13.30 52.89
N HIS E 97 -10.08 -12.12 53.28
CA HIS E 97 -8.63 -11.84 53.26
C HIS E 97 -8.37 -10.84 54.38
N ILE E 98 -7.90 -11.34 55.53
CA ILE E 98 -7.84 -10.56 56.76
C ILE E 98 -6.45 -10.65 57.37
N LYS E 99 -6.16 -9.70 58.26
CA LYS E 99 -4.91 -9.65 59.01
C LYS E 99 -5.24 -9.62 60.49
N ILE E 100 -4.72 -10.59 61.22
CA ILE E 100 -4.96 -10.71 62.66
C ILE E 100 -3.61 -10.72 63.37
N ASP E 101 -3.44 -9.80 64.33
CA ASP E 101 -2.25 -9.75 65.17
C ASP E 101 -0.97 -9.95 64.36
N GLY E 102 -0.95 -9.40 63.15
CA GLY E 102 0.22 -9.44 62.30
C GLY E 102 0.31 -10.64 61.38
N VAL E 103 -0.57 -11.62 61.52
CA VAL E 103 -0.60 -12.79 60.63
C VAL E 103 -1.74 -12.62 59.64
N GLU E 104 -1.45 -12.83 58.37
CA GLU E 104 -2.41 -12.66 57.29
C GLU E 104 -2.89 -14.02 56.82
N ASP E 105 -4.20 -14.15 56.62
CA ASP E 105 -4.81 -15.40 56.21
C ASP E 105 -5.65 -15.18 54.95
N MET E 106 -5.71 -16.22 54.12
CA MET E 106 -6.49 -16.20 52.89
C MET E 106 -7.28 -17.49 52.80
N LEU E 107 -8.45 -17.41 52.19
CA LEU E 107 -9.34 -18.55 52.02
C LEU E 107 -9.82 -18.60 50.58
N LEU E 108 -9.83 -19.81 50.01
CA LEU E 108 -10.30 -20.03 48.65
C LEU E 108 -11.33 -21.15 48.63
N GLU E 109 -12.42 -20.95 47.90
CA GLU E 109 -13.53 -21.90 47.83
C GLU E 109 -13.76 -22.28 46.38
N LEU E 110 -13.88 -23.58 46.12
CA LEU E 110 -14.08 -24.05 44.76
C LEU E 110 -15.50 -23.73 44.31
N LEU E 111 -15.72 -23.74 42.99
CA LEU E 111 -17.05 -23.45 42.46
C LEU E 111 -17.57 -24.62 41.63
N PRO E 112 -18.86 -24.92 41.69
CA PRO E 112 -19.41 -26.05 40.94
C PRO E 112 -19.04 -25.97 39.45
N ASP E 113 -19.25 -27.10 38.76
CA ASP E 113 -19.04 -27.15 37.32
C ASP E 113 -20.35 -26.88 36.60
N ASP E 114 -20.31 -25.94 35.67
CA ASP E 114 -21.50 -25.56 34.91
C ASP E 114 -21.43 -26.06 33.48
N GLU F 9 -16.37 -41.22 75.35
CA GLU F 9 -16.54 -42.69 75.25
C GLU F 9 -15.60 -43.30 74.21
N ALA F 10 -14.48 -43.84 74.68
CA ALA F 10 -13.54 -44.49 73.77
C ALA F 10 -14.12 -45.80 73.25
N VAL F 11 -13.87 -46.05 71.97
CA VAL F 11 -14.34 -47.25 71.27
C VAL F 11 -13.14 -48.01 70.75
N THR F 12 -13.09 -49.31 71.01
CA THR F 12 -12.00 -50.16 70.55
C THR F 12 -12.26 -50.78 69.18
N ASP F 13 -13.37 -50.43 68.53
CA ASP F 13 -13.71 -50.99 67.23
C ASP F 13 -12.88 -50.30 66.14
N HIS F 14 -11.71 -50.86 65.89
CA HIS F 14 -10.87 -50.36 64.82
C HIS F 14 -11.23 -51.05 63.50
N PRO F 15 -11.56 -50.31 62.45
CA PRO F 15 -11.89 -50.96 61.18
C PRO F 15 -10.74 -51.78 60.64
N ASP F 16 -11.07 -52.88 59.97
CA ASP F 16 -10.04 -53.79 59.48
C ASP F 16 -9.58 -53.41 58.09
N ARG F 17 -10.51 -53.26 57.15
CA ARG F 17 -10.18 -52.92 55.77
C ARG F 17 -11.16 -51.86 55.27
N LEU F 18 -10.62 -50.74 54.79
CA LEU F 18 -11.41 -49.65 54.25
C LEU F 18 -11.10 -49.52 52.76
N TRP F 19 -12.13 -49.58 51.93
CA TRP F 19 -12.00 -49.47 50.48
C TRP F 19 -12.75 -48.23 50.00
N ALA F 20 -12.22 -47.60 48.96
CA ALA F 20 -12.79 -46.36 48.45
C ALA F 20 -13.85 -46.67 47.42
N TRP F 21 -15.12 -46.58 47.83
CA TRP F 21 -16.23 -46.73 46.90
C TRP F 21 -16.37 -45.51 45.99
N GLU F 22 -16.14 -44.32 46.53
CA GLU F 22 -16.11 -43.09 45.76
C GLU F 22 -15.14 -42.13 46.43
N LYS F 23 -14.77 -41.07 45.71
CA LYS F 23 -13.88 -40.06 46.26
C LYS F 23 -14.48 -39.49 47.53
N PHE F 24 -13.67 -39.41 48.59
CA PHE F 24 -14.11 -38.99 49.91
C PHE F 24 -15.17 -39.92 50.50
N VAL F 25 -15.25 -41.15 50.01
CA VAL F 25 -16.19 -42.14 50.52
C VAL F 25 -15.43 -43.45 50.69
N TYR F 26 -15.44 -43.99 51.91
CA TYR F 26 -14.75 -45.23 52.22
C TYR F 26 -15.70 -46.21 52.91
N LEU F 27 -15.62 -47.48 52.53
CA LEU F 27 -16.49 -48.51 53.05
C LEU F 27 -15.68 -49.50 53.88
N ASP F 28 -16.10 -49.69 55.13
CA ASP F 28 -15.49 -50.68 56.00
C ASP F 28 -15.99 -52.08 55.61
N GLU F 29 -15.34 -53.12 56.15
CA GLU F 29 -15.78 -54.48 55.86
C GLU F 29 -17.24 -54.69 56.23
N LYS F 30 -17.77 -53.92 57.18
CA LYS F 30 -19.18 -53.96 57.52
C LYS F 30 -20.05 -53.14 56.57
N GLN F 31 -19.48 -52.66 55.46
CA GLN F 31 -20.20 -51.90 54.45
C GLN F 31 -20.65 -50.53 54.95
N HIS F 32 -20.26 -50.16 56.17
CA HIS F 32 -20.62 -48.86 56.72
C HIS F 32 -19.67 -47.79 56.18
N ALA F 33 -20.24 -46.67 55.77
CA ALA F 33 -19.48 -45.61 55.13
C ALA F 33 -18.77 -44.75 56.15
N TRP F 34 -17.56 -44.31 55.80
CA TRP F 34 -16.78 -43.35 56.59
C TRP F 34 -16.42 -42.17 55.70
N LEU F 35 -16.65 -40.96 56.19
CA LEU F 35 -16.43 -39.75 55.40
C LEU F 35 -15.27 -38.96 55.98
N PRO F 36 -14.15 -38.80 55.26
CA PRO F 36 -13.08 -37.92 55.74
C PRO F 36 -13.46 -36.46 55.56
N LEU F 37 -13.49 -35.71 56.67
CA LEU F 37 -13.99 -34.35 56.65
C LEU F 37 -12.90 -33.31 56.46
N THR F 38 -11.79 -33.40 57.19
CA THR F 38 -10.77 -32.36 57.12
C THR F 38 -9.39 -33.00 57.10
N ILE F 39 -8.43 -32.27 56.50
CA ILE F 39 -7.04 -32.64 56.47
C ILE F 39 -6.23 -31.46 57.01
N GLU F 40 -5.36 -31.72 57.98
CA GLU F 40 -4.62 -30.69 58.67
C GLU F 40 -3.13 -30.94 58.50
N ILE F 41 -2.37 -29.85 58.31
CA ILE F 41 -0.93 -29.92 58.10
C ILE F 41 -0.24 -29.28 59.29
N LYS F 42 0.79 -29.95 59.81
CA LYS F 42 1.62 -29.40 60.87
C LYS F 42 2.95 -28.98 60.29
N ASP F 43 3.30 -27.71 60.47
CA ASP F 43 4.50 -27.15 59.86
C ASP F 43 4.37 -27.39 58.35
N ARG F 44 5.24 -28.23 57.77
CA ARG F 44 5.23 -28.47 56.34
C ARG F 44 5.15 -29.93 55.92
N LEU F 45 5.27 -30.87 56.86
CA LEU F 45 5.44 -32.27 56.49
C LEU F 45 4.30 -33.16 56.97
N GLN F 46 3.96 -33.08 58.26
CA GLN F 46 3.06 -34.05 58.87
C GLN F 46 1.62 -33.81 58.41
N LEU F 47 0.90 -34.91 58.19
CA LEU F 47 -0.46 -34.89 57.65
C LEU F 47 -1.39 -35.62 58.59
N ARG F 48 -2.52 -34.98 58.92
CA ARG F 48 -3.55 -35.58 59.76
C ARG F 48 -4.89 -35.48 59.05
N VAL F 49 -5.71 -36.52 59.18
CA VAL F 49 -7.01 -36.59 58.52
C VAL F 49 -8.03 -37.13 59.51
N LEU F 50 -9.23 -36.56 59.50
CA LEU F 50 -10.30 -36.94 60.42
C LEU F 50 -11.34 -37.75 59.64
N LEU F 51 -11.70 -38.91 60.18
CA LEU F 51 -12.72 -39.77 59.58
C LEU F 51 -13.94 -39.83 60.50
N ARG F 52 -15.12 -39.84 59.90
CA ARG F 52 -16.38 -39.86 60.64
C ARG F 52 -17.28 -40.95 60.07
N ARG F 53 -17.98 -41.65 60.96
CA ARG F 53 -18.88 -42.71 60.56
C ARG F 53 -20.29 -42.17 60.33
N GLU F 54 -20.91 -42.56 59.22
CA GLU F 54 -22.24 -42.09 58.88
C GLU F 54 -22.95 -43.12 58.03
N ASP F 55 -24.27 -42.96 57.91
CA ASP F 55 -25.10 -43.84 57.11
C ASP F 55 -25.76 -42.98 56.02
N VAL F 56 -25.14 -42.99 54.84
CA VAL F 56 -25.58 -42.19 53.71
C VAL F 56 -25.74 -43.09 52.50
N VAL F 57 -26.47 -42.59 51.50
CA VAL F 57 -26.75 -43.37 50.29
C VAL F 57 -25.47 -43.42 49.45
N LEU F 58 -25.04 -44.62 49.09
CA LEU F 58 -23.84 -44.77 48.28
C LEU F 58 -24.16 -44.59 46.81
N GLY F 59 -23.29 -43.88 46.09
CA GLY F 59 -23.47 -43.63 44.68
C GLY F 59 -22.81 -44.71 43.83
N ARG F 60 -22.71 -44.42 42.55
CA ARG F 60 -22.08 -45.35 41.63
C ARG F 60 -20.59 -45.48 41.96
N PRO F 61 -20.02 -46.68 41.89
CA PRO F 61 -18.60 -46.83 42.24
C PRO F 61 -17.70 -46.06 41.29
N MET F 62 -16.58 -45.59 41.81
CA MET F 62 -15.60 -44.84 41.04
C MET F 62 -14.29 -45.60 40.96
N THR F 63 -13.76 -45.74 39.74
CA THR F 63 -12.49 -46.40 39.53
C THR F 63 -11.34 -45.50 39.96
N PRO F 64 -10.15 -46.07 40.15
CA PRO F 64 -9.00 -45.23 40.54
C PRO F 64 -8.76 -44.08 39.58
N THR F 65 -8.96 -44.30 38.28
CA THR F 65 -8.81 -43.22 37.31
C THR F 65 -9.82 -42.11 37.58
N GLN F 66 -11.07 -42.46 37.86
CA GLN F 66 -12.08 -41.45 38.12
C GLN F 66 -11.77 -40.68 39.41
N ILE F 67 -11.23 -41.37 40.41
CA ILE F 67 -10.89 -40.70 41.67
C ILE F 67 -9.87 -39.61 41.42
N GLY F 68 -8.85 -39.89 40.62
CA GLY F 68 -7.84 -38.92 40.29
C GLY F 68 -6.82 -38.76 41.40
N PRO F 69 -5.87 -37.83 41.20
CA PRO F 69 -4.87 -37.58 42.25
C PRO F 69 -5.53 -37.08 43.53
N SER F 70 -5.01 -37.54 44.66
CA SER F 70 -5.54 -37.16 45.96
C SER F 70 -4.50 -37.41 47.03
N LEU F 71 -4.48 -36.53 48.03
CA LEU F 71 -3.56 -36.68 49.15
C LEU F 71 -3.91 -37.89 50.00
N LEU F 72 -5.16 -38.35 49.96
CA LEU F 72 -5.56 -39.53 50.71
C LEU F 72 -5.06 -40.79 50.01
N PRO F 73 -4.70 -41.82 50.76
CA PRO F 73 -4.48 -43.14 50.14
C PRO F 73 -5.80 -43.76 49.72
N ILE F 74 -5.71 -44.73 48.82
CA ILE F 74 -6.92 -45.38 48.32
C ILE F 74 -7.36 -46.53 49.21
N MET F 75 -6.42 -47.23 49.85
CA MET F 75 -6.74 -48.33 50.75
C MET F 75 -6.16 -48.06 52.13
N TRP F 76 -6.87 -48.52 53.15
CA TRP F 76 -6.38 -48.56 54.52
C TRP F 76 -6.58 -49.96 55.08
N GLN F 77 -5.64 -50.41 55.91
CA GLN F 77 -5.68 -51.72 56.53
C GLN F 77 -5.10 -51.64 57.93
N LEU F 78 -5.70 -52.39 58.86
CA LEU F 78 -5.26 -52.35 60.25
C LEU F 78 -3.90 -53.03 60.41
N TYR F 79 -3.09 -52.48 61.31
CA TYR F 79 -1.77 -52.99 61.62
C TYR F 79 -1.61 -53.07 63.13
N PRO F 80 -0.80 -54.02 63.63
CA PRO F 80 -0.61 -54.10 65.09
C PRO F 80 -0.10 -52.81 65.69
N ASP F 81 -0.14 -52.72 67.02
CA ASP F 81 0.31 -51.53 67.75
C ASP F 81 -0.51 -50.30 67.40
N GLY F 82 -1.78 -50.49 67.08
CA GLY F 82 -2.65 -49.37 66.75
C GLY F 82 -2.19 -48.56 65.55
N ARG F 83 -1.80 -49.23 64.47
CA ARG F 83 -1.33 -48.57 63.27
C ARG F 83 -2.08 -49.11 62.05
N TYR F 84 -2.09 -48.29 60.99
CA TYR F 84 -2.73 -48.65 59.74
C TYR F 84 -1.75 -48.53 58.60
N ARG F 85 -1.78 -49.48 57.68
CA ARG F 85 -0.93 -49.48 56.49
C ARG F 85 -1.74 -48.98 55.29
N SER F 86 -1.25 -47.93 54.66
CA SER F 86 -1.92 -47.31 53.53
C SER F 86 -1.56 -48.03 52.24
N SER F 87 -2.16 -47.55 51.14
CA SER F 87 -1.92 -48.17 49.84
C SER F 87 -0.46 -48.07 49.42
N ASP F 88 0.18 -46.94 49.67
CA ASP F 88 1.57 -46.72 49.29
C ASP F 88 2.56 -47.23 50.33
N SER F 89 2.14 -48.16 51.20
CA SER F 89 2.97 -48.81 52.21
C SER F 89 3.31 -47.91 53.38
N SER F 90 2.84 -46.66 53.40
CA SER F 90 3.08 -45.79 54.53
C SER F 90 2.26 -46.25 55.73
N PHE F 91 2.70 -45.85 56.91
CA PHE F 91 2.06 -46.22 58.16
C PHE F 91 1.40 -45.00 58.80
N TRP F 92 0.21 -45.22 59.36
CA TRP F 92 -0.55 -44.17 60.02
C TRP F 92 -0.85 -44.59 61.45
N ARG F 93 -0.80 -43.62 62.37
CA ARG F 93 -1.02 -43.86 63.78
C ARG F 93 -2.40 -43.34 64.18
N LEU F 94 -3.15 -44.16 64.91
CA LEU F 94 -4.45 -43.73 65.44
C LEU F 94 -4.21 -42.76 66.59
N VAL F 95 -4.99 -41.69 66.63
CA VAL F 95 -4.87 -40.73 67.72
C VAL F 95 -5.93 -40.99 68.78
N TYR F 96 -7.20 -41.13 68.34
CA TYR F 96 -8.26 -41.55 69.25
C TYR F 96 -9.47 -41.95 68.40
N HIS F 97 -10.39 -42.67 69.05
CA HIS F 97 -11.64 -43.09 68.42
C HIS F 97 -12.74 -43.04 69.47
N ILE F 98 -13.60 -42.04 69.36
CA ILE F 98 -14.59 -41.76 70.40
C ILE F 98 -15.97 -41.64 69.77
N LYS F 99 -17.00 -41.79 70.60
CA LYS F 99 -18.39 -41.66 70.19
C LYS F 99 -19.04 -40.55 71.00
N ILE F 100 -19.65 -39.59 70.30
CA ILE F 100 -20.30 -38.45 70.94
C ILE F 100 -21.68 -38.29 70.31
N ASP F 101 -22.72 -38.31 71.14
CA ASP F 101 -24.09 -38.08 70.68
C ASP F 101 -24.46 -39.07 69.56
N GLY F 102 -23.99 -40.30 69.69
CA GLY F 102 -24.28 -41.33 68.72
C GLY F 102 -23.44 -41.26 67.46
N VAL F 103 -22.50 -40.32 67.37
CA VAL F 103 -21.66 -40.14 66.20
C VAL F 103 -20.24 -40.56 66.56
N GLU F 104 -19.64 -41.40 65.73
CA GLU F 104 -18.31 -41.94 65.98
C GLU F 104 -17.29 -41.16 65.16
N ASP F 105 -16.22 -40.72 65.80
CA ASP F 105 -15.16 -39.96 65.17
C ASP F 105 -13.84 -40.69 65.35
N MET F 106 -13.04 -40.74 64.28
CA MET F 106 -11.73 -41.37 64.30
C MET F 106 -10.73 -40.41 63.66
N LEU F 107 -9.56 -40.27 64.28
CA LEU F 107 -8.51 -39.38 63.80
C LEU F 107 -7.26 -40.21 63.51
N LEU F 108 -6.72 -40.08 62.32
CA LEU F 108 -5.51 -40.78 61.91
C LEU F 108 -4.41 -39.78 61.58
N GLU F 109 -3.17 -40.17 61.82
CA GLU F 109 -2.02 -39.30 61.64
C GLU F 109 -0.92 -40.06 60.90
N LEU F 110 -0.14 -39.33 60.10
CA LEU F 110 0.91 -39.96 59.30
C LEU F 110 2.21 -40.02 60.10
N LEU F 111 2.79 -41.22 60.20
CA LEU F 111 4.07 -41.37 60.87
C LEU F 111 5.21 -41.05 59.90
N PRO F 112 6.32 -40.48 60.37
CA PRO F 112 7.44 -40.22 59.47
C PRO F 112 8.08 -41.52 58.99
N ASP F 113 8.62 -41.46 57.78
CA ASP F 113 9.25 -42.64 57.20
C ASP F 113 10.64 -42.85 57.80
N ASP F 114 11.08 -44.10 57.80
CA ASP F 114 12.40 -44.45 58.30
C ASP F 114 12.91 -45.73 57.63
#